data_1B5Q
#
_entry.id   1B5Q
#
_cell.length_a   184.600
_cell.length_b   184.600
_cell.length_c   281.500
_cell.angle_alpha   90.00
_cell.angle_beta   90.00
_cell.angle_gamma   120.00
#
_symmetry.space_group_name_H-M   'P 65 2 2'
#
loop_
_entity.id
_entity.type
_entity.pdbx_description
1 polymer 'PROTEIN (POLYAMINE OXIDASE)'
2 branched 2-acetamido-2-deoxy-beta-D-glucopyranose-(1-4)-2-acetamido-2-deoxy-beta-D-glucopyranose
3 branched alpha-D-mannopyranose-(1-6)-alpha-D-mannopyranose-(1-4)-2-acetamido-2-deoxy-beta-D-glucopyranose-(1-4)-[alpha-D-fucopyranose-(1-3)]2-acetamido-2-deoxy-beta-D-glucopyranose
4 non-polymer 'FLAVIN-ADENINE DINUCLEOTIDE'
5 non-polymer "N,N'-BIS(2,3-BUTADIENYL)-1,4-BUTANE-DIAMINE"
6 water water
#
_entity_poly.entity_id   1
_entity_poly.type   'polypeptide(L)'
_entity_poly.pdbx_seq_one_letter_code
;ATVGPRVIVVGAGMSGISAAKRLSEAGITDLLILEATDHIGGRMHKTNFAGINVELGANWVEGVNGGKMNPIWPIVNSTL
KLRNFRSDFDYLAQNVYKEDGGVYDEDYVQKRIELADSVEEMGEKLSATLHASGRDDMSILAMQRLNEHQPNGPATPVDM
VVDYYKFDYEFAEPPRVTSLQNTVPLATFSDFGDDVYFVADQRGYEAVVYYLAGQYLKTDDKSGKIVDPRLQLNKVVREI
KYSPGGVTVKTEDNSVYSADYVMVSASLGVLQSDLIQFKPKLPTWKVRAIYQFDMAVYTKIFLKFPRKFWPEGKGREFFL
YASSRRGYYGVWQEFEKQYPDANVLLVTVTDEESRRIEQQSDEQTKAEIMQVLRKMFPGKDVPDATDILVPRWWSDRFYK
GTFSNWPVGVNRYEYDQLRAPVGRVYFTGEHTSEHYNGYVHGAYLSGIDSAEILINCAQKKMCKYHVQGKYD
;
_entity_poly.pdbx_strand_id   A,B,C
#
# COMPACT_ATOMS: atom_id res chain seq x y z
N PRO A 5 -7.22 42.24 -42.48
CA PRO A 5 -7.89 41.03 -43.01
C PRO A 5 -9.09 40.57 -42.22
N ARG A 6 -9.97 39.86 -42.91
CA ARG A 6 -11.13 39.36 -42.19
C ARG A 6 -10.77 37.94 -41.74
N VAL A 7 -11.05 37.63 -40.48
CA VAL A 7 -10.72 36.32 -39.94
C VAL A 7 -11.95 35.78 -39.24
N ILE A 8 -12.26 34.51 -39.53
CA ILE A 8 -13.35 33.86 -38.83
C ILE A 8 -12.67 32.93 -37.82
N VAL A 9 -13.19 33.00 -36.60
CA VAL A 9 -12.74 32.15 -35.50
C VAL A 9 -13.85 31.13 -35.18
N VAL A 10 -13.50 29.85 -35.29
CA VAL A 10 -14.52 28.84 -35.01
C VAL A 10 -14.38 28.45 -33.55
N GLY A 11 -15.41 28.79 -32.80
CA GLY A 11 -15.47 28.48 -31.37
C GLY A 11 -15.16 29.67 -30.43
N ALA A 12 -15.97 29.82 -29.38
CA ALA A 12 -15.82 30.86 -28.37
C ALA A 12 -15.50 30.30 -26.98
N GLY A 13 -14.60 29.33 -26.96
CA GLY A 13 -14.09 28.80 -25.70
C GLY A 13 -12.91 29.71 -25.32
N MET A 14 -12.10 29.31 -24.35
CA MET A 14 -10.98 30.14 -23.92
C MET A 14 -10.00 30.46 -25.04
N SER A 15 -9.68 29.49 -25.87
CA SER A 15 -8.68 29.74 -26.90
C SER A 15 -9.20 30.65 -28.00
N GLY A 16 -10.44 30.46 -28.40
CA GLY A 16 -10.98 31.31 -29.47
C GLY A 16 -11.12 32.77 -29.01
N ILE A 17 -11.58 32.96 -27.78
CA ILE A 17 -11.78 34.31 -27.29
C ILE A 17 -10.42 34.92 -27.10
N SER A 18 -9.46 34.10 -26.64
CA SER A 18 -8.11 34.61 -26.42
C SER A 18 -7.42 34.99 -27.75
N ALA A 19 -7.64 34.18 -28.76
CA ALA A 19 -7.02 34.45 -30.05
C ALA A 19 -7.69 35.70 -30.63
N ALA A 20 -9.02 35.78 -30.60
CA ALA A 20 -9.69 36.97 -31.16
C ALA A 20 -9.23 38.23 -30.42
N LYS A 21 -9.01 38.12 -29.12
CA LYS A 21 -8.52 39.32 -28.46
C LYS A 21 -7.15 39.74 -28.98
N ARG A 22 -6.27 38.76 -29.16
CA ARG A 22 -4.91 39.10 -29.55
C ARG A 22 -4.86 39.72 -30.93
N LEU A 23 -5.78 39.23 -31.73
CA LEU A 23 -5.86 39.68 -33.09
C LEU A 23 -6.35 41.11 -33.08
N SER A 24 -7.37 41.32 -32.28
CA SER A 24 -7.93 42.67 -32.19
C SER A 24 -6.79 43.55 -31.71
N GLU A 25 -5.98 43.10 -30.76
CA GLU A 25 -4.88 43.95 -30.31
C GLU A 25 -3.91 44.29 -31.41
N ALA A 26 -3.81 43.44 -32.43
CA ALA A 26 -2.89 43.70 -33.52
C ALA A 26 -3.61 44.60 -34.50
N GLY A 27 -4.84 44.97 -34.20
CA GLY A 27 -5.53 45.82 -35.13
C GLY A 27 -6.37 44.97 -36.07
N ILE A 28 -6.44 43.65 -35.94
CA ILE A 28 -7.30 42.91 -36.87
C ILE A 28 -8.62 42.82 -36.16
N THR A 29 -9.52 43.74 -36.47
CA THR A 29 -10.81 43.81 -35.77
C THR A 29 -11.97 43.33 -36.59
N ASP A 30 -11.69 43.01 -37.84
CA ASP A 30 -12.77 42.50 -38.68
C ASP A 30 -12.83 41.01 -38.44
N LEU A 31 -13.42 40.67 -37.30
CA LEU A 31 -13.48 39.28 -36.88
C LEU A 31 -14.89 38.77 -36.91
N LEU A 32 -15.07 37.46 -37.03
CA LEU A 32 -16.41 36.91 -36.90
C LEU A 32 -16.16 35.61 -36.12
N ILE A 33 -16.69 35.57 -34.92
CA ILE A 33 -16.59 34.42 -34.04
C ILE A 33 -17.89 33.65 -34.14
N LEU A 34 -17.76 32.42 -34.64
CA LEU A 34 -18.93 31.53 -34.77
C LEU A 34 -18.88 30.44 -33.71
N GLU A 35 -19.86 30.42 -32.79
CA GLU A 35 -19.90 29.44 -31.71
C GLU A 35 -21.11 28.56 -31.87
N ALA A 36 -20.88 27.26 -31.73
CA ALA A 36 -21.95 26.26 -31.83
C ALA A 36 -23.07 26.30 -30.79
N THR A 37 -22.72 26.48 -29.52
CA THR A 37 -23.69 26.47 -28.43
C THR A 37 -24.29 27.86 -28.27
N ASP A 38 -25.20 27.96 -27.30
CA ASP A 38 -25.79 29.26 -27.04
C ASP A 38 -24.96 30.06 -26.05
N HIS A 39 -23.69 29.77 -25.80
CA HIS A 39 -23.00 30.59 -24.83
C HIS A 39 -21.52 30.50 -25.13
N ILE A 40 -20.67 31.35 -24.55
CA ILE A 40 -19.23 31.25 -24.75
C ILE A 40 -18.63 30.52 -23.53
N GLY A 41 -17.33 30.20 -23.58
CA GLY A 41 -16.64 29.51 -22.47
C GLY A 41 -16.25 28.03 -22.70
N GLY A 42 -16.98 27.34 -23.58
CA GLY A 42 -16.68 25.96 -23.98
C GLY A 42 -16.51 25.03 -22.79
N ARG A 43 -15.31 24.50 -22.60
CA ARG A 43 -15.07 23.59 -21.49
C ARG A 43 -15.01 24.17 -20.08
N MET A 44 -15.15 25.49 -19.95
CA MET A 44 -15.20 26.13 -18.62
C MET A 44 -16.68 26.39 -18.58
N HIS A 45 -17.39 25.65 -17.75
CA HIS A 45 -18.83 25.84 -17.79
C HIS A 45 -19.54 25.33 -16.57
N LYS A 46 -20.36 26.21 -16.01
CA LYS A 46 -21.03 25.91 -14.75
C LYS A 46 -22.44 25.46 -14.92
N THR A 47 -22.99 24.90 -13.86
CA THR A 47 -24.39 24.49 -13.99
C THR A 47 -25.06 24.43 -12.61
N ASN A 48 -26.37 24.55 -12.62
CA ASN A 48 -27.03 24.52 -11.33
C ASN A 48 -27.25 23.10 -10.85
N PHE A 49 -26.78 22.74 -9.66
CA PHE A 49 -27.07 21.38 -9.19
C PHE A 49 -27.44 21.51 -7.71
N ALA A 50 -28.60 21.00 -7.31
CA ALA A 50 -28.97 21.07 -5.89
C ALA A 50 -28.96 22.52 -5.43
N GLY A 51 -29.55 23.40 -6.23
CA GLY A 51 -29.53 24.81 -5.86
C GLY A 51 -28.15 25.48 -5.72
N ILE A 52 -27.14 24.98 -6.42
CA ILE A 52 -25.85 25.65 -6.36
C ILE A 52 -25.21 25.41 -7.70
N ASN A 53 -24.35 26.34 -8.08
CA ASN A 53 -23.69 26.21 -9.36
C ASN A 53 -22.40 25.42 -9.16
N VAL A 54 -22.27 24.33 -9.91
CA VAL A 54 -21.04 23.55 -9.82
C VAL A 54 -20.43 23.59 -11.23
N GLU A 55 -19.13 23.30 -11.32
CA GLU A 55 -18.44 23.26 -12.61
C GLU A 55 -18.60 21.90 -13.28
N LEU A 56 -19.13 21.87 -14.50
CA LEU A 56 -19.20 20.63 -15.29
C LEU A 56 -17.82 20.30 -15.91
N GLY A 57 -17.03 21.34 -16.19
CA GLY A 57 -15.72 21.26 -16.83
C GLY A 57 -14.59 21.64 -15.88
N ALA A 58 -13.69 22.50 -16.36
CA ALA A 58 -12.55 22.91 -15.55
C ALA A 58 -13.02 23.47 -14.19
N ASN A 59 -12.27 23.20 -13.14
CA ASN A 59 -12.61 23.64 -11.80
C ASN A 59 -11.42 24.21 -11.05
N TRP A 60 -10.19 23.93 -11.48
CA TRP A 60 -9.05 24.43 -10.74
C TRP A 60 -8.13 25.32 -11.58
N VAL A 61 -7.43 26.25 -10.94
CA VAL A 61 -6.38 26.95 -11.62
C VAL A 61 -5.20 26.09 -11.13
N GLU A 62 -4.54 25.43 -12.07
CA GLU A 62 -3.44 24.56 -11.64
C GLU A 62 -2.08 25.13 -11.93
N GLY A 63 -1.19 25.05 -10.95
CA GLY A 63 0.16 25.55 -11.11
C GLY A 63 0.06 26.96 -10.54
N VAL A 64 0.25 27.10 -9.22
CA VAL A 64 0.22 28.40 -8.53
C VAL A 64 1.33 28.42 -7.48
N ASN A 65 1.90 29.60 -7.28
CA ASN A 65 2.93 29.78 -6.25
C ASN A 65 4.35 29.45 -6.64
N GLY A 66 4.62 29.21 -7.94
CA GLY A 66 5.97 28.84 -8.39
C GLY A 66 6.81 30.00 -8.96
N GLY A 67 7.84 29.63 -9.72
CA GLY A 67 8.79 30.54 -10.35
C GLY A 67 8.20 31.51 -11.35
N LYS A 68 7.12 31.11 -12.00
CA LYS A 68 6.51 31.98 -12.98
C LYS A 68 5.07 32.05 -12.62
N MET A 69 4.51 33.17 -13.06
CA MET A 69 3.13 33.44 -12.78
C MET A 69 2.19 32.81 -13.79
N ASN A 70 1.26 31.97 -13.34
CA ASN A 70 0.29 31.41 -14.26
C ASN A 70 -0.59 32.59 -14.60
N PRO A 71 -0.68 32.88 -15.90
CA PRO A 71 -1.45 33.99 -16.39
C PRO A 71 -2.90 33.96 -15.99
N ILE A 72 -3.42 32.79 -15.67
CA ILE A 72 -4.82 32.84 -15.29
C ILE A 72 -5.01 33.26 -13.83
N TRP A 73 -3.98 33.03 -13.03
CA TRP A 73 -4.19 33.23 -11.59
C TRP A 73 -4.59 34.67 -11.17
N PRO A 74 -3.84 35.64 -11.68
CA PRO A 74 -4.10 37.04 -11.33
C PRO A 74 -5.51 37.41 -11.74
N ILE A 75 -5.93 36.87 -12.87
CA ILE A 75 -7.27 37.25 -13.26
C ILE A 75 -8.25 36.65 -12.29
N VAL A 76 -8.01 35.41 -11.89
CA VAL A 76 -9.00 34.79 -11.01
C VAL A 76 -8.88 35.37 -9.60
N ASN A 77 -7.65 35.43 -9.08
CA ASN A 77 -7.48 35.86 -7.69
C ASN A 77 -7.40 37.36 -7.40
N SER A 78 -7.14 38.21 -8.40
CA SER A 78 -6.99 39.66 -8.16
C SER A 78 -7.96 40.47 -9.00
N THR A 79 -8.01 40.23 -10.31
CA THR A 79 -8.93 41.00 -11.12
C THR A 79 -10.38 40.68 -10.82
N LEU A 80 -10.77 39.42 -10.78
CA LEU A 80 -12.17 39.17 -10.54
C LEU A 80 -12.47 38.73 -9.14
N LYS A 81 -11.38 38.35 -8.47
CA LYS A 81 -11.58 37.80 -7.13
C LYS A 81 -12.64 36.69 -7.12
N LEU A 82 -12.47 35.61 -7.87
CA LEU A 82 -13.49 34.58 -7.80
C LEU A 82 -13.13 33.82 -6.51
N ARG A 83 -14.16 33.36 -5.80
CA ARG A 83 -13.98 32.65 -4.54
C ARG A 83 -13.21 31.35 -4.82
N ASN A 84 -12.14 31.06 -4.09
CA ASN A 84 -11.32 29.87 -4.33
C ASN A 84 -10.56 29.36 -3.10
N PHE A 85 -10.14 28.08 -3.12
CA PHE A 85 -9.43 27.47 -1.99
C PHE A 85 -8.30 26.57 -2.49
N ARG A 86 -7.13 26.60 -1.85
CA ARG A 86 -5.99 25.75 -2.25
C ARG A 86 -6.38 24.35 -1.82
N SER A 87 -6.21 23.38 -2.70
CA SER A 87 -6.52 22.01 -2.35
C SER A 87 -5.36 21.38 -1.59
N ASP A 88 -5.63 20.65 -0.51
CA ASP A 88 -4.55 20.01 0.23
C ASP A 88 -4.68 18.49 0.12
N PHE A 89 -3.69 17.84 -0.47
CA PHE A 89 -3.73 16.40 -0.68
C PHE A 89 -2.86 15.67 0.33
N ASP A 90 -2.44 16.41 1.34
CA ASP A 90 -1.52 15.78 2.28
C ASP A 90 -2.10 14.69 3.13
N TYR A 91 -3.41 14.60 3.29
CA TYR A 91 -3.94 13.59 4.20
C TYR A 91 -4.54 12.36 3.54
N LEU A 92 -4.23 12.15 2.26
CA LEU A 92 -4.85 11.01 1.61
C LEU A 92 -4.60 9.68 2.31
N ALA A 93 -3.42 9.50 2.88
CA ALA A 93 -3.14 8.23 3.53
C ALA A 93 -4.15 7.94 4.61
N GLN A 94 -4.87 8.94 5.11
CA GLN A 94 -5.85 8.61 6.17
C GLN A 94 -7.22 8.33 5.59
N ASN A 95 -7.29 8.38 4.26
CA ASN A 95 -8.61 8.31 3.68
C ASN A 95 -8.71 7.37 2.49
N VAL A 96 -8.10 6.19 2.57
CA VAL A 96 -8.25 5.21 1.50
C VAL A 96 -9.17 4.09 2.00
N TYR A 97 -10.34 3.95 1.41
CA TYR A 97 -11.34 3.00 1.83
C TYR A 97 -11.12 1.63 1.22
N LYS A 98 -11.31 0.58 2.01
CA LYS A 98 -11.18 -0.79 1.53
C LYS A 98 -12.42 -1.13 0.70
N GLU A 99 -12.26 -2.08 -0.21
CA GLU A 99 -13.35 -2.42 -1.10
C GLU A 99 -14.54 -2.85 -0.29
N ASP A 100 -14.27 -3.52 0.83
CA ASP A 100 -15.32 -4.04 1.71
C ASP A 100 -15.64 -3.37 3.06
N GLY A 101 -15.02 -2.25 3.37
CA GLY A 101 -15.38 -1.55 4.57
C GLY A 101 -14.30 -0.89 5.42
N GLY A 102 -14.45 0.40 5.64
CA GLY A 102 -13.49 1.07 6.49
C GLY A 102 -12.24 1.43 5.71
N VAL A 103 -11.37 2.17 6.38
CA VAL A 103 -10.15 2.60 5.75
C VAL A 103 -9.00 1.69 6.09
N TYR A 104 -7.99 1.76 5.25
CA TYR A 104 -6.76 1.01 5.49
C TYR A 104 -5.95 1.74 6.54
N ASP A 105 -5.00 1.04 7.16
CA ASP A 105 -4.08 1.57 8.15
C ASP A 105 -3.32 2.72 7.47
N GLU A 106 -3.33 3.87 8.11
CA GLU A 106 -2.67 5.03 7.52
C GLU A 106 -1.19 4.81 7.32
N ASP A 107 -0.48 4.18 8.23
CA ASP A 107 0.95 4.04 7.97
C ASP A 107 1.26 3.15 6.74
N TYR A 108 0.48 2.08 6.57
CA TYR A 108 0.71 1.22 5.44
C TYR A 108 0.48 2.05 4.17
N VAL A 109 -0.62 2.77 4.13
CA VAL A 109 -0.91 3.59 2.95
C VAL A 109 0.10 4.69 2.68
N GLN A 110 0.60 5.32 3.73
CA GLN A 110 1.58 6.37 3.54
C GLN A 110 2.85 5.78 2.94
N LYS A 111 3.20 4.58 3.35
CA LYS A 111 4.40 4.00 2.73
C LYS A 111 4.19 3.62 1.25
N ARG A 112 2.99 3.17 0.87
CA ARG A 112 2.72 2.85 -0.54
C ARG A 112 2.81 4.15 -1.36
N ILE A 113 2.29 5.23 -0.80
CA ILE A 113 2.31 6.53 -1.49
C ILE A 113 3.77 6.95 -1.66
N GLU A 114 4.56 6.75 -0.62
CA GLU A 114 5.97 7.11 -0.72
C GLU A 114 6.68 6.33 -1.80
N LEU A 115 6.37 5.05 -1.89
CA LEU A 115 7.03 4.21 -2.88
C LEU A 115 6.62 4.77 -4.23
N ALA A 116 5.33 5.06 -4.42
CA ALA A 116 4.88 5.57 -5.71
C ALA A 116 5.54 6.89 -6.09
N ASP A 117 5.65 7.77 -5.12
CA ASP A 117 6.27 9.06 -5.35
C ASP A 117 7.73 8.88 -5.69
N SER A 118 8.35 7.98 -4.97
CA SER A 118 9.75 7.80 -5.24
C SER A 118 9.98 7.26 -6.66
N VAL A 119 9.13 6.33 -7.12
CA VAL A 119 9.31 5.79 -8.47
C VAL A 119 9.11 6.89 -9.51
N GLU A 120 8.12 7.73 -9.24
CA GLU A 120 7.88 8.82 -10.18
C GLU A 120 9.09 9.76 -10.24
N GLU A 121 9.73 10.01 -9.10
CA GLU A 121 10.92 10.87 -9.07
C GLU A 121 12.07 10.26 -9.89
N MET A 122 12.22 8.96 -9.75
CA MET A 122 13.24 8.34 -10.59
C MET A 122 12.80 8.48 -12.04
N GLY A 123 11.50 8.47 -12.30
CA GLY A 123 11.12 8.59 -13.70
C GLY A 123 11.48 9.99 -14.20
N GLU A 124 11.36 11.01 -13.35
CA GLU A 124 11.68 12.38 -13.76
C GLU A 124 13.17 12.47 -14.09
N LYS A 125 13.99 11.78 -13.31
CA LYS A 125 15.41 11.80 -13.62
C LYS A 125 15.65 11.14 -14.96
N LEU A 126 14.94 10.06 -15.21
CA LEU A 126 15.18 9.33 -16.46
C LEU A 126 14.75 10.12 -17.67
N SER A 127 13.59 10.73 -17.54
CA SER A 127 13.01 11.50 -18.63
C SER A 127 13.96 12.61 -19.08
N ALA A 128 14.64 13.21 -18.12
CA ALA A 128 15.59 14.28 -18.42
C ALA A 128 16.69 13.81 -19.35
N THR A 129 16.99 12.53 -19.31
CA THR A 129 18.05 12.06 -20.15
C THR A 129 17.63 11.54 -21.51
N LEU A 130 16.34 11.50 -21.80
CA LEU A 130 15.95 10.94 -23.10
C LEU A 130 16.23 11.95 -24.24
N HIS A 131 16.39 11.45 -25.46
CA HIS A 131 16.62 12.33 -26.59
C HIS A 131 15.42 13.11 -27.06
N ALA A 132 15.70 14.34 -27.47
CA ALA A 132 14.64 15.23 -27.96
C ALA A 132 13.82 14.67 -29.09
N SER A 133 14.44 13.82 -29.90
CA SER A 133 13.69 13.23 -30.99
C SER A 133 12.61 12.30 -30.48
N GLY A 134 12.66 11.87 -29.24
CA GLY A 134 11.61 10.95 -28.84
C GLY A 134 12.03 9.52 -29.11
N ARG A 135 13.17 9.27 -29.74
CA ARG A 135 13.45 7.86 -29.96
C ARG A 135 13.58 6.94 -28.72
N ASP A 136 13.84 7.43 -27.51
CA ASP A 136 13.92 6.55 -26.36
C ASP A 136 12.69 6.67 -25.45
N ASP A 137 11.67 7.40 -25.89
CA ASP A 137 10.52 7.59 -24.98
C ASP A 137 9.90 6.24 -24.60
N MET A 138 9.05 6.21 -23.57
CA MET A 138 8.37 4.96 -23.20
C MET A 138 7.14 5.39 -22.40
N SER A 139 6.23 4.47 -22.10
CA SER A 139 5.03 4.81 -21.35
C SER A 139 5.46 4.97 -19.91
N ILE A 140 4.63 5.67 -19.13
CA ILE A 140 4.96 5.83 -17.72
C ILE A 140 5.01 4.41 -17.10
N LEU A 141 4.12 3.49 -17.52
CA LEU A 141 4.13 2.12 -16.96
C LEU A 141 5.46 1.40 -17.19
N ALA A 142 6.01 1.57 -18.40
CA ALA A 142 7.33 0.94 -18.67
C ALA A 142 8.40 1.48 -17.70
N MET A 143 8.36 2.78 -17.41
CA MET A 143 9.29 3.41 -16.45
C MET A 143 9.04 2.82 -15.05
N GLN A 144 7.78 2.57 -14.69
CA GLN A 144 7.47 1.97 -13.38
C GLN A 144 8.04 0.56 -13.33
N ARG A 145 7.87 -0.22 -14.40
CA ARG A 145 8.44 -1.58 -14.37
C ARG A 145 9.94 -1.53 -14.20
N LEU A 146 10.57 -0.63 -14.94
CA LEU A 146 12.04 -0.54 -14.89
C LEU A 146 12.50 -0.10 -13.52
N ASN A 147 11.79 0.88 -12.95
CA ASN A 147 12.27 1.38 -11.66
C ASN A 147 11.98 0.46 -10.50
N GLU A 148 10.94 -0.33 -10.63
CA GLU A 148 10.64 -1.24 -9.54
C GLU A 148 11.20 -2.62 -9.86
N HIS A 149 11.77 -2.83 -11.05
CA HIS A 149 12.19 -4.19 -11.38
C HIS A 149 11.08 -5.26 -11.27
N GLN A 150 9.98 -5.06 -11.98
CA GLN A 150 8.87 -6.03 -11.95
C GLN A 150 8.30 -6.14 -13.34
N PRO A 151 7.52 -7.17 -13.64
CA PRO A 151 6.91 -7.34 -14.94
C PRO A 151 5.56 -6.63 -14.97
N ASN A 152 5.21 -5.89 -13.94
CA ASN A 152 3.94 -5.18 -13.99
C ASN A 152 4.06 -3.90 -13.16
N GLY A 153 3.14 -2.94 -13.29
CA GLY A 153 3.19 -1.72 -12.48
C GLY A 153 2.29 -2.03 -11.29
N PRO A 154 1.80 -1.01 -10.61
CA PRO A 154 0.90 -1.17 -9.45
C PRO A 154 -0.22 -2.16 -9.76
N ALA A 155 -0.47 -3.15 -8.90
CA ALA A 155 -1.46 -4.19 -9.21
C ALA A 155 -2.34 -4.62 -8.04
N THR A 156 -2.04 -4.27 -6.80
CA THR A 156 -3.01 -4.56 -5.75
C THR A 156 -3.99 -3.37 -5.76
N PRO A 157 -5.14 -3.50 -5.14
CA PRO A 157 -6.16 -2.45 -5.13
C PRO A 157 -5.71 -1.12 -4.57
N VAL A 158 -5.00 -1.20 -3.47
CA VAL A 158 -4.51 0.02 -2.86
C VAL A 158 -3.45 0.61 -3.79
N ASP A 159 -2.49 -0.19 -4.27
CA ASP A 159 -1.49 0.43 -5.16
C ASP A 159 -2.06 1.01 -6.45
N MET A 160 -3.08 0.33 -6.94
CA MET A 160 -3.74 0.78 -8.15
C MET A 160 -4.49 2.11 -7.95
N VAL A 161 -5.13 2.28 -6.81
CA VAL A 161 -5.90 3.51 -6.59
C VAL A 161 -4.96 4.68 -6.35
N VAL A 162 -3.83 4.36 -5.76
CA VAL A 162 -2.82 5.39 -5.52
C VAL A 162 -2.33 5.79 -6.90
N ASP A 163 -2.10 4.78 -7.73
CA ASP A 163 -1.58 5.05 -9.08
C ASP A 163 -2.58 5.90 -9.89
N TYR A 164 -3.83 5.52 -9.74
CA TYR A 164 -4.90 6.20 -10.47
C TYR A 164 -5.01 7.68 -9.97
N TYR A 165 -4.92 7.90 -8.67
CA TYR A 165 -4.96 9.28 -8.20
C TYR A 165 -3.75 10.04 -8.71
N LYS A 166 -2.58 9.41 -8.70
CA LYS A 166 -1.44 10.19 -9.16
C LYS A 166 -1.41 10.48 -10.65
N PHE A 167 -1.95 9.60 -11.50
CA PHE A 167 -1.84 9.81 -12.95
C PHE A 167 -3.15 10.04 -13.68
N ASP A 168 -4.02 9.04 -13.64
CA ASP A 168 -5.32 9.11 -14.34
C ASP A 168 -6.16 10.30 -13.86
N TYR A 169 -6.14 10.64 -12.57
CA TYR A 169 -6.93 11.76 -12.05
C TYR A 169 -6.36 13.08 -12.63
N GLU A 170 -5.12 13.11 -13.13
CA GLU A 170 -4.64 14.33 -13.75
C GLU A 170 -4.81 14.19 -15.27
N PHE A 171 -4.31 13.10 -15.84
CA PHE A 171 -4.29 12.91 -17.29
C PHE A 171 -5.49 12.28 -17.95
N ALA A 172 -6.33 11.59 -17.20
CA ALA A 172 -7.54 10.98 -17.69
C ALA A 172 -7.32 9.76 -18.57
N GLU A 173 -6.10 9.25 -18.57
CA GLU A 173 -5.80 8.00 -19.25
C GLU A 173 -4.76 7.29 -18.37
N PRO A 174 -4.64 5.96 -18.46
CA PRO A 174 -3.68 5.25 -17.61
C PRO A 174 -2.21 5.47 -17.96
N PRO A 175 -1.35 5.19 -16.99
CA PRO A 175 0.07 5.37 -17.24
C PRO A 175 0.57 4.57 -18.44
N ARG A 176 0.01 3.39 -18.73
CA ARG A 176 0.55 2.61 -19.83
C ARG A 176 0.34 3.18 -21.20
N VAL A 177 -0.56 4.14 -21.32
CA VAL A 177 -0.82 4.81 -22.59
C VAL A 177 -0.04 6.14 -22.62
N THR A 178 0.33 6.70 -21.48
CA THR A 178 0.94 8.04 -21.46
C THR A 178 2.40 8.18 -21.73
N SER A 179 2.80 9.16 -22.54
CA SER A 179 4.23 9.38 -22.81
C SER A 179 4.98 9.82 -21.55
N LEU A 180 6.04 9.13 -21.19
CA LEU A 180 6.75 9.61 -20.01
C LEU A 180 7.45 10.93 -20.30
N GLN A 181 8.13 10.94 -21.44
CA GLN A 181 8.95 12.10 -21.81
C GLN A 181 8.19 13.39 -21.80
N ASN A 182 6.94 13.29 -22.24
CA ASN A 182 6.13 14.47 -22.33
C ASN A 182 5.14 14.79 -21.24
N THR A 183 5.24 14.08 -20.12
CA THR A 183 4.32 14.35 -19.01
C THR A 183 5.04 14.32 -17.65
N VAL A 184 6.19 13.67 -17.58
CA VAL A 184 6.91 13.58 -16.30
C VAL A 184 8.32 14.13 -16.44
N PRO A 185 8.67 15.24 -15.81
CA PRO A 185 7.78 16.11 -15.03
C PRO A 185 6.91 16.93 -15.97
N LEU A 186 5.87 17.55 -15.43
CA LEU A 186 4.95 18.32 -16.20
C LEU A 186 5.23 19.83 -16.06
N ALA A 187 5.39 20.47 -17.22
CA ALA A 187 5.69 21.93 -17.28
C ALA A 187 4.81 22.86 -16.45
N THR A 188 3.52 22.55 -16.46
CA THR A 188 2.57 23.34 -15.70
C THR A 188 3.04 23.50 -14.26
N PHE A 189 3.43 22.41 -13.63
CA PHE A 189 3.83 22.56 -12.25
C PHE A 189 5.29 22.98 -12.15
N SER A 190 6.11 22.48 -13.06
CA SER A 190 7.50 22.89 -12.99
C SER A 190 7.57 24.39 -13.17
N ASP A 191 6.77 24.95 -14.06
CA ASP A 191 6.92 26.39 -14.25
C ASP A 191 6.17 27.31 -13.30
N PHE A 192 4.90 26.98 -13.11
CA PHE A 192 4.03 27.81 -12.35
C PHE A 192 3.99 27.57 -10.86
N GLY A 193 4.28 26.36 -10.42
CA GLY A 193 4.27 26.02 -9.02
C GLY A 193 3.41 24.75 -8.81
N ASP A 194 3.59 24.14 -7.66
CA ASP A 194 2.88 22.90 -7.32
C ASP A 194 1.45 23.02 -6.80
N ASP A 195 1.01 24.18 -6.33
CA ASP A 195 -0.33 24.24 -5.77
C ASP A 195 -1.40 24.37 -6.82
N VAL A 196 -2.62 24.05 -6.43
CA VAL A 196 -3.77 24.12 -7.30
C VAL A 196 -4.86 24.73 -6.40
N TYR A 197 -5.73 25.52 -7.03
CA TYR A 197 -6.75 26.22 -6.30
C TYR A 197 -8.06 25.94 -6.96
N PHE A 198 -8.98 25.45 -6.13
CA PHE A 198 -10.33 25.09 -6.59
C PHE A 198 -11.23 26.30 -6.62
N VAL A 199 -11.78 26.58 -7.79
CA VAL A 199 -12.67 27.72 -7.95
C VAL A 199 -14.10 27.36 -7.56
N ALA A 200 -14.66 28.08 -6.58
CA ALA A 200 -16.00 27.81 -6.10
C ALA A 200 -16.77 29.12 -5.94
N ASP A 201 -17.13 29.68 -7.08
CA ASP A 201 -17.78 30.99 -7.12
C ASP A 201 -19.01 30.86 -7.98
N GLN A 202 -20.11 31.47 -7.57
CA GLN A 202 -21.31 31.29 -8.36
C GLN A 202 -21.22 31.93 -9.72
N ARG A 203 -20.29 32.85 -9.93
CA ARG A 203 -20.23 33.44 -11.26
C ARG A 203 -19.58 32.39 -12.17
N GLY A 204 -18.91 31.39 -11.60
CA GLY A 204 -18.24 30.37 -12.44
C GLY A 204 -16.81 30.68 -12.90
N TYR A 205 -16.03 29.61 -13.12
CA TYR A 205 -14.64 29.76 -13.55
C TYR A 205 -14.77 30.42 -14.94
N GLU A 206 -15.89 30.18 -15.61
CA GLU A 206 -16.08 30.80 -16.94
C GLU A 206 -16.06 32.33 -17.00
N ALA A 207 -16.22 32.97 -15.86
CA ALA A 207 -16.17 34.42 -15.73
C ALA A 207 -14.87 34.94 -16.34
N VAL A 208 -13.81 34.15 -16.25
CA VAL A 208 -12.54 34.57 -16.78
C VAL A 208 -12.66 34.83 -18.29
N VAL A 209 -13.39 33.95 -18.96
CA VAL A 209 -13.58 34.04 -20.41
C VAL A 209 -14.45 35.25 -20.75
N TYR A 210 -15.53 35.44 -19.99
CA TYR A 210 -16.38 36.61 -20.19
C TYR A 210 -15.53 37.85 -19.90
N TYR A 211 -14.61 37.83 -18.93
CA TYR A 211 -13.87 39.04 -18.70
C TYR A 211 -13.01 39.34 -19.90
N LEU A 212 -12.28 38.35 -20.37
CA LEU A 212 -11.44 38.58 -21.54
C LEU A 212 -12.23 39.04 -22.77
N ALA A 213 -13.36 38.41 -23.02
CA ALA A 213 -14.13 38.79 -24.17
C ALA A 213 -14.62 40.24 -24.07
N GLY A 214 -14.97 40.65 -22.86
CA GLY A 214 -15.49 42.00 -22.74
C GLY A 214 -14.34 43.02 -22.93
N GLN A 215 -13.10 42.60 -23.01
CA GLN A 215 -12.15 43.67 -23.16
C GLN A 215 -12.14 44.11 -24.61
N TYR A 216 -12.86 43.50 -25.53
CA TYR A 216 -12.74 43.93 -26.93
C TYR A 216 -14.04 43.71 -27.64
N LEU A 217 -14.96 43.00 -27.04
CA LEU A 217 -16.23 42.79 -27.75
C LEU A 217 -17.18 43.77 -27.04
N LYS A 218 -18.19 44.24 -27.75
CA LYS A 218 -19.15 45.18 -27.15
C LYS A 218 -20.18 44.53 -26.23
N THR A 219 -20.40 45.17 -25.09
CA THR A 219 -21.40 44.67 -24.15
C THR A 219 -22.41 45.77 -23.77
N ASP A 220 -23.62 45.32 -23.44
CA ASP A 220 -24.70 46.21 -23.03
C ASP A 220 -24.28 46.89 -21.75
N ASP A 221 -24.54 48.19 -21.70
CA ASP A 221 -24.21 49.00 -20.54
C ASP A 221 -25.00 48.76 -19.25
N LYS A 222 -26.17 48.14 -19.37
CA LYS A 222 -27.02 47.75 -18.23
C LYS A 222 -26.75 46.27 -17.89
N SER A 223 -27.13 45.43 -18.86
CA SER A 223 -26.95 43.98 -18.88
C SER A 223 -25.54 43.55 -18.52
N GLY A 224 -24.61 44.07 -19.31
CA GLY A 224 -23.19 43.72 -19.28
C GLY A 224 -23.06 42.58 -20.32
N LYS A 225 -24.19 42.16 -20.90
CA LYS A 225 -24.21 41.11 -21.91
C LYS A 225 -23.46 41.48 -23.19
N ILE A 226 -22.82 40.52 -23.83
CA ILE A 226 -22.09 40.83 -25.05
C ILE A 226 -23.11 41.05 -26.11
N VAL A 227 -23.02 42.16 -26.84
CA VAL A 227 -23.99 42.39 -27.89
C VAL A 227 -23.30 42.64 -29.22
N ASP A 228 -21.98 42.50 -29.24
CA ASP A 228 -21.21 42.70 -30.46
C ASP A 228 -21.59 41.68 -31.50
N PRO A 229 -21.90 42.17 -32.68
CA PRO A 229 -22.32 41.32 -33.80
C PRO A 229 -21.17 40.52 -34.40
N ARG A 230 -19.96 40.75 -33.92
CA ARG A 230 -18.83 39.96 -34.40
C ARG A 230 -18.93 38.58 -33.71
N LEU A 231 -19.77 38.48 -32.68
CA LEU A 231 -19.94 37.19 -32.01
C LEU A 231 -21.26 36.59 -32.38
N GLN A 232 -21.32 35.40 -32.96
CA GLN A 232 -22.61 34.79 -33.28
C GLN A 232 -22.73 33.40 -32.66
N LEU A 233 -23.64 33.28 -31.71
CA LEU A 233 -23.85 32.04 -31.01
C LEU A 233 -24.78 31.18 -31.80
N ASN A 234 -24.85 29.90 -31.45
CA ASN A 234 -25.66 28.96 -32.20
C ASN A 234 -25.28 28.84 -33.66
N LYS A 235 -24.00 28.95 -33.97
CA LYS A 235 -23.54 28.80 -35.35
C LYS A 235 -22.67 27.55 -35.40
N VAL A 236 -23.19 26.43 -35.90
CA VAL A 236 -22.41 25.20 -35.95
C VAL A 236 -21.71 25.09 -37.28
N VAL A 237 -20.40 25.29 -37.29
CA VAL A 237 -19.68 25.17 -38.55
C VAL A 237 -19.64 23.73 -38.99
N ARG A 238 -19.97 23.45 -40.25
CA ARG A 238 -19.99 22.07 -40.75
C ARG A 238 -19.09 21.89 -41.95
N GLU A 239 -18.66 23.01 -42.53
CA GLU A 239 -17.76 22.91 -43.69
C GLU A 239 -16.86 24.13 -43.84
N ILE A 240 -15.58 23.86 -44.12
CA ILE A 240 -14.62 24.92 -44.30
C ILE A 240 -13.95 24.68 -45.64
N LYS A 241 -14.18 25.57 -46.61
CA LYS A 241 -13.54 25.47 -47.95
C LYS A 241 -12.43 26.50 -47.99
N TYR A 242 -11.28 26.11 -48.53
CA TYR A 242 -10.18 27.05 -48.55
C TYR A 242 -9.42 26.96 -49.88
N SER A 243 -8.74 28.04 -50.23
CA SER A 243 -7.97 28.10 -51.47
C SER A 243 -6.84 29.05 -51.09
N PRO A 244 -5.94 29.25 -52.03
CA PRO A 244 -4.76 30.08 -51.78
C PRO A 244 -5.21 31.52 -51.56
N GLY A 245 -6.41 31.84 -52.04
CA GLY A 245 -6.81 33.21 -51.86
C GLY A 245 -7.73 33.51 -50.69
N GLY A 246 -8.43 32.54 -50.11
CA GLY A 246 -9.32 32.91 -48.99
C GLY A 246 -10.07 31.67 -48.51
N VAL A 247 -11.11 31.88 -47.70
CA VAL A 247 -11.88 30.73 -47.20
C VAL A 247 -13.36 31.05 -47.15
N THR A 248 -14.13 29.98 -47.08
CA THR A 248 -15.59 30.05 -46.97
C THR A 248 -15.95 29.05 -45.91
N VAL A 249 -16.89 29.45 -45.06
CA VAL A 249 -17.29 28.64 -43.94
C VAL A 249 -18.80 28.55 -43.98
N LYS A 250 -19.31 27.32 -43.94
CA LYS A 250 -20.75 27.10 -43.92
C LYS A 250 -21.26 26.55 -42.59
N THR A 251 -22.35 27.10 -42.06
CA THR A 251 -22.93 26.61 -40.82
C THR A 251 -24.13 25.70 -41.04
N GLU A 252 -24.47 24.97 -39.98
CA GLU A 252 -25.52 23.99 -40.04
C GLU A 252 -26.83 24.68 -40.36
N ASP A 253 -26.99 25.93 -39.96
CA ASP A 253 -28.26 26.58 -40.28
C ASP A 253 -28.25 27.10 -41.71
N ASN A 254 -27.22 26.80 -42.50
CA ASN A 254 -27.23 27.36 -43.84
C ASN A 254 -26.58 28.68 -44.17
N SER A 255 -26.18 29.42 -43.14
CA SER A 255 -25.45 30.61 -43.43
C SER A 255 -24.11 30.24 -44.14
N VAL A 256 -23.57 31.18 -44.90
CA VAL A 256 -22.27 30.99 -45.52
C VAL A 256 -21.46 32.25 -45.35
N TYR A 257 -20.21 32.15 -44.91
CA TYR A 257 -19.43 33.35 -44.63
C TYR A 257 -18.11 33.22 -45.38
N SER A 258 -17.51 34.38 -45.64
CA SER A 258 -16.23 34.47 -46.35
C SER A 258 -15.22 35.24 -45.55
N ALA A 259 -13.94 34.90 -45.69
CA ALA A 259 -12.91 35.64 -44.95
C ALA A 259 -11.59 35.36 -45.60
N ASP A 260 -10.55 36.01 -45.10
CA ASP A 260 -9.21 35.79 -45.65
C ASP A 260 -8.56 34.58 -44.98
N TYR A 261 -8.94 34.32 -43.72
CA TYR A 261 -8.39 33.25 -42.90
C TYR A 261 -9.45 32.70 -41.98
N VAL A 262 -9.20 31.50 -41.46
CA VAL A 262 -10.09 30.89 -40.45
C VAL A 262 -9.21 30.30 -39.37
N MET A 263 -9.61 30.52 -38.11
CA MET A 263 -8.81 30.04 -37.02
C MET A 263 -9.75 29.05 -36.35
N VAL A 264 -9.36 27.77 -36.39
CA VAL A 264 -10.20 26.72 -35.85
C VAL A 264 -9.87 26.45 -34.37
N SER A 265 -10.80 26.61 -33.43
CA SER A 265 -10.45 26.34 -32.03
C SER A 265 -11.22 25.17 -31.42
N ALA A 266 -11.98 24.41 -32.20
CA ALA A 266 -12.76 23.28 -31.71
C ALA A 266 -11.77 22.23 -31.15
N SER A 267 -12.18 21.44 -30.16
CA SER A 267 -11.31 20.46 -29.51
C SER A 267 -10.71 19.41 -30.46
N LEU A 268 -9.66 18.74 -30.01
CA LEU A 268 -9.07 17.70 -30.82
C LEU A 268 -10.14 16.62 -31.07
N GLY A 269 -10.98 16.32 -30.07
CA GLY A 269 -12.02 15.32 -30.31
C GLY A 269 -12.94 15.71 -31.46
N VAL A 270 -13.30 16.98 -31.53
CA VAL A 270 -14.16 17.44 -32.61
C VAL A 270 -13.42 17.23 -33.95
N LEU A 271 -12.15 17.59 -33.96
CA LEU A 271 -11.42 17.42 -35.19
C LEU A 271 -11.28 15.93 -35.52
N GLN A 272 -11.19 15.03 -34.55
CA GLN A 272 -11.10 13.60 -34.91
C GLN A 272 -12.45 13.07 -35.39
N SER A 273 -13.52 13.78 -35.05
CA SER A 273 -14.84 13.31 -35.43
C SER A 273 -15.38 13.66 -36.79
N ASP A 274 -14.79 14.48 -37.65
CA ASP A 274 -15.67 14.67 -38.82
C ASP A 274 -16.91 15.57 -38.75
N LEU A 275 -17.13 16.29 -37.66
CA LEU A 275 -18.26 17.20 -37.65
C LEU A 275 -17.99 18.30 -38.71
N ILE A 276 -16.73 18.69 -38.84
CA ILE A 276 -16.42 19.73 -39.80
C ILE A 276 -15.75 19.17 -41.03
N GLN A 277 -16.38 19.36 -42.18
CA GLN A 277 -15.71 18.87 -43.37
C GLN A 277 -14.75 19.91 -43.97
N PHE A 278 -13.51 19.52 -44.25
CA PHE A 278 -12.55 20.44 -44.88
C PHE A 278 -12.53 20.14 -46.37
N LYS A 279 -12.53 21.17 -47.20
CA LYS A 279 -12.46 20.96 -48.65
C LYS A 279 -11.51 21.98 -49.29
N PRO A 280 -10.41 21.50 -49.84
CA PRO A 280 -10.15 20.07 -49.92
C PRO A 280 -9.81 19.43 -48.58
N LYS A 281 -9.69 18.11 -48.59
CA LYS A 281 -9.35 17.37 -47.36
C LYS A 281 -8.02 17.82 -46.80
N LEU A 282 -7.84 17.79 -45.49
CA LEU A 282 -6.56 18.20 -44.92
C LEU A 282 -5.53 17.20 -45.42
N PRO A 283 -4.28 17.62 -45.56
CA PRO A 283 -3.23 16.73 -46.05
C PRO A 283 -2.99 15.58 -45.07
N THR A 284 -2.47 14.47 -45.59
CA THR A 284 -2.15 13.30 -44.76
C THR A 284 -1.32 13.56 -43.52
N TRP A 285 -0.28 14.41 -43.62
CA TRP A 285 0.54 14.72 -42.46
C TRP A 285 -0.28 15.32 -41.35
N LYS A 286 -1.26 16.13 -41.75
CA LYS A 286 -2.09 16.78 -40.75
C LYS A 286 -3.05 15.77 -40.12
N VAL A 287 -3.65 15.00 -41.01
CA VAL A 287 -4.60 13.99 -40.58
C VAL A 287 -3.93 12.99 -39.64
N ARG A 288 -2.70 12.62 -39.95
CA ARG A 288 -2.10 11.66 -39.04
C ARG A 288 -1.73 12.18 -37.67
N ALA A 289 -1.28 13.43 -37.67
CA ALA A 289 -0.94 13.99 -36.38
C ALA A 289 -2.27 14.10 -35.64
N ILE A 290 -3.38 14.45 -36.30
CA ILE A 290 -4.61 14.60 -35.54
C ILE A 290 -5.06 13.31 -34.86
N TYR A 291 -5.04 12.22 -35.61
CA TYR A 291 -5.47 10.95 -35.05
C TYR A 291 -4.55 10.24 -34.07
N GLN A 292 -3.26 10.55 -34.14
CA GLN A 292 -2.33 10.00 -33.20
C GLN A 292 -2.39 10.57 -31.78
N PHE A 293 -2.79 11.82 -31.63
CA PHE A 293 -2.88 12.40 -30.27
C PHE A 293 -4.18 11.91 -29.60
N ASP A 294 -4.27 11.91 -28.27
CA ASP A 294 -5.47 11.39 -27.64
C ASP A 294 -6.37 12.49 -27.13
N MET A 295 -7.68 12.31 -27.25
CA MET A 295 -8.62 13.23 -26.61
C MET A 295 -9.18 12.40 -25.44
N ALA A 296 -8.79 12.76 -24.21
CA ALA A 296 -9.27 12.05 -23.01
C ALA A 296 -10.66 12.48 -22.54
N VAL A 297 -11.27 11.73 -21.60
CA VAL A 297 -12.59 12.06 -21.04
C VAL A 297 -12.49 11.91 -19.53
N TYR A 298 -12.94 12.92 -18.78
CA TYR A 298 -12.88 12.99 -17.31
C TYR A 298 -14.28 13.41 -16.90
N THR A 299 -14.96 12.51 -16.19
CA THR A 299 -16.35 12.73 -15.83
C THR A 299 -16.56 13.04 -14.38
N LYS A 300 -17.17 14.20 -14.12
CA LYS A 300 -17.40 14.70 -12.77
C LYS A 300 -18.82 14.34 -12.36
N ILE A 301 -19.01 13.28 -11.58
CA ILE A 301 -20.39 12.91 -11.24
C ILE A 301 -20.75 13.51 -9.89
N PHE A 302 -21.69 14.45 -9.90
CA PHE A 302 -22.11 15.10 -8.64
C PHE A 302 -23.30 14.37 -8.02
N LEU A 303 -23.34 14.32 -6.70
CA LEU A 303 -24.44 13.59 -6.04
C LEU A 303 -24.89 14.46 -4.88
N LYS A 304 -26.20 14.46 -4.66
CA LYS A 304 -26.74 15.22 -3.53
C LYS A 304 -27.56 14.28 -2.64
N PHE A 305 -27.30 14.39 -1.33
CA PHE A 305 -27.96 13.58 -0.32
C PHE A 305 -28.78 14.35 0.70
N PRO A 306 -29.79 13.64 1.22
CA PRO A 306 -30.73 14.12 2.23
C PRO A 306 -29.94 14.37 3.50
N ARG A 307 -28.80 13.71 3.71
CA ARG A 307 -28.02 14.03 4.90
C ARG A 307 -26.61 13.50 4.77
N LYS A 308 -25.68 14.03 5.54
CA LYS A 308 -24.26 13.69 5.45
C LYS A 308 -23.94 12.42 6.21
N PHE A 309 -23.13 11.55 5.63
CA PHE A 309 -22.77 10.31 6.30
C PHE A 309 -21.29 10.05 6.16
N TRP A 310 -20.57 11.01 5.59
CA TRP A 310 -19.16 10.77 5.44
C TRP A 310 -18.46 11.75 6.37
N PRO A 311 -17.19 11.51 6.63
CA PRO A 311 -16.42 12.39 7.50
C PRO A 311 -16.17 13.80 6.98
N GLU A 312 -16.09 14.77 7.91
CA GLU A 312 -15.75 16.14 7.55
C GLU A 312 -14.68 16.56 8.53
N GLY A 313 -13.83 17.51 8.16
CA GLY A 313 -12.77 17.86 9.10
C GLY A 313 -11.44 17.88 8.39
N LYS A 314 -10.40 18.05 9.18
CA LYS A 314 -9.07 18.15 8.60
C LYS A 314 -8.73 16.91 7.80
N GLY A 315 -8.26 17.18 6.59
CA GLY A 315 -7.78 16.17 5.67
C GLY A 315 -8.89 15.34 5.12
N ARG A 316 -10.14 15.70 5.39
CA ARG A 316 -11.23 14.89 4.88
C ARG A 316 -11.73 15.25 3.48
N GLU A 317 -11.22 16.32 2.88
CA GLU A 317 -11.77 16.77 1.58
C GLU A 317 -11.72 15.75 0.43
N PHE A 318 -10.61 15.03 0.31
CA PHE A 318 -10.42 14.02 -0.75
C PHE A 318 -10.32 12.64 -0.16
N PHE A 319 -10.97 11.65 -0.79
CA PHE A 319 -10.85 10.28 -0.27
C PHE A 319 -10.89 9.29 -1.43
N LEU A 320 -10.26 8.13 -1.29
CA LEU A 320 -10.18 7.19 -2.42
C LEU A 320 -10.90 5.90 -2.04
N TYR A 321 -11.42 5.21 -3.05
CA TYR A 321 -12.05 3.90 -2.82
C TYR A 321 -11.16 2.91 -3.59
N ALA A 322 -10.52 1.99 -2.88
CA ALA A 322 -9.65 0.99 -3.50
C ALA A 322 -10.35 -0.26 -4.02
N SER A 323 -11.08 -0.12 -5.12
CA SER A 323 -11.76 -1.28 -5.67
C SER A 323 -10.75 -2.25 -6.28
N SER A 324 -11.12 -3.53 -6.38
CA SER A 324 -10.23 -4.49 -7.06
C SER A 324 -10.38 -4.31 -8.57
N ARG A 325 -11.33 -3.48 -9.01
CA ARG A 325 -11.50 -3.15 -10.43
C ARG A 325 -10.88 -1.77 -10.65
N ARG A 326 -9.72 -1.69 -11.29
CA ARG A 326 -9.03 -0.39 -11.41
C ARG A 326 -9.87 0.76 -11.92
N GLY A 327 -9.83 1.94 -11.32
CA GLY A 327 -10.63 3.07 -11.83
C GLY A 327 -12.12 3.05 -11.57
N TYR A 328 -12.62 2.08 -10.78
CA TYR A 328 -14.07 2.07 -10.55
C TYR A 328 -14.44 3.03 -9.41
N TYR A 329 -15.15 4.11 -9.73
CA TYR A 329 -15.57 5.12 -8.75
C TYR A 329 -14.50 5.34 -7.67
N GLY A 330 -13.26 5.61 -8.08
CA GLY A 330 -12.15 5.64 -7.14
C GLY A 330 -11.76 6.92 -6.39
N VAL A 331 -12.07 8.09 -6.98
CA VAL A 331 -11.64 9.36 -6.40
C VAL A 331 -12.82 10.25 -6.02
N TRP A 332 -12.89 10.56 -4.73
CA TRP A 332 -14.03 11.31 -4.20
C TRP A 332 -13.63 12.65 -3.57
N GLN A 333 -14.57 13.59 -3.55
CA GLN A 333 -14.30 14.89 -2.90
C GLN A 333 -15.61 15.31 -2.23
N GLU A 334 -15.47 15.95 -1.08
CA GLU A 334 -16.59 16.49 -0.28
C GLU A 334 -16.23 18.00 -0.11
N PHE A 335 -17.31 18.76 -0.06
CA PHE A 335 -17.24 20.21 -0.08
C PHE A 335 -17.61 21.01 1.16
N GLU A 336 -17.15 20.55 2.30
CA GLU A 336 -17.45 21.27 3.54
C GLU A 336 -17.02 22.72 3.41
N LYS A 337 -15.92 23.03 2.73
CA LYS A 337 -15.55 24.45 2.61
C LYS A 337 -16.27 25.17 1.47
N GLN A 338 -16.26 24.52 0.32
CA GLN A 338 -16.82 25.16 -0.84
C GLN A 338 -18.30 25.36 -0.82
N TYR A 339 -19.05 24.36 -0.39
CA TYR A 339 -20.50 24.45 -0.46
C TYR A 339 -21.01 23.96 0.90
N PRO A 340 -20.74 24.78 1.90
CA PRO A 340 -21.07 24.47 3.28
C PRO A 340 -22.51 24.02 3.40
N ASP A 341 -22.69 22.93 4.10
CA ASP A 341 -24.06 22.47 4.24
C ASP A 341 -24.91 21.97 3.07
N ALA A 342 -24.36 21.83 1.86
CA ALA A 342 -25.10 21.29 0.71
C ALA A 342 -25.27 19.75 0.58
N ASN A 343 -24.50 18.95 1.31
CA ASN A 343 -24.65 17.50 1.23
C ASN A 343 -24.38 16.96 -0.16
N VAL A 344 -23.33 17.50 -0.77
CA VAL A 344 -22.99 17.05 -2.12
C VAL A 344 -21.68 16.26 -2.12
N LEU A 345 -21.58 15.23 -2.94
CA LEU A 345 -20.30 14.53 -3.01
C LEU A 345 -19.94 14.57 -4.52
N LEU A 346 -18.66 14.50 -4.83
CA LEU A 346 -18.25 14.46 -6.23
C LEU A 346 -17.36 13.21 -6.40
N VAL A 347 -17.73 12.31 -7.31
CA VAL A 347 -16.88 11.13 -7.65
C VAL A 347 -16.45 11.33 -9.12
N THR A 348 -15.16 11.15 -9.39
CA THR A 348 -14.66 11.32 -10.76
C THR A 348 -14.19 10.02 -11.39
N VAL A 349 -14.52 9.84 -12.66
CA VAL A 349 -14.12 8.65 -13.41
C VAL A 349 -13.55 9.13 -14.76
N THR A 350 -12.87 8.26 -15.46
CA THR A 350 -12.30 8.71 -16.74
C THR A 350 -12.26 7.51 -17.68
N ASP A 351 -11.84 7.83 -18.90
CA ASP A 351 -11.52 6.86 -19.94
C ASP A 351 -12.58 5.79 -20.14
N GLU A 352 -12.21 4.52 -19.99
CA GLU A 352 -13.20 3.47 -20.22
C GLU A 352 -14.44 3.56 -19.34
N GLU A 353 -14.26 3.87 -18.05
CA GLU A 353 -15.46 4.00 -17.22
C GLU A 353 -16.29 5.18 -17.70
N SER A 354 -15.62 6.27 -18.11
CA SER A 354 -16.42 7.40 -18.63
C SER A 354 -17.27 7.01 -19.85
N ARG A 355 -16.70 6.31 -20.81
CA ARG A 355 -17.48 5.97 -21.99
C ARG A 355 -18.58 4.96 -21.66
N ARG A 356 -18.36 4.08 -20.69
CA ARG A 356 -19.42 3.12 -20.36
C ARG A 356 -20.57 3.88 -19.70
N ILE A 357 -20.22 4.71 -18.74
CA ILE A 357 -21.21 5.45 -17.99
C ILE A 357 -22.02 6.46 -18.81
N GLU A 358 -21.40 7.12 -19.76
CA GLU A 358 -22.16 8.10 -20.55
C GLU A 358 -23.20 7.32 -21.32
N GLN A 359 -22.94 6.04 -21.51
CA GLN A 359 -23.86 5.21 -22.28
C GLN A 359 -24.95 4.58 -21.46
N GLN A 360 -25.11 4.85 -20.18
CA GLN A 360 -26.18 4.18 -19.46
C GLN A 360 -26.93 5.28 -18.73
N SER A 361 -28.08 4.94 -18.15
CA SER A 361 -28.86 5.97 -17.50
C SER A 361 -28.31 6.51 -16.21
N ASP A 362 -28.78 7.70 -15.84
CA ASP A 362 -28.30 8.26 -14.60
C ASP A 362 -28.75 7.37 -13.43
N GLU A 363 -29.94 6.85 -13.60
CA GLU A 363 -30.45 5.99 -12.54
C GLU A 363 -29.55 4.77 -12.35
N GLN A 364 -29.13 4.16 -13.45
CA GLN A 364 -28.26 3.01 -13.30
C GLN A 364 -26.92 3.43 -12.70
N THR A 365 -26.42 4.59 -13.12
CA THR A 365 -25.16 5.03 -12.52
C THR A 365 -25.38 5.34 -11.03
N LYS A 366 -26.51 5.94 -10.75
CA LYS A 366 -26.75 6.21 -9.35
C LYS A 366 -26.78 4.92 -8.52
N ALA A 367 -27.40 3.91 -9.07
CA ALA A 367 -27.46 2.67 -8.31
C ALA A 367 -26.08 2.06 -8.13
N GLU A 368 -25.25 2.10 -9.16
CA GLU A 368 -23.92 1.54 -8.95
C GLU A 368 -23.16 2.31 -7.85
N ILE A 369 -23.32 3.64 -7.86
CA ILE A 369 -22.61 4.45 -6.88
C ILE A 369 -23.14 4.18 -5.47
N MET A 370 -24.45 4.01 -5.34
CA MET A 370 -24.99 3.73 -3.99
C MET A 370 -24.40 2.43 -3.47
N GLN A 371 -24.18 1.45 -4.34
CA GLN A 371 -23.57 0.21 -3.85
C GLN A 371 -22.17 0.39 -3.35
N VAL A 372 -21.43 1.27 -4.01
CA VAL A 372 -20.06 1.51 -3.54
C VAL A 372 -20.07 2.26 -2.21
N LEU A 373 -20.89 3.30 -2.14
CA LEU A 373 -20.94 4.09 -0.90
C LEU A 373 -21.33 3.24 0.31
N ARG A 374 -22.30 2.35 0.10
CA ARG A 374 -22.73 1.42 1.16
C ARG A 374 -21.61 0.47 1.53
N LYS A 375 -20.74 0.12 0.60
CA LYS A 375 -19.64 -0.73 1.03
C LYS A 375 -18.66 0.10 1.79
N MET A 376 -18.56 1.36 1.42
CA MET A 376 -17.59 2.19 2.10
C MET A 376 -17.99 2.61 3.52
N PHE A 377 -19.28 2.77 3.74
CA PHE A 377 -19.72 3.25 5.04
C PHE A 377 -20.73 2.25 5.59
N PRO A 378 -20.24 1.04 5.86
CA PRO A 378 -21.07 -0.04 6.37
C PRO A 378 -21.70 0.32 7.72
N GLY A 379 -21.03 1.18 8.49
CA GLY A 379 -21.67 1.50 9.76
C GLY A 379 -22.76 2.55 9.65
N LYS A 380 -22.88 3.21 8.50
CA LYS A 380 -23.88 4.28 8.47
C LYS A 380 -25.20 3.90 7.84
N ASP A 381 -26.22 4.73 8.01
CA ASP A 381 -27.43 4.36 7.27
C ASP A 381 -27.24 5.32 6.08
N VAL A 382 -26.91 4.75 4.93
CA VAL A 382 -26.62 5.64 3.84
C VAL A 382 -27.86 5.89 3.05
N PRO A 383 -28.28 7.14 3.03
CA PRO A 383 -29.47 7.40 2.23
C PRO A 383 -29.17 7.37 0.73
N ASP A 384 -30.18 7.02 -0.01
CA ASP A 384 -29.99 7.07 -1.44
C ASP A 384 -29.81 8.53 -1.91
N ALA A 385 -28.99 8.78 -2.92
CA ALA A 385 -28.85 10.16 -3.35
C ALA A 385 -30.17 10.65 -3.93
N THR A 386 -30.43 11.90 -3.63
CA THR A 386 -31.63 12.56 -4.09
C THR A 386 -31.53 13.13 -5.49
N ASP A 387 -30.30 13.46 -5.87
CA ASP A 387 -30.08 13.95 -7.23
C ASP A 387 -28.68 13.56 -7.71
N ILE A 388 -28.49 13.45 -9.03
CA ILE A 388 -27.19 13.07 -9.59
C ILE A 388 -26.93 13.85 -10.86
N LEU A 389 -25.69 14.20 -11.11
CA LEU A 389 -25.47 14.93 -12.34
C LEU A 389 -24.28 14.23 -13.02
N VAL A 390 -24.56 13.68 -14.20
CA VAL A 390 -23.55 12.98 -14.99
C VAL A 390 -23.18 13.79 -16.26
N PRO A 391 -22.11 14.59 -16.31
CA PRO A 391 -21.74 15.35 -17.52
C PRO A 391 -21.36 14.38 -18.65
N ARG A 392 -21.83 14.59 -19.87
CA ARG A 392 -21.58 13.69 -21.00
C ARG A 392 -20.75 14.35 -22.08
N TRP A 393 -19.54 14.75 -21.71
CA TRP A 393 -18.68 15.46 -22.67
C TRP A 393 -18.28 14.61 -23.88
N TRP A 394 -18.07 13.32 -23.69
CA TRP A 394 -17.62 12.52 -24.83
C TRP A 394 -18.77 12.41 -25.82
N SER A 395 -20.00 12.29 -25.32
CA SER A 395 -21.13 12.17 -26.21
C SER A 395 -21.49 13.47 -26.92
N ASP A 396 -21.07 14.61 -26.40
CA ASP A 396 -21.45 15.90 -26.96
C ASP A 396 -20.63 16.21 -28.19
N ARG A 397 -21.36 16.35 -29.29
CA ARG A 397 -20.67 16.53 -30.54
C ARG A 397 -19.81 17.75 -30.64
N PHE A 398 -19.97 18.73 -29.77
CA PHE A 398 -19.12 19.91 -29.84
C PHE A 398 -17.88 19.79 -28.98
N TYR A 399 -17.65 18.65 -28.35
CA TYR A 399 -16.46 18.50 -27.50
C TYR A 399 -15.83 17.13 -27.72
N LYS A 400 -16.65 16.08 -27.69
CA LYS A 400 -16.15 14.71 -27.90
C LYS A 400 -15.02 14.34 -26.93
N GLY A 401 -15.07 14.84 -25.70
CA GLY A 401 -14.03 14.50 -24.73
C GLY A 401 -13.83 15.72 -23.86
N THR A 402 -12.85 15.68 -22.97
CA THR A 402 -12.63 16.78 -22.04
C THR A 402 -11.29 17.47 -22.23
N PHE A 403 -10.23 16.73 -22.57
CA PHE A 403 -8.93 17.38 -22.77
C PHE A 403 -7.94 16.43 -23.40
N SER A 404 -6.95 16.96 -24.13
CA SER A 404 -6.02 16.06 -24.81
C SER A 404 -5.04 15.46 -23.81
N ASN A 405 -4.41 14.35 -24.21
CA ASN A 405 -3.39 13.73 -23.38
C ASN A 405 -2.35 13.18 -24.38
N TRP A 406 -1.07 13.24 -24.00
CA TRP A 406 0.00 12.86 -24.91
C TRP A 406 0.40 11.39 -24.75
N PRO A 407 0.18 10.63 -25.80
CA PRO A 407 0.47 9.21 -25.79
C PRO A 407 1.88 8.84 -26.20
N VAL A 408 2.32 7.70 -25.69
CA VAL A 408 3.64 7.18 -26.02
C VAL A 408 3.55 6.91 -27.51
N GLY A 409 4.62 7.31 -28.18
CA GLY A 409 4.61 7.15 -29.61
C GLY A 409 4.61 8.50 -30.30
N VAL A 410 3.99 9.54 -29.75
CA VAL A 410 4.00 10.82 -30.44
C VAL A 410 5.20 11.64 -29.99
N ASN A 411 6.01 12.14 -30.91
CA ASN A 411 7.12 12.93 -30.41
C ASN A 411 6.76 14.40 -30.55
N ARG A 412 7.71 15.20 -30.12
CA ARG A 412 7.43 16.63 -30.09
C ARG A 412 7.20 17.15 -31.51
N TYR A 413 7.89 16.58 -32.48
CA TYR A 413 7.68 17.03 -33.83
C TYR A 413 6.29 16.69 -34.34
N GLU A 414 5.80 15.51 -34.04
CA GLU A 414 4.45 15.23 -34.54
C GLU A 414 3.44 16.06 -33.74
N TYR A 415 3.69 16.28 -32.44
CA TYR A 415 2.75 17.08 -31.67
C TYR A 415 2.72 18.48 -32.30
N ASP A 416 3.89 19.01 -32.64
CA ASP A 416 3.90 20.33 -33.25
C ASP A 416 3.14 20.40 -34.57
N GLN A 417 3.04 19.30 -35.31
CA GLN A 417 2.24 19.33 -36.53
C GLN A 417 0.76 19.61 -36.28
N LEU A 418 0.34 19.41 -35.03
CA LEU A 418 -1.04 19.68 -34.68
C LEU A 418 -1.28 21.17 -34.73
N ARG A 419 -0.24 21.93 -34.38
CA ARG A 419 -0.39 23.38 -34.34
C ARG A 419 -0.28 23.99 -35.75
N ALA A 420 0.36 23.29 -36.65
CA ALA A 420 0.65 23.84 -37.97
C ALA A 420 -0.53 24.22 -38.87
N PRO A 421 -0.49 25.40 -39.49
CA PRO A 421 -1.61 25.78 -40.36
C PRO A 421 -1.57 24.94 -41.63
N VAL A 422 -2.69 24.96 -42.36
CA VAL A 422 -2.79 24.29 -43.66
C VAL A 422 -3.23 25.43 -44.58
N GLY A 423 -2.32 26.00 -45.37
CA GLY A 423 -2.70 27.13 -46.22
C GLY A 423 -3.17 28.27 -45.30
N ARG A 424 -4.42 28.66 -45.52
CA ARG A 424 -5.01 29.76 -44.76
C ARG A 424 -5.81 29.26 -43.55
N VAL A 425 -5.74 27.96 -43.24
CA VAL A 425 -6.52 27.42 -42.11
C VAL A 425 -5.57 27.29 -40.93
N TYR A 426 -5.87 28.06 -39.88
CA TYR A 426 -5.03 28.04 -38.69
C TYR A 426 -5.75 27.24 -37.59
N PHE A 427 -4.99 26.77 -36.61
CA PHE A 427 -5.60 25.99 -35.51
C PHE A 427 -5.18 26.54 -34.17
N THR A 428 -6.04 26.44 -33.16
CA THR A 428 -5.64 26.89 -31.81
C THR A 428 -6.40 25.99 -30.84
N GLY A 429 -6.20 26.17 -29.52
CA GLY A 429 -6.89 25.30 -28.56
C GLY A 429 -5.83 24.62 -27.69
N GLU A 430 -6.32 24.06 -26.57
CA GLU A 430 -5.42 23.45 -25.61
C GLU A 430 -4.51 22.41 -26.24
N HIS A 431 -4.97 21.65 -27.24
CA HIS A 431 -4.11 20.62 -27.85
C HIS A 431 -3.05 21.21 -28.76
N THR A 432 -3.01 22.54 -28.89
CA THR A 432 -1.92 23.16 -29.68
C THR A 432 -1.00 23.91 -28.74
N SER A 433 -1.27 23.87 -27.42
CA SER A 433 -0.38 24.56 -26.47
C SER A 433 1.00 23.91 -26.45
N GLU A 434 2.01 24.71 -26.67
CA GLU A 434 3.33 24.12 -26.69
C GLU A 434 3.74 23.33 -25.45
N HIS A 435 3.44 23.79 -24.25
CA HIS A 435 3.86 23.02 -23.10
C HIS A 435 2.79 22.84 -22.09
N TYR A 436 1.60 23.33 -22.40
CA TYR A 436 0.54 23.23 -21.41
C TYR A 436 -0.72 22.56 -21.96
N ASN A 437 -0.56 21.52 -22.81
CA ASN A 437 -1.80 20.87 -23.29
C ASN A 437 -2.60 20.33 -22.09
N GLY A 438 -3.93 20.35 -22.24
CA GLY A 438 -4.80 19.85 -21.19
C GLY A 438 -5.30 20.85 -20.17
N TYR A 439 -4.91 22.13 -20.23
CA TYR A 439 -5.26 23.10 -19.16
C TYR A 439 -5.88 24.39 -19.64
N VAL A 440 -6.51 25.09 -18.72
CA VAL A 440 -7.15 26.35 -19.07
C VAL A 440 -6.07 27.37 -19.48
N HIS A 441 -4.95 27.42 -18.76
CA HIS A 441 -3.90 28.37 -19.11
C HIS A 441 -3.32 27.97 -20.45
N GLY A 442 -3.34 26.67 -20.73
CA GLY A 442 -2.84 26.21 -22.05
C GLY A 442 -3.79 26.67 -23.16
N ALA A 443 -5.10 26.59 -22.96
CA ALA A 443 -6.00 27.11 -23.98
C ALA A 443 -5.73 28.61 -24.14
N TYR A 444 -5.58 29.32 -23.04
CA TYR A 444 -5.33 30.76 -23.11
C TYR A 444 -4.07 31.14 -23.89
N LEU A 445 -2.94 30.59 -23.49
CA LEU A 445 -1.71 30.92 -24.18
C LEU A 445 -1.72 30.45 -25.63
N SER A 446 -2.45 29.38 -25.89
CA SER A 446 -2.51 28.84 -27.25
C SER A 446 -3.23 29.83 -28.17
N GLY A 447 -4.23 30.51 -27.65
CA GLY A 447 -4.95 31.45 -28.50
C GLY A 447 -3.95 32.55 -28.88
N ILE A 448 -3.16 33.02 -27.93
CA ILE A 448 -2.21 34.09 -28.19
C ILE A 448 -1.15 33.66 -29.17
N ASP A 449 -0.60 32.48 -28.94
CA ASP A 449 0.43 32.02 -29.85
C ASP A 449 -0.10 31.80 -31.25
N SER A 450 -1.28 31.19 -31.37
CA SER A 450 -1.81 30.92 -32.71
C SER A 450 -2.08 32.24 -33.39
N ALA A 451 -2.65 33.20 -32.67
CA ALA A 451 -2.93 34.51 -33.29
C ALA A 451 -1.62 35.16 -33.76
N GLU A 452 -0.58 35.04 -32.96
CA GLU A 452 0.66 35.66 -33.40
C GLU A 452 1.20 35.06 -34.69
N ILE A 453 1.00 33.76 -34.81
CA ILE A 453 1.49 33.10 -36.02
C ILE A 453 0.70 33.65 -37.19
N LEU A 454 -0.60 33.79 -37.03
CA LEU A 454 -1.36 34.28 -38.19
C LEU A 454 -1.00 35.75 -38.50
N ILE A 455 -0.84 36.58 -37.46
CA ILE A 455 -0.51 37.99 -37.66
C ILE A 455 0.82 38.13 -38.42
N ASN A 456 1.81 37.34 -38.01
CA ASN A 456 3.06 37.51 -38.73
C ASN A 456 2.95 37.09 -40.18
N CYS A 457 2.09 36.11 -40.42
CA CYS A 457 2.02 35.65 -41.79
C CYS A 457 1.19 36.67 -42.54
N ALA A 458 0.04 36.99 -41.97
CA ALA A 458 -0.84 37.91 -42.66
C ALA A 458 -0.29 39.32 -42.69
N GLN A 459 0.24 39.83 -41.60
CA GLN A 459 0.62 41.23 -41.76
C GLN A 459 2.06 41.45 -42.22
N LYS A 460 3.00 40.60 -41.83
CA LYS A 460 4.38 40.85 -42.26
C LYS A 460 4.86 39.93 -43.36
N LYS A 461 3.97 39.04 -43.81
CA LYS A 461 4.33 38.03 -44.79
C LYS A 461 5.51 37.20 -44.32
N MET A 462 5.59 36.96 -43.02
CA MET A 462 6.66 36.07 -42.58
C MET A 462 5.91 34.88 -42.01
N CYS A 463 5.75 33.84 -42.82
CA CYS A 463 5.06 32.61 -42.48
C CYS A 463 6.10 31.50 -42.22
N PRO B 5 33.43 -27.34 -26.15
CA PRO B 5 32.97 -26.25 -25.26
C PRO B 5 31.79 -26.80 -24.49
N ARG B 6 31.71 -26.40 -23.24
CA ARG B 6 30.61 -26.85 -22.42
C ARG B 6 29.70 -25.62 -22.47
N VAL B 7 28.43 -25.95 -22.60
CA VAL B 7 27.36 -24.96 -22.62
C VAL B 7 26.27 -25.35 -21.64
N ILE B 8 25.87 -24.36 -20.85
CA ILE B 8 24.78 -24.56 -19.89
C ILE B 8 23.59 -23.83 -20.50
N VAL B 9 22.46 -24.53 -20.54
CA VAL B 9 21.20 -23.98 -21.02
C VAL B 9 20.30 -23.93 -19.80
N VAL B 10 19.84 -22.72 -19.53
CA VAL B 10 18.95 -22.51 -18.41
C VAL B 10 17.54 -22.61 -18.96
N GLY B 11 16.79 -23.60 -18.49
CA GLY B 11 15.39 -23.78 -18.88
C GLY B 11 15.19 -24.86 -19.92
N ALA B 12 14.20 -25.73 -19.71
CA ALA B 12 13.88 -26.79 -20.67
C ALA B 12 12.48 -26.70 -21.28
N GLY B 13 12.13 -25.49 -21.69
CA GLY B 13 10.88 -25.27 -22.37
C GLY B 13 11.29 -25.52 -23.83
N MET B 14 10.42 -25.14 -24.74
CA MET B 14 10.69 -25.38 -26.15
C MET B 14 11.98 -24.73 -26.65
N SER B 15 12.27 -23.50 -26.27
CA SER B 15 13.45 -22.84 -26.85
C SER B 15 14.70 -23.45 -26.26
N GLY B 16 14.69 -23.79 -24.98
CA GLY B 16 15.93 -24.37 -24.49
C GLY B 16 16.20 -25.78 -25.05
N ILE B 17 15.14 -26.55 -25.17
CA ILE B 17 15.32 -27.91 -25.66
C ILE B 17 15.71 -27.79 -27.13
N SER B 18 15.07 -26.85 -27.79
CA SER B 18 15.42 -26.67 -29.19
C SER B 18 16.85 -26.11 -29.36
N ALA B 19 17.31 -25.22 -28.49
CA ALA B 19 18.68 -24.70 -28.63
C ALA B 19 19.69 -25.81 -28.36
N ALA B 20 19.45 -26.60 -27.31
CA ALA B 20 20.37 -27.68 -26.95
C ALA B 20 20.42 -28.69 -28.11
N LYS B 21 19.29 -28.91 -28.76
CA LYS B 21 19.26 -29.85 -29.87
C LYS B 21 20.17 -29.39 -31.05
N ARG B 22 20.09 -28.10 -31.35
CA ARG B 22 20.91 -27.53 -32.42
C ARG B 22 22.39 -27.55 -32.07
N LEU B 23 22.74 -27.31 -30.80
CA LEU B 23 24.15 -27.32 -30.41
C LEU B 23 24.63 -28.76 -30.58
N SER B 24 23.83 -29.68 -30.07
CA SER B 24 24.23 -31.08 -30.17
C SER B 24 24.43 -31.42 -31.64
N GLU B 25 23.55 -30.94 -32.48
CA GLU B 25 23.75 -31.21 -33.90
C GLU B 25 25.04 -30.61 -34.42
N ALA B 26 25.51 -29.49 -33.89
CA ALA B 26 26.76 -28.91 -34.40
C ALA B 26 27.91 -29.64 -33.75
N GLY B 27 27.55 -30.69 -33.00
CA GLY B 27 28.55 -31.44 -32.27
C GLY B 27 28.94 -30.91 -30.89
N ILE B 28 28.20 -29.95 -30.32
CA ILE B 28 28.53 -29.42 -29.00
C ILE B 28 27.63 -30.28 -28.13
N THR B 29 28.22 -31.34 -27.60
CA THR B 29 27.45 -32.26 -26.80
C THR B 29 27.77 -32.20 -25.32
N ASP B 30 28.75 -31.37 -24.95
CA ASP B 30 29.09 -31.20 -23.53
C ASP B 30 28.12 -30.14 -23.03
N LEU B 31 26.90 -30.58 -22.80
CA LEU B 31 25.79 -29.73 -22.40
C LEU B 31 25.24 -30.02 -21.02
N LEU B 32 24.66 -29.00 -20.40
CA LEU B 32 24.01 -29.20 -19.11
C LEU B 32 22.76 -28.33 -19.16
N ILE B 33 21.60 -28.97 -19.17
CA ILE B 33 20.31 -28.27 -19.17
C ILE B 33 19.75 -28.28 -17.77
N LEU B 34 19.60 -27.07 -17.23
CA LEU B 34 19.11 -26.86 -15.87
C LEU B 34 17.66 -26.36 -15.95
N GLU B 35 16.71 -27.17 -15.47
CA GLU B 35 15.31 -26.81 -15.48
C GLU B 35 14.81 -26.64 -14.07
N ALA B 36 14.11 -25.52 -13.87
CA ALA B 36 13.62 -25.15 -12.54
C ALA B 36 12.58 -26.13 -11.99
N THR B 37 11.63 -26.55 -12.82
CA THR B 37 10.56 -27.42 -12.35
C THR B 37 10.96 -28.89 -12.40
N ASP B 38 9.99 -29.72 -12.04
CA ASP B 38 10.15 -31.14 -12.05
C ASP B 38 9.83 -31.72 -13.42
N HIS B 39 9.63 -30.90 -14.45
CA HIS B 39 9.36 -31.46 -15.79
C HIS B 39 9.88 -30.54 -16.91
N ILE B 40 9.87 -31.03 -18.15
CA ILE B 40 10.26 -30.14 -19.25
C ILE B 40 9.02 -29.65 -19.99
N GLY B 41 9.16 -28.72 -20.93
CA GLY B 41 8.00 -28.23 -21.68
C GLY B 41 7.55 -26.78 -21.38
N GLY B 42 7.82 -26.29 -20.16
CA GLY B 42 7.52 -24.89 -19.76
C GLY B 42 6.09 -24.47 -19.98
N ARG B 43 5.95 -23.47 -20.84
CA ARG B 43 4.64 -22.94 -21.16
C ARG B 43 3.74 -23.88 -21.98
N MET B 44 4.22 -25.06 -22.37
CA MET B 44 3.37 -26.05 -23.06
C MET B 44 3.18 -27.03 -21.90
N HIS B 45 2.03 -27.01 -21.25
CA HIS B 45 1.90 -27.90 -20.08
C HIS B 45 0.44 -28.20 -19.80
N LYS B 46 0.13 -29.50 -19.67
CA LYS B 46 -1.25 -29.93 -19.45
C LYS B 46 -1.50 -30.21 -18.00
N THR B 47 -2.78 -30.36 -17.70
CA THR B 47 -3.10 -30.67 -16.32
C THR B 47 -4.45 -31.41 -16.26
N ASN B 48 -4.65 -32.15 -15.18
CA ASN B 48 -5.91 -32.87 -15.09
C ASN B 48 -6.98 -31.92 -14.64
N PHE B 49 -8.08 -31.86 -15.38
CA PHE B 49 -9.19 -31.03 -14.94
C PHE B 49 -10.42 -31.93 -14.98
N ALA B 50 -10.97 -32.20 -13.81
CA ALA B 50 -12.21 -32.97 -13.75
C ALA B 50 -12.10 -34.25 -14.53
N GLY B 51 -10.95 -34.91 -14.43
CA GLY B 51 -10.95 -36.11 -15.24
C GLY B 51 -10.49 -36.04 -16.69
N ILE B 52 -10.11 -34.88 -17.19
CA ILE B 52 -9.52 -34.88 -18.53
C ILE B 52 -8.29 -34.00 -18.49
N ASN B 53 -7.28 -34.28 -19.32
CA ASN B 53 -6.12 -33.40 -19.32
C ASN B 53 -6.50 -32.24 -20.25
N VAL B 54 -6.27 -31.02 -19.82
CA VAL B 54 -6.54 -29.84 -20.65
C VAL B 54 -5.20 -29.09 -20.61
N GLU B 55 -5.00 -28.16 -21.53
CA GLU B 55 -3.75 -27.40 -21.59
C GLU B 55 -3.84 -26.12 -20.73
N LEU B 56 -2.94 -25.93 -19.78
CA LEU B 56 -2.93 -24.71 -18.95
C LEU B 56 -2.32 -23.59 -19.77
N GLY B 57 -1.44 -23.94 -20.70
CA GLY B 57 -0.72 -22.99 -21.54
C GLY B 57 -1.05 -23.06 -23.01
N ALA B 58 -0.04 -23.15 -23.86
CA ALA B 58 -0.32 -23.17 -25.30
C ALA B 58 -1.31 -24.27 -25.67
N ASN B 59 -2.15 -23.96 -26.65
CA ASN B 59 -3.16 -24.95 -27.00
C ASN B 59 -3.31 -25.08 -28.50
N TRP B 60 -2.88 -24.08 -29.27
CA TRP B 60 -3.03 -24.18 -30.72
C TRP B 60 -1.72 -24.22 -31.47
N VAL B 61 -1.75 -24.86 -32.64
CA VAL B 61 -0.64 -24.74 -33.57
C VAL B 61 -1.23 -23.63 -34.45
N GLU B 62 -0.60 -22.46 -34.41
CA GLU B 62 -1.12 -21.31 -35.16
C GLU B 62 -0.33 -21.02 -36.42
N GLY B 63 -1.05 -20.87 -37.52
CA GLY B 63 -0.31 -20.54 -38.75
C GLY B 63 -0.17 -21.87 -39.49
N VAL B 64 -1.23 -22.30 -40.16
CA VAL B 64 -1.13 -23.57 -40.87
C VAL B 64 -1.83 -23.40 -42.23
N ASN B 65 -1.32 -24.21 -43.15
CA ASN B 65 -1.83 -24.24 -44.51
C ASN B 65 -1.40 -23.05 -45.35
N GLY B 66 -0.34 -22.34 -45.01
CA GLY B 66 -0.02 -21.22 -45.92
C GLY B 66 1.16 -21.53 -46.84
N GLY B 67 1.82 -20.47 -47.30
CA GLY B 67 2.95 -20.62 -48.19
C GLY B 67 4.17 -21.33 -47.61
N LYS B 68 4.38 -21.26 -46.31
CA LYS B 68 5.57 -21.94 -45.78
C LYS B 68 5.04 -22.89 -44.74
N MET B 69 5.77 -23.97 -44.43
CA MET B 69 5.30 -24.90 -43.41
C MET B 69 5.77 -24.46 -42.00
N ASN B 70 4.83 -24.26 -41.08
CA ASN B 70 5.18 -23.98 -39.70
C ASN B 70 5.95 -25.23 -39.25
N PRO B 71 7.16 -25.05 -38.76
CA PRO B 71 7.91 -26.24 -38.37
C PRO B 71 7.26 -27.05 -37.29
N ILE B 72 6.32 -26.49 -36.54
CA ILE B 72 5.75 -27.29 -35.47
C ILE B 72 4.69 -28.24 -36.04
N TRP B 73 4.08 -27.81 -37.13
CA TRP B 73 2.99 -28.62 -37.66
C TRP B 73 3.18 -30.11 -38.01
N PRO B 74 4.26 -30.43 -38.71
CA PRO B 74 4.54 -31.83 -39.06
C PRO B 74 4.75 -32.69 -37.83
N ILE B 75 5.39 -32.14 -36.80
CA ILE B 75 5.62 -32.99 -35.63
C ILE B 75 4.31 -33.33 -34.94
N VAL B 76 3.42 -32.35 -34.87
CA VAL B 76 2.15 -32.51 -34.19
C VAL B 76 1.27 -33.37 -35.03
N ASN B 77 1.13 -32.95 -36.27
CA ASN B 77 0.18 -33.63 -37.09
C ASN B 77 0.67 -34.89 -37.77
N SER B 78 1.96 -35.13 -37.85
CA SER B 78 2.38 -36.33 -38.55
C SER B 78 3.32 -37.15 -37.71
N THR B 79 4.36 -36.56 -37.16
CA THR B 79 5.22 -37.44 -36.42
C THR B 79 4.56 -38.02 -35.20
N LEU B 80 3.87 -37.20 -34.43
CA LEU B 80 3.30 -37.75 -33.20
C LEU B 80 1.82 -38.08 -33.35
N LYS B 81 1.17 -37.57 -34.39
CA LYS B 81 -0.28 -37.78 -34.47
C LYS B 81 -1.02 -37.32 -33.21
N LEU B 82 -0.78 -36.10 -32.75
CA LEU B 82 -1.53 -35.55 -31.62
C LEU B 82 -2.92 -35.20 -32.19
N ARG B 83 -3.96 -35.60 -31.46
CA ARG B 83 -5.35 -35.37 -31.87
C ARG B 83 -5.57 -33.85 -31.93
N ASN B 84 -6.18 -33.34 -32.99
CA ASN B 84 -6.31 -31.89 -33.10
C ASN B 84 -7.46 -31.56 -34.05
N PHE B 85 -7.97 -30.33 -34.01
CA PHE B 85 -9.08 -29.89 -34.85
C PHE B 85 -8.88 -28.46 -35.30
N ARG B 86 -9.20 -28.18 -36.57
CA ARG B 86 -9.08 -26.83 -37.11
C ARG B 86 -10.13 -25.95 -36.44
N SER B 87 -9.77 -24.77 -35.95
CA SER B 87 -10.77 -23.92 -35.34
C SER B 87 -11.51 -23.18 -36.44
N ASP B 88 -12.83 -23.13 -36.38
CA ASP B 88 -13.53 -22.38 -37.42
C ASP B 88 -14.16 -21.11 -36.85
N PHE B 89 -13.73 -19.92 -37.23
CA PHE B 89 -14.38 -18.79 -36.57
C PHE B 89 -15.39 -18.11 -37.46
N ASP B 90 -15.76 -18.76 -38.55
CA ASP B 90 -16.70 -18.12 -39.45
C ASP B 90 -18.12 -17.86 -38.94
N TYR B 91 -18.52 -18.46 -37.84
CA TYR B 91 -19.91 -18.23 -37.41
C TYR B 91 -20.08 -17.36 -36.19
N LEU B 92 -19.08 -16.56 -35.87
CA LEU B 92 -19.19 -15.71 -34.69
C LEU B 92 -20.42 -14.79 -34.69
N ALA B 93 -20.75 -14.25 -35.85
CA ALA B 93 -21.88 -13.34 -35.92
C ALA B 93 -23.21 -13.92 -35.44
N GLN B 94 -23.32 -15.25 -35.41
CA GLN B 94 -24.55 -15.85 -34.91
C GLN B 94 -24.41 -16.17 -33.44
N ASN B 95 -23.26 -15.81 -32.86
CA ASN B 95 -23.05 -16.22 -31.48
C ASN B 95 -22.59 -15.10 -30.55
N VAL B 96 -23.14 -13.91 -30.71
CA VAL B 96 -22.76 -12.83 -29.81
C VAL B 96 -23.90 -12.58 -28.84
N TYR B 97 -23.65 -12.81 -27.56
CA TYR B 97 -24.72 -12.65 -26.57
C TYR B 97 -24.85 -11.24 -26.02
N LYS B 98 -26.09 -10.81 -25.80
CA LYS B 98 -26.36 -9.50 -25.21
C LYS B 98 -26.06 -9.52 -23.72
N GLU B 99 -25.64 -8.40 -23.16
CA GLU B 99 -25.31 -8.33 -21.73
C GLU B 99 -26.40 -8.96 -20.88
N ASP B 100 -27.62 -8.63 -21.31
CA ASP B 100 -28.82 -9.08 -20.65
C ASP B 100 -29.70 -10.10 -21.35
N GLY B 101 -29.07 -11.14 -21.90
CA GLY B 101 -29.80 -12.22 -22.52
C GLY B 101 -30.15 -12.30 -24.00
N GLY B 102 -29.82 -13.46 -24.55
CA GLY B 102 -30.08 -13.76 -25.95
C GLY B 102 -29.00 -13.21 -26.86
N VAL B 103 -28.98 -13.74 -28.07
CA VAL B 103 -27.99 -13.28 -29.02
C VAL B 103 -28.45 -12.14 -29.86
N TYR B 104 -27.50 -11.35 -30.38
CA TYR B 104 -27.83 -10.26 -31.25
C TYR B 104 -28.19 -10.83 -32.64
N ASP B 105 -28.85 -10.00 -33.44
CA ASP B 105 -29.13 -10.39 -34.81
C ASP B 105 -27.81 -10.52 -35.59
N GLU B 106 -27.77 -11.65 -36.32
CA GLU B 106 -26.60 -12.02 -37.10
C GLU B 106 -26.15 -11.01 -38.11
N ASP B 107 -27.12 -10.46 -38.82
CA ASP B 107 -26.75 -9.48 -39.83
C ASP B 107 -26.25 -8.19 -39.23
N TYR B 108 -26.79 -7.84 -38.07
CA TYR B 108 -26.31 -6.66 -37.40
C TYR B 108 -24.84 -6.95 -37.05
N VAL B 109 -24.61 -8.10 -36.39
CA VAL B 109 -23.23 -8.39 -35.96
C VAL B 109 -22.29 -8.52 -37.15
N GLN B 110 -22.70 -9.25 -38.17
CA GLN B 110 -21.79 -9.40 -39.29
C GLN B 110 -21.29 -8.07 -39.88
N LYS B 111 -22.17 -7.08 -39.90
CA LYS B 111 -21.72 -5.79 -40.40
C LYS B 111 -20.66 -5.14 -39.51
N ARG B 112 -20.82 -5.27 -38.20
CA ARG B 112 -19.82 -4.67 -37.33
C ARG B 112 -18.50 -5.44 -37.57
N ILE B 113 -18.58 -6.74 -37.84
CA ILE B 113 -17.37 -7.52 -38.02
C ILE B 113 -16.72 -7.11 -39.30
N GLU B 114 -17.57 -6.85 -40.27
CA GLU B 114 -16.95 -6.46 -41.54
C GLU B 114 -16.33 -5.08 -41.42
N LEU B 115 -16.93 -4.15 -40.68
CA LEU B 115 -16.26 -2.85 -40.56
C LEU B 115 -14.94 -3.03 -39.80
N ALA B 116 -14.92 -3.88 -38.76
CA ALA B 116 -13.67 -4.04 -38.00
C ALA B 116 -12.57 -4.60 -38.88
N ASP B 117 -12.96 -5.55 -39.73
CA ASP B 117 -11.95 -6.17 -40.57
C ASP B 117 -11.40 -5.17 -41.60
N SER B 118 -12.32 -4.39 -42.15
CA SER B 118 -11.87 -3.41 -43.12
C SER B 118 -10.88 -2.36 -42.54
N VAL B 119 -11.06 -1.97 -41.29
CA VAL B 119 -10.15 -1.02 -40.68
C VAL B 119 -8.80 -1.70 -40.56
N GLU B 120 -8.84 -2.96 -40.14
CA GLU B 120 -7.57 -3.64 -39.95
C GLU B 120 -6.85 -3.76 -41.28
N GLU B 121 -7.58 -4.07 -42.34
CA GLU B 121 -6.87 -4.19 -43.60
C GLU B 121 -6.26 -2.85 -43.99
N MET B 122 -6.99 -1.78 -43.72
CA MET B 122 -6.43 -0.49 -44.03
C MET B 122 -5.22 -0.34 -43.12
N GLY B 123 -5.25 -0.88 -41.90
CA GLY B 123 -4.02 -0.70 -41.15
C GLY B 123 -2.83 -1.48 -41.71
N GLU B 124 -3.08 -2.59 -42.37
CA GLU B 124 -1.94 -3.35 -42.88
C GLU B 124 -1.21 -2.55 -43.95
N LYS B 125 -1.99 -1.81 -44.73
CA LYS B 125 -1.33 -1.02 -45.79
C LYS B 125 -0.49 0.09 -45.19
N LEU B 126 -0.96 0.68 -44.10
CA LEU B 126 -0.20 1.77 -43.50
C LEU B 126 1.08 1.20 -42.95
N SER B 127 0.91 0.11 -42.25
CA SER B 127 2.04 -0.57 -41.61
C SER B 127 3.22 -0.83 -42.56
N ALA B 128 2.90 -1.33 -43.75
CA ALA B 128 3.96 -1.67 -44.71
C ALA B 128 4.82 -0.47 -45.08
N THR B 129 4.22 0.72 -45.03
CA THR B 129 4.97 1.93 -45.41
C THR B 129 5.76 2.57 -44.27
N LEU B 130 5.57 2.18 -43.01
CA LEU B 130 6.28 2.84 -41.90
C LEU B 130 7.79 2.60 -41.92
N HIS B 131 8.54 3.57 -41.43
CA HIS B 131 9.98 3.43 -41.46
C HIS B 131 10.37 2.20 -40.64
N ALA B 132 11.31 1.46 -41.23
CA ALA B 132 11.80 0.21 -40.62
C ALA B 132 12.40 0.42 -39.25
N SER B 133 12.84 1.62 -38.93
CA SER B 133 13.39 1.79 -37.57
C SER B 133 12.30 1.66 -36.48
N GLY B 134 11.03 1.78 -36.82
CA GLY B 134 9.97 1.73 -35.79
C GLY B 134 9.72 3.12 -35.27
N ARG B 135 10.50 4.09 -35.72
CA ARG B 135 10.28 5.46 -35.24
C ARG B 135 8.94 6.12 -35.56
N ASP B 136 8.26 5.65 -36.58
CA ASP B 136 6.96 6.24 -36.87
C ASP B 136 5.85 5.25 -36.42
N ASP B 137 6.14 4.26 -35.59
CA ASP B 137 5.07 3.35 -35.20
C ASP B 137 3.96 4.05 -34.42
N MET B 138 2.80 3.42 -34.26
CA MET B 138 1.70 4.01 -33.50
C MET B 138 0.91 2.81 -32.94
N SER B 139 -0.02 3.00 -32.01
CA SER B 139 -0.75 1.85 -31.48
C SER B 139 -1.79 1.40 -32.51
N ILE B 140 -2.33 0.20 -32.27
CA ILE B 140 -3.37 -0.29 -33.16
C ILE B 140 -4.52 0.66 -32.93
N LEU B 141 -4.71 1.12 -31.70
CA LEU B 141 -5.85 2.03 -31.52
C LEU B 141 -5.78 3.32 -32.37
N ALA B 142 -4.59 3.91 -32.44
CA ALA B 142 -4.43 5.15 -33.20
C ALA B 142 -4.82 4.90 -34.67
N MET B 143 -4.41 3.76 -35.20
CA MET B 143 -4.78 3.41 -36.57
C MET B 143 -6.31 3.23 -36.66
N GLN B 144 -6.95 2.65 -35.64
CA GLN B 144 -8.39 2.52 -35.72
C GLN B 144 -9.08 3.88 -35.77
N ARG B 145 -8.61 4.78 -34.90
CA ARG B 145 -9.19 6.15 -34.88
C ARG B 145 -9.08 6.79 -36.28
N LEU B 146 -7.89 6.68 -36.84
CA LEU B 146 -7.59 7.28 -38.15
C LEU B 146 -8.54 6.73 -39.19
N ASN B 147 -8.72 5.42 -39.17
CA ASN B 147 -9.57 4.82 -40.18
C ASN B 147 -11.03 4.93 -39.88
N GLU B 148 -11.43 5.05 -38.64
CA GLU B 148 -12.86 5.17 -38.50
C GLU B 148 -13.21 6.64 -38.43
N HIS B 149 -12.23 7.53 -38.23
CA HIS B 149 -12.54 8.93 -37.98
C HIS B 149 -13.42 9.14 -36.80
N GLN B 150 -12.94 8.72 -35.64
CA GLN B 150 -13.67 8.88 -34.38
C GLN B 150 -12.58 9.19 -33.36
N PRO B 151 -12.94 9.77 -32.23
CA PRO B 151 -11.95 10.08 -31.20
C PRO B 151 -11.82 8.90 -30.26
N ASN B 152 -12.24 7.72 -30.71
CA ASN B 152 -12.10 6.55 -29.84
C ASN B 152 -12.14 5.34 -30.76
N GLY B 153 -11.71 4.17 -30.31
CA GLY B 153 -11.83 2.98 -31.15
C GLY B 153 -13.20 2.36 -30.78
N PRO B 154 -13.42 1.05 -31.04
CA PRO B 154 -14.73 0.43 -30.72
C PRO B 154 -15.21 0.80 -29.31
N ALA B 155 -16.46 1.24 -29.14
CA ALA B 155 -16.88 1.62 -27.80
C ALA B 155 -18.26 1.17 -27.33
N THR B 156 -19.04 0.54 -28.22
CA THR B 156 -20.32 0.00 -27.76
C THR B 156 -20.01 -1.49 -27.42
N PRO B 157 -20.85 -2.15 -26.64
CA PRO B 157 -20.69 -3.54 -26.22
C PRO B 157 -20.37 -4.50 -27.36
N VAL B 158 -21.12 -4.45 -28.44
CA VAL B 158 -20.83 -5.40 -29.50
C VAL B 158 -19.51 -5.07 -30.20
N ASP B 159 -19.27 -3.81 -30.51
CA ASP B 159 -18.00 -3.52 -31.20
C ASP B 159 -16.82 -3.77 -30.28
N MET B 160 -16.99 -3.56 -28.99
CA MET B 160 -15.86 -3.83 -28.09
C MET B 160 -15.57 -5.34 -28.02
N VAL B 161 -16.57 -6.22 -27.96
CA VAL B 161 -16.20 -7.63 -27.82
C VAL B 161 -15.65 -8.13 -29.14
N VAL B 162 -16.11 -7.55 -30.24
CA VAL B 162 -15.52 -7.94 -31.52
C VAL B 162 -14.05 -7.50 -31.58
N ASP B 163 -13.77 -6.32 -31.01
CA ASP B 163 -12.39 -5.82 -30.99
C ASP B 163 -11.57 -6.72 -30.06
N TYR B 164 -12.15 -7.07 -28.93
CA TYR B 164 -11.39 -7.88 -27.98
C TYR B 164 -11.07 -9.21 -28.65
N TYR B 165 -12.06 -9.74 -29.35
CA TYR B 165 -11.84 -11.01 -30.02
C TYR B 165 -10.76 -10.90 -31.08
N LYS B 166 -10.80 -9.81 -31.81
CA LYS B 166 -9.79 -9.64 -32.85
C LYS B 166 -8.40 -9.38 -32.36
N PHE B 167 -8.24 -8.67 -31.26
CA PHE B 167 -6.89 -8.33 -30.84
C PHE B 167 -6.46 -8.88 -29.49
N ASP B 168 -7.16 -8.52 -28.41
CA ASP B 168 -6.77 -9.01 -27.06
C ASP B 168 -6.73 -10.53 -26.98
N TYR B 169 -7.66 -11.20 -27.65
CA TYR B 169 -7.71 -12.67 -27.62
C TYR B 169 -6.48 -13.30 -28.28
N GLU B 170 -5.74 -12.53 -29.08
CA GLU B 170 -4.51 -13.03 -29.69
C GLU B 170 -3.28 -12.53 -28.94
N PHE B 171 -3.26 -11.23 -28.68
CA PHE B 171 -2.10 -10.55 -28.04
C PHE B 171 -2.10 -10.40 -26.53
N ALA B 172 -3.27 -10.57 -25.94
CA ALA B 172 -3.42 -10.48 -24.50
C ALA B 172 -3.22 -9.10 -23.90
N GLU B 173 -3.24 -8.05 -24.72
CA GLU B 173 -3.18 -6.68 -24.21
C GLU B 173 -4.04 -5.91 -25.22
N PRO B 174 -4.54 -4.75 -24.82
CA PRO B 174 -5.43 -3.99 -25.74
C PRO B 174 -4.72 -3.35 -26.93
N PRO B 175 -5.55 -3.06 -27.93
CA PRO B 175 -4.96 -2.43 -29.11
C PRO B 175 -4.22 -1.16 -28.75
N ARG B 176 -4.70 -0.43 -27.76
CA ARG B 176 -4.03 0.84 -27.53
C ARG B 176 -2.63 0.75 -27.01
N VAL B 177 -2.24 -0.43 -26.55
CA VAL B 177 -0.89 -0.50 -26.03
C VAL B 177 -0.02 -1.24 -27.05
N THR B 178 -0.66 -1.91 -27.99
CA THR B 178 0.07 -2.77 -28.93
C THR B 178 0.63 -2.10 -30.18
N SER B 179 1.84 -2.48 -30.57
CA SER B 179 2.46 -1.90 -31.77
C SER B 179 1.77 -2.29 -33.08
N LEU B 180 1.34 -1.32 -33.87
CA LEU B 180 0.75 -1.62 -35.16
C LEU B 180 1.76 -2.28 -36.12
N GLN B 181 2.94 -1.68 -36.21
CA GLN B 181 3.91 -2.13 -37.18
C GLN B 181 4.30 -3.57 -36.92
N ASN B 182 4.40 -3.94 -35.66
CA ASN B 182 4.82 -5.30 -35.39
C ASN B 182 3.70 -6.32 -35.25
N THR B 183 2.46 -5.91 -35.42
CA THR B 183 1.49 -6.99 -35.29
C THR B 183 0.45 -6.95 -36.37
N VAL B 184 0.40 -5.89 -37.15
CA VAL B 184 -0.65 -5.87 -38.16
C VAL B 184 0.03 -5.58 -39.48
N PRO B 185 0.13 -6.54 -40.39
CA PRO B 185 -0.32 -7.92 -40.26
C PRO B 185 0.69 -8.72 -39.46
N LEU B 186 0.32 -9.93 -39.08
CA LEU B 186 1.23 -10.74 -38.26
C LEU B 186 1.97 -11.79 -39.11
N ALA B 187 3.30 -11.85 -39.00
CA ALA B 187 4.05 -12.78 -39.82
C ALA B 187 3.65 -14.24 -39.67
N THR B 188 3.26 -14.59 -38.44
CA THR B 188 2.92 -15.99 -38.20
C THR B 188 1.86 -16.35 -39.22
N PHE B 189 0.85 -15.51 -39.40
CA PHE B 189 -0.22 -15.81 -40.36
C PHE B 189 0.13 -15.56 -41.80
N SER B 190 0.86 -14.48 -42.05
CA SER B 190 1.32 -14.15 -43.40
C SER B 190 2.24 -15.26 -43.87
N ASP B 191 3.16 -15.72 -43.04
CA ASP B 191 4.04 -16.76 -43.55
C ASP B 191 3.52 -18.20 -43.60
N PHE B 192 2.89 -18.60 -42.48
CA PHE B 192 2.50 -19.98 -42.32
C PHE B 192 1.07 -20.37 -42.67
N GLY B 193 0.26 -19.33 -42.87
CA GLY B 193 -1.14 -19.56 -43.13
C GLY B 193 -2.08 -19.04 -42.05
N ASP B 194 -3.31 -18.82 -42.48
CA ASP B 194 -4.37 -18.29 -41.64
C ASP B 194 -5.00 -19.34 -40.74
N ASP B 195 -4.80 -20.62 -40.96
CA ASP B 195 -5.53 -21.49 -40.05
C ASP B 195 -4.78 -21.74 -38.75
N VAL B 196 -5.56 -22.20 -37.77
CA VAL B 196 -5.04 -22.61 -36.46
C VAL B 196 -5.73 -23.94 -36.10
N TYR B 197 -4.97 -24.83 -35.47
CA TYR B 197 -5.48 -26.13 -35.04
C TYR B 197 -5.28 -26.30 -33.53
N PHE B 198 -6.38 -26.61 -32.86
CA PHE B 198 -6.41 -26.81 -31.40
C PHE B 198 -5.99 -28.25 -31.07
N VAL B 199 -4.91 -28.41 -30.30
CA VAL B 199 -4.44 -29.71 -29.89
C VAL B 199 -5.24 -30.24 -28.70
N ALA B 200 -5.85 -31.43 -28.81
CA ALA B 200 -6.65 -31.91 -27.70
C ALA B 200 -6.31 -33.38 -27.58
N ASP B 201 -5.14 -33.65 -27.04
CA ASP B 201 -4.65 -35.01 -26.91
C ASP B 201 -4.22 -35.28 -25.49
N GLN B 202 -4.50 -36.47 -24.98
CA GLN B 202 -4.12 -36.74 -23.59
C GLN B 202 -2.66 -36.64 -23.28
N ARG B 203 -1.85 -36.77 -24.31
CA ARG B 203 -0.41 -36.70 -24.11
C ARG B 203 0.08 -35.25 -23.98
N GLY B 204 -0.77 -34.30 -24.36
CA GLY B 204 -0.43 -32.89 -24.27
C GLY B 204 0.39 -32.40 -25.45
N TYR B 205 0.21 -31.11 -25.70
CA TYR B 205 0.97 -30.43 -26.76
C TYR B 205 2.48 -30.53 -26.40
N GLU B 206 2.80 -30.62 -25.11
CA GLU B 206 4.18 -30.72 -24.62
C GLU B 206 4.83 -31.97 -25.19
N ALA B 207 4.04 -32.92 -25.70
CA ALA B 207 4.65 -34.11 -26.33
C ALA B 207 5.63 -33.66 -27.41
N VAL B 208 5.40 -32.52 -28.05
CA VAL B 208 6.34 -32.05 -29.07
C VAL B 208 7.71 -31.79 -28.44
N VAL B 209 7.71 -31.19 -27.26
CA VAL B 209 9.02 -30.92 -26.65
C VAL B 209 9.67 -32.27 -26.25
N TYR B 210 8.93 -33.22 -25.68
CA TYR B 210 9.50 -34.50 -25.24
C TYR B 210 10.06 -35.17 -26.46
N TYR B 211 9.35 -35.01 -27.58
CA TYR B 211 9.89 -35.59 -28.79
C TYR B 211 11.24 -35.00 -29.21
N LEU B 212 11.35 -33.70 -29.27
CA LEU B 212 12.64 -33.12 -29.65
C LEU B 212 13.77 -33.47 -28.67
N ALA B 213 13.46 -33.44 -27.38
CA ALA B 213 14.47 -33.72 -26.37
C ALA B 213 14.97 -35.15 -26.65
N GLY B 214 14.04 -36.04 -26.95
CA GLY B 214 14.40 -37.44 -27.15
C GLY B 214 15.30 -37.69 -28.37
N GLN B 215 15.39 -36.71 -29.26
CA GLN B 215 16.21 -36.93 -30.44
C GLN B 215 17.64 -36.80 -30.03
N TYR B 216 17.92 -36.29 -28.84
CA TYR B 216 19.32 -36.16 -28.50
C TYR B 216 19.68 -36.52 -27.07
N LEU B 217 18.67 -36.69 -26.22
CA LEU B 217 18.97 -37.06 -24.84
C LEU B 217 18.61 -38.52 -24.68
N LYS B 218 19.39 -39.22 -23.86
CA LYS B 218 19.10 -40.62 -23.60
C LYS B 218 17.80 -40.83 -22.84
N THR B 219 17.08 -41.83 -23.31
CA THR B 219 15.82 -42.20 -22.66
C THR B 219 15.76 -43.68 -22.23
N ASP B 220 14.97 -43.91 -21.19
CA ASP B 220 14.79 -45.23 -20.65
C ASP B 220 14.09 -46.08 -21.69
N ASP B 221 14.66 -47.27 -21.88
CA ASP B 221 14.12 -48.23 -22.83
C ASP B 221 12.65 -48.66 -22.61
N LYS B 222 12.24 -48.91 -21.36
CA LYS B 222 10.84 -49.27 -21.17
C LYS B 222 9.85 -48.15 -20.93
N SER B 223 10.25 -47.15 -20.15
CA SER B 223 9.36 -46.04 -19.82
C SER B 223 9.47 -44.93 -20.84
N GLY B 224 10.60 -44.87 -21.55
CA GLY B 224 10.82 -43.79 -22.53
C GLY B 224 11.17 -42.46 -21.82
N LYS B 225 11.36 -42.53 -20.51
CA LYS B 225 11.65 -41.35 -19.70
C LYS B 225 13.05 -40.92 -20.04
N ILE B 226 13.28 -39.61 -20.07
CA ILE B 226 14.65 -39.17 -20.34
C ILE B 226 15.49 -39.50 -19.12
N VAL B 227 16.67 -40.10 -19.33
CA VAL B 227 17.52 -40.42 -18.20
C VAL B 227 18.90 -39.82 -18.34
N ASP B 228 19.10 -39.07 -19.39
CA ASP B 228 20.37 -38.44 -19.60
C ASP B 228 20.73 -37.50 -18.45
N PRO B 229 21.94 -37.67 -17.95
CA PRO B 229 22.43 -36.84 -16.87
C PRO B 229 22.69 -35.42 -17.32
N ARG B 230 22.65 -35.18 -18.61
CA ARG B 230 22.83 -33.81 -19.10
C ARG B 230 21.57 -32.95 -18.85
N LEU B 231 20.48 -33.63 -18.50
CA LEU B 231 19.26 -32.88 -18.20
C LEU B 231 19.13 -32.97 -16.70
N GLN B 232 19.00 -31.85 -16.01
CA GLN B 232 18.83 -31.85 -14.56
C GLN B 232 17.61 -31.04 -14.19
N LEU B 233 16.58 -31.73 -13.73
CA LEU B 233 15.34 -31.08 -13.30
C LEU B 233 15.44 -30.58 -11.86
N ASN B 234 14.47 -29.79 -11.42
CA ASN B 234 14.51 -29.24 -10.07
C ASN B 234 15.79 -28.49 -9.80
N LYS B 235 16.30 -27.78 -10.81
CA LYS B 235 17.52 -27.02 -10.55
C LYS B 235 17.16 -25.57 -10.92
N VAL B 236 16.93 -24.68 -9.96
CA VAL B 236 16.57 -23.31 -10.28
C VAL B 236 17.83 -22.46 -10.27
N VAL B 237 18.25 -21.92 -11.41
CA VAL B 237 19.43 -21.04 -11.49
C VAL B 237 19.12 -19.70 -10.80
N ARG B 238 19.99 -19.34 -9.86
CA ARG B 238 19.72 -18.13 -9.10
C ARG B 238 20.82 -17.14 -9.44
N GLU B 239 21.93 -17.58 -10.01
CA GLU B 239 22.97 -16.60 -10.29
C GLU B 239 23.83 -17.04 -11.46
N ILE B 240 24.19 -16.09 -12.34
CA ILE B 240 25.06 -16.35 -13.47
C ILE B 240 26.24 -15.34 -13.42
N LYS B 241 27.47 -15.83 -13.21
CA LYS B 241 28.65 -14.96 -13.11
C LYS B 241 29.36 -15.18 -14.43
N TYR B 242 29.78 -14.12 -15.11
CA TYR B 242 30.39 -14.37 -16.42
C TYR B 242 31.60 -13.47 -16.52
N SER B 243 32.57 -13.97 -17.26
CA SER B 243 33.83 -13.25 -17.51
C SER B 243 34.39 -13.57 -18.89
N PRO B 244 35.52 -12.94 -19.22
CA PRO B 244 36.17 -13.10 -20.52
C PRO B 244 36.53 -14.55 -20.68
N GLY B 245 36.88 -15.20 -19.58
CA GLY B 245 37.25 -16.59 -19.70
C GLY B 245 36.16 -17.64 -19.63
N GLY B 246 35.00 -17.32 -19.06
CA GLY B 246 33.99 -18.35 -18.95
C GLY B 246 32.81 -17.90 -18.11
N VAL B 247 32.01 -18.87 -17.66
CA VAL B 247 30.83 -18.59 -16.83
C VAL B 247 30.67 -19.64 -15.70
N THR B 248 30.03 -19.22 -14.62
CA THR B 248 29.70 -20.06 -13.49
C THR B 248 28.22 -19.82 -13.21
N VAL B 249 27.52 -20.91 -12.88
CA VAL B 249 26.10 -20.83 -12.67
C VAL B 249 25.78 -21.51 -11.35
N LYS B 250 25.03 -20.84 -10.49
CA LYS B 250 24.63 -21.36 -9.19
C LYS B 250 23.12 -21.60 -9.14
N THR B 251 22.75 -22.71 -8.51
CA THR B 251 21.34 -23.02 -8.36
C THR B 251 20.93 -22.79 -6.92
N GLU B 252 19.64 -22.82 -6.67
CA GLU B 252 19.10 -22.62 -5.32
C GLU B 252 19.56 -23.67 -4.32
N ASP B 253 19.76 -24.90 -4.80
CA ASP B 253 20.16 -25.92 -3.84
C ASP B 253 21.68 -25.86 -3.73
N ASN B 254 22.21 -24.71 -4.10
CA ASN B 254 23.64 -24.52 -3.98
C ASN B 254 24.55 -25.26 -4.93
N SER B 255 24.03 -25.89 -5.97
CA SER B 255 24.98 -26.53 -6.86
C SER B 255 25.69 -25.40 -7.63
N VAL B 256 26.89 -25.71 -8.11
CA VAL B 256 27.67 -24.74 -8.86
C VAL B 256 28.25 -25.46 -10.05
N TYR B 257 28.11 -24.88 -11.23
CA TYR B 257 28.55 -25.51 -12.46
C TYR B 257 29.34 -24.49 -13.24
N SER B 258 30.24 -24.95 -14.10
CA SER B 258 31.06 -24.05 -14.90
C SER B 258 30.93 -24.44 -16.36
N ALA B 259 31.12 -23.46 -17.24
CA ALA B 259 30.98 -23.72 -18.67
C ALA B 259 31.67 -22.62 -19.45
N ASP B 260 31.74 -22.87 -20.74
CA ASP B 260 32.33 -21.84 -21.61
C ASP B 260 31.32 -20.76 -21.94
N TYR B 261 30.06 -21.19 -22.03
CA TYR B 261 28.97 -20.26 -22.32
C TYR B 261 27.67 -20.70 -21.64
N VAL B 262 26.70 -19.80 -21.57
CA VAL B 262 25.41 -20.09 -20.96
C VAL B 262 24.39 -19.49 -21.91
N MET B 263 23.26 -20.18 -22.02
CA MET B 263 22.16 -19.78 -22.91
C MET B 263 20.97 -19.72 -21.96
N VAL B 264 20.43 -18.52 -21.85
CA VAL B 264 19.30 -18.28 -20.96
C VAL B 264 17.97 -18.30 -21.74
N SER B 265 17.04 -19.17 -21.35
CA SER B 265 15.78 -19.23 -22.06
C SER B 265 14.55 -18.96 -21.20
N ALA B 266 14.77 -18.46 -19.98
CA ALA B 266 13.69 -18.14 -19.06
C ALA B 266 12.85 -17.04 -19.71
N SER B 267 11.56 -16.93 -19.38
CA SER B 267 10.76 -15.91 -20.05
C SER B 267 11.15 -14.45 -19.78
N LEU B 268 10.55 -13.59 -20.60
CA LEU B 268 10.82 -12.16 -20.39
C LEU B 268 10.35 -11.75 -19.00
N GLY B 269 9.23 -12.33 -18.57
CA GLY B 269 8.72 -12.00 -17.22
C GLY B 269 9.73 -12.42 -16.16
N VAL B 270 10.38 -13.56 -16.34
CA VAL B 270 11.39 -13.95 -15.34
C VAL B 270 12.54 -12.94 -15.35
N LEU B 271 12.96 -12.57 -16.56
CA LEU B 271 14.07 -11.61 -16.61
C LEU B 271 13.60 -10.31 -15.98
N GLN B 272 12.34 -9.93 -16.17
CA GLN B 272 11.93 -8.67 -15.58
C GLN B 272 11.78 -8.78 -14.05
N SER B 273 11.78 -9.98 -13.50
CA SER B 273 11.57 -10.11 -12.06
C SER B 273 12.87 -10.24 -11.29
N ASP B 274 14.02 -10.26 -11.94
CA ASP B 274 15.20 -10.45 -11.11
C ASP B 274 15.39 -11.76 -10.38
N LEU B 275 14.79 -12.87 -10.81
CA LEU B 275 14.97 -14.16 -10.16
C LEU B 275 16.45 -14.53 -10.39
N ILE B 276 16.99 -14.26 -11.57
CA ILE B 276 18.37 -14.61 -11.78
C ILE B 276 19.28 -13.41 -11.56
N GLN B 277 20.25 -13.49 -10.68
CA GLN B 277 21.17 -12.38 -10.51
C GLN B 277 22.37 -12.54 -11.44
N PHE B 278 22.66 -11.50 -12.21
CA PHE B 278 23.78 -11.55 -13.12
C PHE B 278 24.95 -10.84 -12.47
N LYS B 279 26.15 -11.39 -12.65
CA LYS B 279 27.32 -10.78 -12.01
C LYS B 279 28.47 -10.86 -12.99
N PRO B 280 28.92 -9.73 -13.51
CA PRO B 280 28.37 -8.40 -13.23
C PRO B 280 26.94 -8.12 -13.75
N LYS B 281 26.35 -7.09 -13.16
CA LYS B 281 24.99 -6.67 -13.51
C LYS B 281 24.92 -6.47 -15.00
N LEU B 282 23.80 -6.78 -15.61
CA LEU B 282 23.69 -6.58 -17.05
C LEU B 282 23.81 -5.08 -17.36
N PRO B 283 24.30 -4.74 -18.54
CA PRO B 283 24.46 -3.35 -18.94
C PRO B 283 23.14 -2.64 -18.97
N THR B 284 23.19 -1.33 -18.70
CA THR B 284 21.97 -0.53 -18.69
C THR B 284 21.17 -0.63 -19.97
N TRP B 285 21.88 -0.67 -21.11
CA TRP B 285 21.13 -0.73 -22.36
C TRP B 285 20.31 -2.03 -22.42
N LYS B 286 20.86 -3.09 -21.84
CA LYS B 286 20.17 -4.39 -21.86
C LYS B 286 18.98 -4.34 -20.89
N VAL B 287 19.26 -3.77 -19.72
CA VAL B 287 18.21 -3.66 -18.72
C VAL B 287 17.05 -2.85 -19.26
N ARG B 288 17.35 -1.75 -19.93
CA ARG B 288 16.19 -1.01 -20.40
C ARG B 288 15.42 -1.78 -21.46
N ALA B 289 16.17 -2.50 -22.30
CA ALA B 289 15.44 -3.23 -23.33
C ALA B 289 14.53 -4.29 -22.67
N ILE B 290 15.02 -4.92 -21.61
CA ILE B 290 14.18 -5.90 -20.97
C ILE B 290 12.89 -5.27 -20.42
N TYR B 291 13.02 -4.12 -19.75
CA TYR B 291 11.80 -3.55 -19.10
C TYR B 291 10.80 -2.90 -20.04
N GLN B 292 11.31 -2.48 -21.17
CA GLN B 292 10.36 -1.81 -22.05
C GLN B 292 9.47 -2.79 -22.82
N PHE B 293 9.87 -4.03 -23.07
CA PHE B 293 8.98 -4.94 -23.79
C PHE B 293 7.91 -5.46 -22.79
N ASP B 294 6.73 -5.90 -23.25
CA ASP B 294 5.67 -6.33 -22.35
C ASP B 294 5.55 -7.84 -22.18
N MET B 295 5.37 -8.32 -20.95
CA MET B 295 5.08 -9.74 -20.71
C MET B 295 3.57 -9.79 -20.46
N ALA B 296 2.77 -10.30 -21.41
CA ALA B 296 1.32 -10.35 -21.23
C ALA B 296 0.84 -11.53 -20.39
N VAL B 297 -0.43 -11.53 -20.01
CA VAL B 297 -1.02 -12.64 -19.21
C VAL B 297 -2.37 -12.98 -19.86
N TYR B 298 -2.55 -14.25 -20.18
CA TYR B 298 -3.75 -14.84 -20.84
C TYR B 298 -4.20 -16.04 -19.97
N THR B 299 -5.36 -15.86 -19.34
CA THR B 299 -5.86 -16.85 -18.40
C THR B 299 -7.01 -17.68 -18.95
N LYS B 300 -6.78 -18.98 -19.04
CA LYS B 300 -7.80 -19.89 -19.58
C LYS B 300 -8.59 -20.44 -18.41
N ILE B 301 -9.77 -19.91 -18.17
CA ILE B 301 -10.51 -20.44 -17.01
C ILE B 301 -11.42 -21.60 -17.44
N PHE B 302 -11.14 -22.80 -16.97
CA PHE B 302 -11.99 -23.93 -17.29
C PHE B 302 -13.09 -24.15 -16.25
N LEU B 303 -14.28 -24.56 -16.73
CA LEU B 303 -15.44 -24.77 -15.84
C LEU B 303 -16.11 -26.11 -16.18
N LYS B 304 -16.46 -26.87 -15.15
CA LYS B 304 -17.12 -28.16 -15.34
C LYS B 304 -18.55 -28.06 -14.79
N PHE B 305 -19.52 -28.53 -15.57
CA PHE B 305 -20.92 -28.46 -15.14
C PHE B 305 -21.63 -29.81 -15.09
N PRO B 306 -22.63 -29.94 -14.24
CA PRO B 306 -23.37 -31.19 -14.10
C PRO B 306 -24.21 -31.55 -15.33
N ARG B 307 -24.53 -30.56 -16.16
CA ARG B 307 -25.24 -30.84 -17.41
C ARG B 307 -25.01 -29.63 -18.28
N LYS B 308 -25.32 -29.78 -19.56
CA LYS B 308 -25.12 -28.78 -20.61
C LYS B 308 -26.25 -27.80 -20.76
N PHE B 309 -26.02 -26.50 -20.93
CA PHE B 309 -27.17 -25.62 -21.09
C PHE B 309 -26.87 -24.66 -22.21
N TRP B 310 -25.76 -24.82 -22.91
CA TRP B 310 -25.41 -23.89 -23.99
C TRP B 310 -25.62 -24.63 -25.30
N PRO B 311 -25.71 -23.94 -26.42
CA PRO B 311 -25.87 -24.57 -27.74
C PRO B 311 -24.68 -25.41 -28.25
N GLU B 312 -24.90 -26.43 -29.06
CA GLU B 312 -23.81 -27.22 -29.68
C GLU B 312 -24.25 -27.37 -31.12
N GLY B 313 -23.30 -27.56 -32.02
CA GLY B 313 -23.67 -27.72 -33.41
C GLY B 313 -22.75 -26.88 -34.24
N LYS B 314 -23.18 -26.72 -35.48
CA LYS B 314 -22.42 -25.95 -36.44
C LYS B 314 -22.22 -24.51 -36.00
N GLY B 315 -20.96 -24.11 -35.96
CA GLY B 315 -20.65 -22.73 -35.61
C GLY B 315 -20.89 -22.39 -34.15
N ARG B 316 -21.14 -23.39 -33.31
CA ARG B 316 -21.34 -23.12 -31.90
C ARG B 316 -20.05 -23.19 -31.04
N GLU B 317 -18.91 -23.62 -31.59
CA GLU B 317 -17.72 -23.80 -30.76
C GLU B 317 -17.30 -22.56 -29.97
N PHE B 318 -17.33 -21.42 -30.66
CA PHE B 318 -16.92 -20.12 -30.10
C PHE B 318 -18.10 -19.17 -29.94
N PHE B 319 -18.19 -18.49 -28.81
CA PHE B 319 -19.29 -17.54 -28.62
C PHE B 319 -18.76 -16.36 -27.76
N LEU B 320 -19.36 -15.17 -27.87
CA LEU B 320 -18.89 -13.97 -27.18
C LEU B 320 -19.98 -13.40 -26.30
N TYR B 321 -19.53 -12.76 -25.22
CA TYR B 321 -20.46 -12.09 -24.30
C TYR B 321 -20.17 -10.59 -24.44
N ALA B 322 -21.14 -9.85 -24.95
CA ALA B 322 -20.99 -8.40 -25.17
C ALA B 322 -21.23 -7.61 -23.89
N SER B 323 -20.31 -7.62 -22.94
CA SER B 323 -20.50 -6.88 -21.68
C SER B 323 -20.36 -5.37 -21.90
N SER B 324 -20.99 -4.54 -21.09
CA SER B 324 -20.73 -3.12 -21.26
C SER B 324 -19.37 -2.83 -20.64
N ARG B 325 -18.75 -3.79 -19.93
CA ARG B 325 -17.43 -3.65 -19.33
C ARG B 325 -16.46 -4.38 -20.27
N ARG B 326 -15.61 -3.65 -20.98
CA ARG B 326 -14.71 -4.27 -21.96
C ARG B 326 -13.86 -5.38 -21.39
N GLY B 327 -13.86 -6.54 -22.03
CA GLY B 327 -13.03 -7.68 -21.62
C GLY B 327 -13.56 -8.49 -20.46
N TYR B 328 -14.78 -8.22 -20.03
CA TYR B 328 -15.33 -8.95 -18.88
C TYR B 328 -15.92 -10.28 -19.38
N TYR B 329 -15.22 -11.36 -19.02
CA TYR B 329 -15.65 -12.73 -19.39
C TYR B 329 -16.22 -12.77 -20.80
N GLY B 330 -15.44 -12.28 -21.76
CA GLY B 330 -15.95 -12.12 -23.11
C GLY B 330 -15.88 -13.21 -24.19
N VAL B 331 -14.87 -14.08 -24.14
CA VAL B 331 -14.63 -15.06 -25.18
C VAL B 331 -14.76 -16.46 -24.62
N TRP B 332 -15.75 -17.19 -25.14
CA TRP B 332 -16.12 -18.52 -24.67
C TRP B 332 -15.85 -19.60 -25.71
N GLN B 333 -15.56 -20.82 -25.28
CA GLN B 333 -15.39 -21.90 -26.23
C GLN B 333 -16.07 -23.13 -25.59
N GLU B 334 -16.79 -23.91 -26.38
CA GLU B 334 -17.43 -25.15 -25.89
C GLU B 334 -16.73 -26.29 -26.65
N PHE B 335 -16.62 -27.45 -26.01
CA PHE B 335 -15.82 -28.55 -26.48
C PHE B 335 -16.53 -29.75 -27.05
N GLU B 336 -17.58 -29.56 -27.83
CA GLU B 336 -18.28 -30.72 -28.38
C GLU B 336 -17.34 -31.67 -29.15
N LYS B 337 -16.30 -31.17 -29.79
CA LYS B 337 -15.37 -32.09 -30.43
C LYS B 337 -14.22 -32.55 -29.59
N GLN B 338 -13.64 -31.60 -28.86
CA GLN B 338 -12.45 -31.94 -28.09
C GLN B 338 -12.71 -32.84 -26.90
N TYR B 339 -13.71 -32.52 -26.08
CA TYR B 339 -13.99 -33.29 -24.87
C TYR B 339 -15.49 -33.61 -24.84
N PRO B 340 -15.90 -34.38 -25.84
CA PRO B 340 -17.31 -34.72 -25.96
C PRO B 340 -17.95 -35.24 -24.70
N ASP B 341 -19.12 -34.66 -24.44
CA ASP B 341 -19.91 -35.01 -23.28
C ASP B 341 -19.28 -34.67 -21.93
N ALA B 342 -18.13 -34.01 -21.86
CA ALA B 342 -17.61 -33.67 -20.53
C ALA B 342 -18.33 -32.47 -19.91
N ASN B 343 -19.10 -31.71 -20.67
CA ASN B 343 -19.79 -30.57 -20.04
C ASN B 343 -18.81 -29.50 -19.52
N VAL B 344 -17.74 -29.25 -20.26
CA VAL B 344 -16.79 -28.24 -19.88
C VAL B 344 -16.92 -26.99 -20.72
N LEU B 345 -16.64 -25.82 -20.15
CA LEU B 345 -16.59 -24.59 -20.96
C LEU B 345 -15.27 -23.93 -20.54
N LEU B 346 -14.75 -23.09 -21.42
CA LEU B 346 -13.52 -22.33 -21.23
C LEU B 346 -13.83 -20.86 -21.55
N VAL B 347 -13.65 -19.97 -20.57
CA VAL B 347 -13.78 -18.53 -20.81
C VAL B 347 -12.35 -18.00 -20.68
N THR B 348 -11.94 -17.13 -21.60
CA THR B 348 -10.59 -16.60 -21.55
C THR B 348 -10.57 -15.12 -21.17
N VAL B 349 -9.67 -14.71 -20.29
CA VAL B 349 -9.54 -13.30 -19.93
C VAL B 349 -8.06 -12.97 -20.04
N THR B 350 -7.74 -11.67 -20.07
CA THR B 350 -6.33 -11.30 -20.17
C THR B 350 -5.98 -10.05 -19.34
N ASP B 351 -4.70 -9.69 -19.36
CA ASP B 351 -4.33 -8.38 -18.84
C ASP B 351 -4.91 -7.93 -17.49
N GLU B 352 -5.63 -6.82 -17.43
CA GLU B 352 -6.14 -6.37 -16.11
C GLU B 352 -7.08 -7.35 -15.45
N GLU B 353 -7.96 -7.97 -16.21
CA GLU B 353 -8.85 -8.97 -15.59
C GLU B 353 -8.03 -10.17 -15.10
N SER B 354 -6.98 -10.56 -15.85
CA SER B 354 -6.18 -11.70 -15.37
C SER B 354 -5.55 -11.33 -14.03
N ARG B 355 -4.97 -10.14 -13.94
CA ARG B 355 -4.30 -9.81 -12.67
C ARG B 355 -5.29 -9.73 -11.54
N ARG B 356 -6.49 -9.23 -11.84
CA ARG B 356 -7.48 -9.14 -10.77
C ARG B 356 -7.88 -10.56 -10.28
N ILE B 357 -8.12 -11.39 -11.29
CA ILE B 357 -8.61 -12.73 -11.01
C ILE B 357 -7.57 -13.63 -10.34
N GLU B 358 -6.31 -13.49 -10.71
CA GLU B 358 -5.36 -14.35 -10.04
C GLU B 358 -5.29 -14.00 -8.58
N GLN B 359 -5.66 -12.78 -8.23
CA GLN B 359 -5.58 -12.30 -6.84
C GLN B 359 -6.78 -12.58 -5.96
N GLN B 360 -7.76 -13.32 -6.45
CA GLN B 360 -8.89 -13.58 -5.59
C GLN B 360 -9.13 -15.08 -5.66
N SER B 361 -10.07 -15.56 -4.85
CA SER B 361 -10.30 -16.98 -4.84
C SER B 361 -10.97 -17.53 -6.08
N ASP B 362 -10.78 -18.81 -6.36
CA ASP B 362 -11.49 -19.40 -7.50
C ASP B 362 -13.03 -19.37 -7.24
N GLU B 363 -13.45 -19.42 -5.98
CA GLU B 363 -14.87 -19.41 -5.65
C GLU B 363 -15.45 -18.06 -6.04
N GLN B 364 -14.70 -17.00 -5.79
CA GLN B 364 -15.26 -15.68 -6.15
C GLN B 364 -15.34 -15.54 -7.66
N THR B 365 -14.31 -15.99 -8.34
CA THR B 365 -14.33 -15.92 -9.80
C THR B 365 -15.49 -16.80 -10.32
N LYS B 366 -15.69 -17.98 -9.75
CA LYS B 366 -16.77 -18.82 -10.25
C LYS B 366 -18.12 -18.14 -10.07
N ALA B 367 -18.32 -17.49 -8.93
CA ALA B 367 -19.61 -16.82 -8.78
C ALA B 367 -19.78 -15.65 -9.75
N GLU B 368 -18.71 -14.95 -10.12
CA GLU B 368 -18.89 -13.84 -11.09
C GLU B 368 -19.29 -14.47 -12.42
N ILE B 369 -18.61 -15.55 -12.77
CA ILE B 369 -18.94 -16.25 -14.02
C ILE B 369 -20.37 -16.80 -14.01
N MET B 370 -20.86 -17.36 -12.91
CA MET B 370 -22.24 -17.85 -12.91
C MET B 370 -23.18 -16.69 -13.15
N GLN B 371 -22.92 -15.48 -12.67
CA GLN B 371 -23.90 -14.43 -12.96
C GLN B 371 -23.93 -14.13 -14.44
N VAL B 372 -22.76 -14.09 -15.07
CA VAL B 372 -22.68 -13.84 -16.51
C VAL B 372 -23.45 -14.95 -17.27
N LEU B 373 -23.18 -16.23 -17.00
CA LEU B 373 -23.84 -17.34 -17.68
C LEU B 373 -25.36 -17.30 -17.52
N ARG B 374 -25.83 -16.91 -16.35
CA ARG B 374 -27.28 -16.90 -16.17
C ARG B 374 -27.85 -15.71 -16.92
N LYS B 375 -27.05 -14.67 -17.14
CA LYS B 375 -27.63 -13.57 -17.89
C LYS B 375 -27.66 -14.00 -19.36
N MET B 376 -26.66 -14.73 -19.83
CA MET B 376 -26.62 -15.14 -21.22
C MET B 376 -27.70 -16.17 -21.57
N PHE B 377 -28.06 -17.03 -20.62
CA PHE B 377 -28.99 -18.14 -20.85
C PHE B 377 -30.13 -18.11 -19.86
N PRO B 378 -30.85 -17.00 -19.92
CA PRO B 378 -31.96 -16.78 -19.00
C PRO B 378 -33.09 -17.81 -19.09
N GLY B 379 -33.28 -18.40 -20.25
CA GLY B 379 -34.35 -19.38 -20.27
C GLY B 379 -33.96 -20.78 -19.80
N LYS B 380 -32.67 -20.97 -19.54
CA LYS B 380 -32.22 -22.29 -19.17
C LYS B 380 -32.13 -22.39 -17.64
N ASP B 381 -31.93 -23.60 -17.10
CA ASP B 381 -31.72 -23.70 -15.66
C ASP B 381 -30.23 -24.02 -15.63
N VAL B 382 -29.47 -22.98 -15.35
CA VAL B 382 -28.03 -23.05 -15.40
C VAL B 382 -27.61 -23.44 -14.02
N PRO B 383 -27.06 -24.65 -13.94
CA PRO B 383 -26.55 -25.18 -12.69
C PRO B 383 -25.17 -24.56 -12.43
N ASP B 384 -24.81 -24.40 -11.16
CA ASP B 384 -23.53 -23.87 -10.74
C ASP B 384 -22.43 -24.88 -11.19
N ALA B 385 -21.27 -24.35 -11.58
CA ALA B 385 -20.17 -25.18 -11.99
C ALA B 385 -19.74 -25.98 -10.77
N THR B 386 -19.35 -27.24 -10.97
CA THR B 386 -18.91 -28.03 -9.82
C THR B 386 -17.38 -28.02 -9.82
N ASP B 387 -16.75 -27.47 -10.84
CA ASP B 387 -15.31 -27.45 -10.71
C ASP B 387 -14.82 -26.27 -11.52
N ILE B 388 -13.70 -25.66 -11.14
CA ILE B 388 -13.21 -24.55 -11.92
C ILE B 388 -11.71 -24.58 -11.85
N LEU B 389 -11.05 -24.13 -12.91
CA LEU B 389 -9.58 -24.12 -12.86
C LEU B 389 -9.13 -22.74 -13.35
N VAL B 390 -8.36 -22.04 -12.53
CA VAL B 390 -7.83 -20.73 -12.90
C VAL B 390 -6.31 -20.82 -12.90
N PRO B 391 -5.66 -20.92 -14.06
CA PRO B 391 -4.20 -21.00 -14.18
C PRO B 391 -3.59 -19.69 -13.67
N ARG B 392 -2.53 -19.73 -12.87
CA ARG B 392 -1.96 -18.52 -12.29
C ARG B 392 -0.57 -18.29 -12.82
N TRP B 393 -0.47 -18.07 -14.13
CA TRP B 393 0.86 -17.90 -14.70
C TRP B 393 1.61 -16.67 -14.26
N TRP B 394 0.88 -15.58 -14.05
CA TRP B 394 1.58 -14.34 -13.64
C TRP B 394 2.13 -14.50 -12.25
N SER B 395 1.40 -15.24 -11.42
CA SER B 395 1.92 -15.44 -10.07
C SER B 395 3.04 -16.44 -9.97
N ASP B 396 3.27 -17.24 -11.01
CA ASP B 396 4.31 -18.28 -10.90
C ASP B 396 5.66 -17.68 -11.19
N ARG B 397 6.55 -17.82 -10.23
CA ARG B 397 7.85 -17.19 -10.37
C ARG B 397 8.66 -17.69 -11.55
N PHE B 398 8.35 -18.88 -12.07
CA PHE B 398 9.21 -19.37 -13.16
C PHE B 398 8.66 -18.89 -14.48
N TYR B 399 7.60 -18.10 -14.48
CA TYR B 399 6.99 -17.63 -15.74
C TYR B 399 6.61 -16.14 -15.69
N LYS B 400 5.89 -15.72 -14.64
CA LYS B 400 5.57 -14.30 -14.52
C LYS B 400 4.79 -13.72 -15.70
N GLY B 401 3.92 -14.55 -16.27
CA GLY B 401 3.11 -14.10 -17.39
C GLY B 401 3.00 -15.28 -18.35
N THR B 402 2.34 -15.07 -19.48
CA THR B 402 2.10 -16.10 -20.48
C THR B 402 2.89 -15.96 -21.75
N PHE B 403 2.98 -14.75 -22.30
CA PHE B 403 3.80 -14.56 -23.50
C PHE B 403 4.00 -13.06 -23.74
N SER B 404 5.10 -12.76 -24.41
CA SER B 404 5.46 -11.37 -24.65
C SER B 404 4.54 -10.72 -25.70
N ASN B 405 4.34 -9.41 -25.64
CA ASN B 405 3.56 -8.65 -26.64
C ASN B 405 4.39 -7.38 -26.92
N TRP B 406 4.53 -7.03 -28.20
CA TRP B 406 5.34 -5.91 -28.66
C TRP B 406 4.53 -4.61 -28.49
N PRO B 407 4.95 -3.76 -27.56
CA PRO B 407 4.21 -2.54 -27.31
C PRO B 407 4.61 -1.36 -28.20
N VAL B 408 3.73 -0.36 -28.23
CA VAL B 408 4.15 0.86 -28.94
C VAL B 408 5.20 1.46 -28.01
N GLY B 409 6.28 1.93 -28.65
CA GLY B 409 7.41 2.49 -27.95
C GLY B 409 8.67 1.64 -28.15
N VAL B 410 8.55 0.34 -28.40
CA VAL B 410 9.81 -0.41 -28.54
C VAL B 410 10.16 -0.40 -30.01
N ASN B 411 11.36 0.06 -30.33
CA ASN B 411 11.71 0.07 -31.75
C ASN B 411 12.55 -1.11 -32.15
N ARG B 412 12.93 -1.08 -33.43
CA ARG B 412 13.68 -2.21 -33.96
C ARG B 412 15.01 -2.45 -33.30
N TYR B 413 15.74 -1.36 -33.09
CA TYR B 413 17.01 -1.51 -32.43
C TYR B 413 16.83 -1.93 -30.96
N GLU B 414 15.86 -1.37 -30.24
CA GLU B 414 15.63 -1.78 -28.87
C GLU B 414 15.26 -3.27 -28.85
N TYR B 415 14.51 -3.76 -29.84
CA TYR B 415 14.17 -5.17 -29.75
C TYR B 415 15.44 -5.97 -29.97
N ASP B 416 16.36 -5.49 -30.79
CA ASP B 416 17.59 -6.25 -30.98
C ASP B 416 18.43 -6.24 -29.68
N GLN B 417 18.37 -5.15 -28.91
CA GLN B 417 19.13 -5.16 -27.67
C GLN B 417 18.56 -6.19 -26.71
N LEU B 418 17.27 -6.45 -26.84
CA LEU B 418 16.66 -7.46 -25.96
C LEU B 418 17.24 -8.83 -26.27
N ARG B 419 17.50 -9.13 -27.55
CA ARG B 419 18.07 -10.45 -27.91
C ARG B 419 19.58 -10.59 -27.73
N ALA B 420 20.25 -9.45 -27.85
CA ALA B 420 21.72 -9.48 -27.84
C ALA B 420 22.39 -10.22 -26.67
N PRO B 421 23.46 -10.92 -26.99
CA PRO B 421 24.26 -11.65 -25.98
C PRO B 421 25.05 -10.63 -25.18
N VAL B 422 25.49 -11.02 -23.99
CA VAL B 422 26.31 -10.11 -23.18
C VAL B 422 27.48 -11.04 -22.85
N GLY B 423 28.60 -10.76 -23.48
CA GLY B 423 29.78 -11.58 -23.28
C GLY B 423 29.43 -13.01 -23.63
N ARG B 424 29.69 -13.90 -22.69
CA ARG B 424 29.43 -15.32 -22.93
C ARG B 424 28.01 -15.73 -22.56
N VAL B 425 27.17 -14.74 -22.25
CA VAL B 425 25.78 -15.09 -21.89
C VAL B 425 24.91 -14.80 -23.11
N TYR B 426 24.24 -15.84 -23.60
CA TYR B 426 23.30 -15.77 -24.74
C TYR B 426 21.88 -15.82 -24.25
N PHE B 427 20.97 -15.25 -25.05
CA PHE B 427 19.56 -15.27 -24.67
C PHE B 427 18.75 -15.93 -25.75
N THR B 428 17.71 -16.64 -25.35
CA THR B 428 16.82 -17.30 -26.31
C THR B 428 15.39 -17.33 -25.74
N GLY B 429 14.39 -17.80 -26.46
CA GLY B 429 13.04 -17.77 -25.88
C GLY B 429 12.15 -17.05 -26.88
N GLU B 430 10.84 -17.25 -26.76
CA GLU B 430 9.92 -16.60 -27.69
C GLU B 430 10.06 -15.08 -27.79
N HIS B 431 10.45 -14.40 -26.71
CA HIS B 431 10.62 -12.94 -26.73
C HIS B 431 11.85 -12.57 -27.53
N THR B 432 12.66 -13.53 -27.97
CA THR B 432 13.81 -13.18 -28.81
C THR B 432 13.54 -13.55 -30.27
N SER B 433 12.32 -13.99 -30.61
CA SER B 433 12.00 -14.35 -31.98
C SER B 433 11.74 -13.06 -32.77
N GLU B 434 12.53 -12.92 -33.83
CA GLU B 434 12.50 -11.73 -34.69
C GLU B 434 11.11 -11.46 -35.23
N HIS B 435 10.50 -12.52 -35.72
CA HIS B 435 9.17 -12.35 -36.31
C HIS B 435 8.04 -13.17 -35.73
N TYR B 436 8.35 -14.08 -34.80
CA TYR B 436 7.24 -14.85 -34.24
C TYR B 436 7.18 -14.76 -32.72
N ASN B 437 7.39 -13.57 -32.11
CA ASN B 437 7.34 -13.50 -30.65
C ASN B 437 5.95 -13.92 -30.19
N GLY B 438 5.85 -14.58 -29.04
CA GLY B 438 4.56 -14.96 -28.49
C GLY B 438 4.03 -16.35 -28.86
N TYR B 439 4.77 -17.14 -29.63
CA TYR B 439 4.28 -18.43 -30.17
C TYR B 439 5.17 -19.62 -29.90
N VAL B 440 4.61 -20.81 -30.01
CA VAL B 440 5.42 -22.04 -29.80
C VAL B 440 6.46 -22.12 -30.92
N HIS B 441 6.02 -21.81 -32.14
CA HIS B 441 6.99 -21.89 -33.23
C HIS B 441 8.06 -20.81 -33.11
N GLY B 442 7.73 -19.67 -32.51
CA GLY B 442 8.74 -18.65 -32.30
C GLY B 442 9.75 -19.17 -31.24
N ALA B 443 9.30 -19.86 -30.19
CA ALA B 443 10.30 -20.36 -29.23
C ALA B 443 11.19 -21.39 -29.94
N TYR B 444 10.57 -22.24 -30.75
CA TYR B 444 11.36 -23.28 -31.39
C TYR B 444 12.45 -22.70 -32.28
N LEU B 445 12.06 -21.77 -33.15
CA LEU B 445 13.02 -21.16 -34.06
C LEU B 445 14.00 -20.25 -33.32
N SER B 446 13.56 -19.63 -32.23
CA SER B 446 14.50 -18.76 -31.51
C SER B 446 15.58 -19.65 -30.92
N GLY B 447 15.25 -20.88 -30.52
CA GLY B 447 16.29 -21.74 -29.91
C GLY B 447 17.41 -22.01 -30.94
N ILE B 448 16.98 -22.36 -32.15
CA ILE B 448 17.94 -22.65 -33.22
C ILE B 448 18.74 -21.40 -33.55
N ASP B 449 18.06 -20.26 -33.66
CA ASP B 449 18.83 -19.05 -33.99
C ASP B 449 19.86 -18.61 -32.98
N SER B 450 19.48 -18.68 -31.70
CA SER B 450 20.42 -18.30 -30.65
C SER B 450 21.58 -19.32 -30.64
N ALA B 451 21.27 -20.60 -30.84
CA ALA B 451 22.33 -21.60 -30.80
C ALA B 451 23.32 -21.34 -31.92
N GLU B 452 22.78 -20.97 -33.07
CA GLU B 452 23.65 -20.72 -34.21
C GLU B 452 24.58 -19.56 -33.95
N ILE B 453 24.08 -18.54 -33.28
CA ILE B 453 24.98 -17.44 -32.98
C ILE B 453 26.09 -17.98 -32.09
N LEU B 454 25.71 -18.76 -31.08
CA LEU B 454 26.74 -19.27 -30.20
C LEU B 454 27.70 -20.16 -30.97
N ILE B 455 27.19 -21.00 -31.86
CA ILE B 455 28.07 -21.88 -32.64
C ILE B 455 29.10 -21.12 -33.49
N ASN B 456 28.68 -19.97 -34.01
CA ASN B 456 29.59 -19.15 -34.79
C ASN B 456 30.67 -18.61 -33.89
N CYS B 457 30.30 -18.19 -32.70
CA CYS B 457 31.34 -17.67 -31.85
C CYS B 457 32.28 -18.83 -31.48
N ALA B 458 31.70 -19.89 -30.95
CA ALA B 458 32.45 -21.04 -30.50
C ALA B 458 33.17 -21.78 -31.58
N GLN B 459 32.53 -22.00 -32.72
CA GLN B 459 33.27 -22.84 -33.64
C GLN B 459 33.95 -22.08 -34.73
N LYS B 460 33.40 -20.93 -35.11
CA LYS B 460 34.02 -20.19 -36.19
C LYS B 460 34.77 -18.98 -35.71
N LYS B 461 34.77 -18.80 -34.39
CA LYS B 461 35.44 -17.66 -33.81
C LYS B 461 34.91 -16.35 -34.36
N MET B 462 33.62 -16.35 -34.70
CA MET B 462 33.03 -15.09 -35.17
C MET B 462 32.19 -14.77 -33.93
N CYS B 463 32.71 -13.88 -33.10
CA CYS B 463 32.12 -13.50 -31.83
C CYS B 463 31.42 -12.16 -31.70
N LYS B 464 31.48 -11.39 -32.78
CA LYS B 464 30.89 -10.05 -32.77
C LYS B 464 29.41 -10.17 -33.08
N TYR B 465 28.51 -9.55 -32.32
CA TYR B 465 27.11 -9.72 -32.66
C TYR B 465 26.41 -9.04 -33.87
N HIS B 466 26.18 -7.73 -33.81
CA HIS B 466 25.52 -6.98 -34.91
C HIS B 466 26.22 -5.63 -34.89
N PRO C 5 29.60 18.17 57.86
CA PRO C 5 29.78 17.92 56.44
C PRO C 5 28.52 18.22 55.66
N ARG C 6 28.72 18.61 54.41
CA ARG C 6 27.60 18.96 53.57
C ARG C 6 27.29 17.71 52.76
N VAL C 7 26.03 17.29 52.74
CA VAL C 7 25.67 16.07 52.01
C VAL C 7 24.50 16.40 51.11
N ILE C 8 24.61 16.05 49.83
CA ILE C 8 23.53 16.25 48.87
C ILE C 8 22.80 14.89 48.76
N VAL C 9 21.47 14.91 48.87
CA VAL C 9 20.70 13.69 48.77
C VAL C 9 19.95 13.80 47.48
N VAL C 10 20.19 12.87 46.58
CA VAL C 10 19.47 12.93 45.31
C VAL C 10 18.17 12.12 45.44
N GLY C 11 17.02 12.77 45.31
CA GLY C 11 15.69 12.11 45.38
C GLY C 11 15.02 12.29 46.73
N ALA C 12 13.72 12.59 46.72
CA ALA C 12 12.95 12.79 47.96
C ALA C 12 11.80 11.76 48.08
N GLY C 13 12.13 10.50 47.81
CA GLY C 13 11.21 9.38 47.96
C GLY C 13 11.34 8.97 49.40
N MET C 14 10.76 7.85 49.80
CA MET C 14 10.84 7.41 51.20
C MET C 14 12.30 7.25 51.63
N SER C 15 13.17 6.67 50.80
CA SER C 15 14.52 6.45 51.28
C SER C 15 15.28 7.76 51.38
N GLY C 16 15.13 8.68 50.44
CA GLY C 16 15.87 9.94 50.54
C GLY C 16 15.45 10.71 51.80
N ILE C 17 14.14 10.74 52.04
CA ILE C 17 13.65 11.51 53.18
C ILE C 17 14.06 10.84 54.46
N SER C 18 13.99 9.52 54.43
CA SER C 18 14.39 8.76 55.61
C SER C 18 15.91 8.91 55.90
N ALA C 19 16.73 8.87 54.85
CA ALA C 19 18.17 9.06 55.04
C ALA C 19 18.44 10.47 55.58
N ALA C 20 17.85 11.47 54.96
CA ALA C 20 18.12 12.82 55.40
C ALA C 20 17.68 13.00 56.83
N LYS C 21 16.60 12.33 57.22
CA LYS C 21 16.15 12.44 58.61
C LYS C 21 17.17 11.85 59.56
N ARG C 22 17.76 10.72 59.19
CA ARG C 22 18.69 10.09 60.10
C ARG C 22 19.99 10.92 60.20
N LEU C 23 20.40 11.53 59.08
CA LEU C 23 21.60 12.38 59.05
C LEU C 23 21.36 13.56 60.01
N SER C 24 20.21 14.19 59.83
CA SER C 24 19.85 15.32 60.66
C SER C 24 19.93 14.86 62.11
N GLU C 25 19.44 13.67 62.40
CA GLU C 25 19.52 13.31 63.81
C GLU C 25 20.94 13.13 64.29
N ALA C 26 21.91 12.89 63.41
CA ALA C 26 23.30 12.68 63.84
C ALA C 26 23.91 14.05 63.95
N GLY C 27 23.10 15.05 63.67
CA GLY C 27 23.63 16.39 63.69
C GLY C 27 24.19 16.83 62.35
N ILE C 28 24.01 16.06 61.29
CA ILE C 28 24.48 16.54 59.98
C ILE C 28 23.31 17.27 59.33
N THR C 29 23.29 18.59 59.49
CA THR C 29 22.15 19.35 58.99
C THR C 29 22.43 20.19 57.78
N ASP C 30 23.68 20.19 57.34
CA ASP C 30 23.99 20.93 56.11
C ASP C 30 23.71 19.95 54.98
N LEU C 31 22.42 19.84 54.67
CA LEU C 31 21.89 18.89 53.70
C LEU C 31 21.27 19.67 52.57
N LEU C 32 21.25 19.07 51.39
CA LEU C 32 20.63 19.67 50.23
C LEU C 32 19.93 18.49 49.55
N ILE C 33 18.61 18.48 49.57
CA ILE C 33 17.87 17.40 48.90
C ILE C 33 17.38 17.88 47.55
N LEU C 34 17.86 17.24 46.49
CA LEU C 34 17.42 17.62 45.13
C LEU C 34 16.43 16.57 44.59
N GLU C 35 15.21 16.98 44.30
CA GLU C 35 14.17 16.05 43.83
C GLU C 35 13.79 16.44 42.43
N ALA C 36 13.79 15.43 41.57
CA ALA C 36 13.43 15.70 40.19
C ALA C 36 12.00 16.21 39.92
N THR C 37 10.99 15.68 40.60
CA THR C 37 9.62 16.08 40.27
C THR C 37 9.21 17.28 41.09
N ASP C 38 7.94 17.63 40.97
CA ASP C 38 7.49 18.76 41.78
C ASP C 38 6.91 18.31 43.11
N HIS C 39 7.28 17.15 43.64
CA HIS C 39 6.70 16.78 44.93
C HIS C 39 7.60 15.70 45.50
N ILE C 40 7.45 15.43 46.80
CA ILE C 40 8.19 14.39 47.50
C ILE C 40 7.32 13.10 47.55
N GLY C 41 7.89 11.93 47.87
CA GLY C 41 7.08 10.72 47.98
C GLY C 41 7.45 9.64 46.98
N GLY C 42 7.90 10.06 45.81
CA GLY C 42 8.36 9.12 44.77
C GLY C 42 7.33 8.05 44.41
N ARG C 43 7.71 6.79 44.58
CA ARG C 43 6.83 5.65 44.24
C ARG C 43 5.61 5.48 45.17
N MET C 44 5.46 6.38 46.14
CA MET C 44 4.28 6.46 47.05
C MET C 44 3.63 7.75 46.56
N HIS C 45 2.64 7.58 45.71
CA HIS C 45 2.05 8.75 45.11
C HIS C 45 0.60 8.54 44.64
N LYS C 46 -0.25 9.45 45.12
CA LYS C 46 -1.67 9.34 44.80
C LYS C 46 -2.08 10.21 43.65
N THR C 47 -3.25 9.91 43.11
CA THR C 47 -3.80 10.75 42.06
C THR C 47 -5.32 10.74 42.04
N ASN C 48 -5.90 11.83 41.55
CA ASN C 48 -7.36 11.81 41.56
C ASN C 48 -7.93 10.97 40.41
N PHE C 49 -8.85 10.04 40.65
CA PHE C 49 -9.36 9.31 39.49
C PHE C 49 -10.83 9.16 39.84
N ALA C 50 -11.69 9.59 38.93
CA ALA C 50 -13.11 9.34 39.17
C ALA C 50 -13.56 9.96 40.48
N GLY C 51 -12.99 11.14 40.69
CA GLY C 51 -13.27 11.89 41.90
C GLY C 51 -12.79 11.25 43.20
N ILE C 52 -11.86 10.31 43.15
CA ILE C 52 -11.30 9.74 44.39
C ILE C 52 -9.79 9.70 44.15
N ASN C 53 -9.06 9.76 45.25
CA ASN C 53 -7.60 9.68 45.14
C ASN C 53 -7.26 8.19 45.23
N VAL C 54 -6.60 7.64 44.23
CA VAL C 54 -6.21 6.23 44.26
C VAL C 54 -4.68 6.29 44.25
N GLU C 55 -4.08 5.16 44.61
CA GLU C 55 -2.62 5.06 44.62
C GLU C 55 -2.10 4.63 43.24
N LEU C 56 -1.19 5.38 42.63
CA LEU C 56 -0.59 4.94 41.38
C LEU C 56 0.57 3.99 41.68
N GLY C 57 1.14 4.08 42.88
CA GLY C 57 2.31 3.27 43.26
C GLY C 57 2.00 2.39 44.46
N ALA C 58 2.78 2.39 45.53
CA ALA C 58 2.48 1.50 46.65
C ALA C 58 1.07 1.68 47.20
N ASN C 59 0.44 0.62 47.70
CA ASN C 59 -0.92 0.74 48.25
C ASN C 59 -1.08 -0.07 49.53
N TRP C 60 -0.20 -1.03 49.80
CA TRP C 60 -0.32 -1.85 51.01
C TRP C 60 0.82 -1.67 52.00
N VAL C 61 0.51 -1.88 53.27
CA VAL C 61 1.55 -1.98 54.26
C VAL C 61 1.60 -3.52 54.27
N GLU C 62 2.71 -4.09 53.82
CA GLU C 62 2.88 -5.54 53.78
C GLU C 62 3.71 -6.10 54.91
N GLY C 63 3.21 -7.13 55.59
CA GLY C 63 3.94 -7.71 56.69
C GLY C 63 3.48 -7.04 57.97
N VAL C 64 2.39 -7.59 58.51
CA VAL C 64 1.79 -7.06 59.73
C VAL C 64 1.28 -8.24 60.57
N ASN C 65 1.25 -8.02 61.87
CA ASN C 65 0.75 -8.98 62.86
C ASN C 65 1.73 -10.08 63.19
N GLY C 66 2.96 -9.94 62.73
CA GLY C 66 4.03 -10.90 62.98
C GLY C 66 4.86 -10.71 64.26
N GLY C 67 5.98 -11.41 64.32
CA GLY C 67 6.86 -11.39 65.49
C GLY C 67 7.58 -10.08 65.71
N LYS C 68 7.80 -9.32 64.65
CA LYS C 68 8.46 -8.06 64.84
C LYS C 68 7.49 -7.06 64.23
N MET C 69 7.57 -5.81 64.66
CA MET C 69 6.70 -4.76 64.16
C MET C 69 7.21 -4.09 62.89
N ASN C 70 6.45 -4.06 61.82
CA ASN C 70 6.90 -3.40 60.60
C ASN C 70 6.90 -1.92 60.96
N PRO C 71 8.03 -1.26 60.81
CA PRO C 71 8.12 0.13 61.25
C PRO C 71 7.12 1.08 60.62
N ILE C 72 6.61 0.73 59.45
CA ILE C 72 5.67 1.65 58.82
C ILE C 72 4.26 1.52 59.46
N TRP C 73 4.00 0.33 59.98
CA TRP C 73 2.65 0.05 60.47
C TRP C 73 2.11 1.04 61.51
N PRO C 74 2.92 1.30 62.54
CA PRO C 74 2.48 2.24 63.56
C PRO C 74 2.27 3.64 63.01
N ILE C 75 3.04 4.01 61.99
CA ILE C 75 2.84 5.36 61.52
C ILE C 75 1.49 5.40 60.84
N VAL C 76 1.23 4.38 60.05
CA VAL C 76 -0.05 4.34 59.34
C VAL C 76 -1.29 4.13 60.20
N ASN C 77 -1.21 3.12 61.07
CA ASN C 77 -2.36 2.74 61.86
C ASN C 77 -2.56 3.47 63.16
N SER C 78 -1.51 4.12 63.62
CA SER C 78 -1.58 4.84 64.88
C SER C 78 -1.21 6.31 64.84
N THR C 79 -0.09 6.68 64.24
CA THR C 79 0.20 8.10 64.27
C THR C 79 -0.71 8.82 63.32
N LEU C 80 -0.86 8.36 62.09
CA LEU C 80 -1.68 9.12 61.16
C LEU C 80 -3.11 8.62 61.08
N LYS C 81 -3.30 7.37 61.50
CA LYS C 81 -4.61 6.70 61.43
C LYS C 81 -5.14 6.76 60.01
N LEU C 82 -4.35 6.34 59.03
CA LEU C 82 -4.84 6.39 57.66
C LEU C 82 -5.85 5.27 57.52
N ARG C 83 -6.94 5.53 56.82
CA ARG C 83 -7.98 4.50 56.65
C ARG C 83 -7.45 3.28 55.94
N ASN C 84 -7.66 2.10 56.49
CA ASN C 84 -7.11 0.89 55.89
C ASN C 84 -7.92 -0.38 56.07
N PHE C 85 -7.62 -1.39 55.26
CA PHE C 85 -8.39 -2.65 55.22
C PHE C 85 -7.49 -3.87 55.07
N ARG C 86 -7.66 -4.88 55.92
CA ARG C 86 -6.83 -6.07 55.75
C ARG C 86 -7.26 -6.79 54.47
N SER C 87 -6.36 -7.25 53.60
CA SER C 87 -6.84 -7.93 52.40
C SER C 87 -6.98 -9.38 52.78
N ASP C 88 -8.07 -9.99 52.36
CA ASP C 88 -8.31 -11.40 52.67
C ASP C 88 -8.33 -12.17 51.36
N PHE C 89 -7.36 -13.05 51.12
CA PHE C 89 -7.33 -13.84 49.90
C PHE C 89 -7.89 -15.28 50.03
N ASP C 90 -8.57 -15.57 51.12
CA ASP C 90 -9.13 -16.88 51.41
C ASP C 90 -10.26 -17.32 50.50
N TYR C 91 -10.90 -16.41 49.77
CA TYR C 91 -12.01 -16.81 48.93
C TYR C 91 -11.68 -16.94 47.47
N LEU C 92 -10.39 -16.90 47.17
CA LEU C 92 -10.03 -17.00 45.77
C LEU C 92 -10.60 -18.21 45.04
N ALA C 93 -10.73 -19.37 45.67
CA ALA C 93 -11.24 -20.52 44.92
C ALA C 93 -12.63 -20.32 44.39
N GLN C 94 -13.40 -19.36 44.95
CA GLN C 94 -14.75 -19.08 44.46
C GLN C 94 -14.75 -17.99 43.39
N ASN C 95 -13.58 -17.47 43.02
CA ASN C 95 -13.55 -16.32 42.12
C ASN C 95 -12.56 -16.39 40.98
N VAL C 96 -12.46 -17.55 40.36
CA VAL C 96 -11.59 -17.76 39.22
C VAL C 96 -12.50 -17.93 38.01
N TYR C 97 -12.40 -17.00 37.09
CA TYR C 97 -13.24 -16.98 35.90
C TYR C 97 -12.58 -17.71 34.74
N LYS C 98 -13.35 -18.53 34.04
CA LYS C 98 -12.85 -19.23 32.87
C LYS C 98 -12.66 -18.24 31.73
N GLU C 99 -11.80 -18.61 30.78
CA GLU C 99 -11.55 -17.72 29.65
C GLU C 99 -12.79 -17.24 28.94
N ASP C 100 -13.76 -18.13 28.79
CA ASP C 100 -15.02 -17.73 28.16
C ASP C 100 -16.22 -17.50 29.07
N GLY C 101 -15.98 -17.29 30.35
CA GLY C 101 -17.13 -16.97 31.18
C GLY C 101 -17.52 -17.93 32.28
N GLY C 102 -17.95 -17.34 33.37
CA GLY C 102 -18.36 -18.06 34.57
C GLY C 102 -17.14 -18.49 35.37
N VAL C 103 -17.37 -18.79 36.65
CA VAL C 103 -16.27 -19.18 37.51
C VAL C 103 -16.12 -20.69 37.45
N TYR C 104 -14.93 -21.20 37.72
CA TYR C 104 -14.76 -22.64 37.80
C TYR C 104 -15.35 -23.06 39.17
N ASP C 105 -15.58 -24.37 39.27
CA ASP C 105 -16.06 -25.01 40.50
C ASP C 105 -15.01 -24.77 41.59
N GLU C 106 -15.57 -24.33 42.70
CA GLU C 106 -14.78 -23.99 43.87
C GLU C 106 -13.90 -25.11 44.35
N ASP C 107 -14.46 -26.31 44.39
CA ASP C 107 -13.68 -27.44 44.87
C ASP C 107 -12.51 -27.76 44.01
N TYR C 108 -12.73 -27.60 42.72
CA TYR C 108 -11.67 -27.87 41.78
C TYR C 108 -10.57 -26.86 41.99
N VAL C 109 -10.94 -25.59 42.04
CA VAL C 109 -9.89 -24.60 42.22
C VAL C 109 -9.16 -24.78 43.56
N GLN C 110 -9.88 -25.04 44.65
CA GLN C 110 -9.21 -25.16 45.94
C GLN C 110 -8.12 -26.24 45.87
N LYS C 111 -8.46 -27.30 45.14
CA LYS C 111 -7.46 -28.36 45.04
C LYS C 111 -6.18 -27.88 44.37
N ARG C 112 -6.35 -27.07 43.33
CA ARG C 112 -5.19 -26.57 42.58
C ARG C 112 -4.41 -25.57 43.44
N ILE C 113 -5.10 -24.79 44.26
CA ILE C 113 -4.42 -23.87 45.15
C ILE C 113 -3.66 -24.68 46.19
N GLU C 114 -4.32 -25.67 46.76
CA GLU C 114 -3.64 -26.49 47.76
C GLU C 114 -2.40 -27.16 47.23
N LEU C 115 -2.47 -27.60 45.98
CA LEU C 115 -1.26 -28.17 45.44
C LEU C 115 -0.15 -27.11 45.27
N ALA C 116 -0.51 -25.92 44.79
CA ALA C 116 0.50 -24.90 44.52
C ALA C 116 1.16 -24.48 45.81
N ASP C 117 0.32 -24.44 46.85
CA ASP C 117 0.85 -24.03 48.13
C ASP C 117 1.74 -25.10 48.73
N SER C 118 1.42 -26.37 48.53
CA SER C 118 2.26 -27.38 49.12
C SER C 118 3.58 -27.45 48.33
N VAL C 119 3.59 -27.16 47.02
CA VAL C 119 4.87 -27.14 46.28
C VAL C 119 5.70 -25.97 46.83
N GLU C 120 5.05 -24.84 47.11
CA GLU C 120 5.85 -23.75 47.64
C GLU C 120 6.45 -24.10 49.00
N GLU C 121 5.68 -24.76 49.87
CA GLU C 121 6.19 -25.10 51.20
C GLU C 121 7.38 -26.03 51.06
N MET C 122 7.34 -26.91 50.07
CA MET C 122 8.52 -27.76 49.91
C MET C 122 9.69 -26.92 49.44
N GLY C 123 9.42 -25.84 48.70
CA GLY C 123 10.51 -24.97 48.22
C GLY C 123 11.18 -24.25 49.41
N GLU C 124 10.37 -23.88 50.41
CA GLU C 124 10.96 -23.22 51.57
C GLU C 124 11.92 -24.15 52.31
N LYS C 125 11.57 -25.41 52.33
CA LYS C 125 12.43 -26.36 53.04
C LYS C 125 13.72 -26.52 52.28
N LEU C 126 13.62 -26.62 50.96
CA LEU C 126 14.82 -26.79 50.12
C LEU C 126 15.70 -25.55 50.29
N SER C 127 15.04 -24.39 50.23
CA SER C 127 15.74 -23.12 50.33
C SER C 127 16.61 -23.02 51.58
N ALA C 128 16.08 -23.45 52.72
CA ALA C 128 16.85 -23.40 53.98
C ALA C 128 18.20 -24.16 53.91
N THR C 129 18.27 -25.21 53.12
CA THR C 129 19.51 -25.97 53.09
C THR C 129 20.46 -25.47 52.02
N LEU C 130 20.13 -24.48 51.19
CA LEU C 130 21.07 -24.12 50.13
C LEU C 130 22.28 -23.42 50.68
N HIS C 131 23.44 -23.64 50.08
CA HIS C 131 24.65 -22.97 50.56
C HIS C 131 24.58 -21.44 50.51
N ALA C 132 25.09 -20.79 51.55
CA ALA C 132 25.02 -19.34 51.64
C ALA C 132 25.69 -18.59 50.48
N SER C 133 26.60 -19.26 49.79
CA SER C 133 27.22 -18.52 48.72
C SER C 133 26.26 -18.34 47.53
N GLY C 134 25.11 -19.01 47.51
CA GLY C 134 24.26 -18.85 46.33
C GLY C 134 24.60 -19.81 45.25
N ARG C 135 25.64 -20.59 45.45
CA ARG C 135 26.05 -21.54 44.43
C ARG C 135 25.01 -22.59 44.11
N ASP C 136 24.12 -22.89 45.02
CA ASP C 136 23.18 -23.94 44.66
C ASP C 136 21.85 -23.28 44.29
N ASP C 137 21.79 -21.98 44.06
CA ASP C 137 20.45 -21.42 43.90
C ASP C 137 19.81 -21.89 42.60
N MET C 138 18.49 -21.76 42.51
CA MET C 138 17.78 -22.09 41.29
C MET C 138 16.56 -21.17 41.15
N SER C 139 15.94 -21.17 39.97
CA SER C 139 14.72 -20.35 39.87
C SER C 139 13.57 -21.00 40.64
N ILE C 140 12.55 -20.21 40.97
CA ILE C 140 11.39 -20.80 41.64
C ILE C 140 10.77 -21.84 40.68
N LEU C 141 10.85 -21.59 39.38
CA LEU C 141 10.26 -22.57 38.45
C LEU C 141 11.00 -23.90 38.50
N ALA C 142 12.32 -23.87 38.61
CA ALA C 142 13.04 -25.13 38.70
C ALA C 142 12.59 -25.86 39.96
N MET C 143 12.39 -25.15 41.04
CA MET C 143 11.95 -25.82 42.23
C MET C 143 10.55 -26.39 41.97
N GLN C 144 9.73 -25.69 41.19
CA GLN C 144 8.38 -26.21 40.96
C GLN C 144 8.44 -27.50 40.15
N ARG C 145 9.28 -27.55 39.12
CA ARG C 145 9.35 -28.82 38.37
C ARG C 145 9.76 -30.01 39.27
N LEU C 146 10.80 -29.77 40.08
CA LEU C 146 11.41 -30.74 40.97
C LEU C 146 10.31 -31.23 41.87
N ASN C 147 9.52 -30.32 42.43
CA ASN C 147 8.47 -30.73 43.36
C ASN C 147 7.22 -31.34 42.79
N GLU C 148 6.94 -30.98 41.56
CA GLU C 148 5.77 -31.52 40.90
C GLU C 148 6.20 -32.71 40.07
N HIS C 149 7.50 -32.94 39.90
CA HIS C 149 7.92 -34.00 38.98
C HIS C 149 7.31 -33.81 37.61
N GLN C 150 7.59 -32.68 36.97
CA GLN C 150 7.05 -32.47 35.63
C GLN C 150 8.09 -31.66 34.92
N PRO C 151 7.99 -31.62 33.61
CA PRO C 151 8.91 -30.90 32.74
C PRO C 151 8.41 -29.47 32.53
N ASN C 152 7.50 -29.01 33.36
CA ASN C 152 7.09 -27.63 33.15
C ASN C 152 6.49 -27.23 34.47
N GLY C 153 6.32 -25.93 34.68
CA GLY C 153 5.66 -25.46 35.90
C GLY C 153 4.16 -25.39 35.52
N PRO C 154 3.36 -24.71 36.32
CA PRO C 154 1.91 -24.55 36.03
C PRO C 154 1.69 -24.18 34.56
N ALA C 155 0.87 -24.96 33.86
CA ALA C 155 0.68 -24.75 32.42
C ALA C 155 -0.75 -24.73 31.91
N THR C 156 -1.75 -25.10 32.71
CA THR C 156 -3.15 -24.98 32.31
C THR C 156 -3.57 -23.56 32.76
N PRO C 157 -4.64 -23.03 32.17
CA PRO C 157 -5.09 -21.69 32.49
C PRO C 157 -5.35 -21.46 33.96
N VAL C 158 -6.03 -22.38 34.63
CA VAL C 158 -6.28 -22.12 36.06
C VAL C 158 -4.99 -22.20 36.87
N ASP C 159 -4.16 -23.19 36.56
CA ASP C 159 -2.93 -23.32 37.31
C ASP C 159 -2.04 -22.14 37.03
N MET C 160 -2.05 -21.70 35.78
CA MET C 160 -1.19 -20.54 35.45
C MET C 160 -1.65 -19.28 36.18
N VAL C 161 -2.96 -19.06 36.25
CA VAL C 161 -3.42 -17.84 36.93
C VAL C 161 -3.23 -17.94 38.44
N VAL C 162 -3.26 -19.14 39.01
CA VAL C 162 -3.00 -19.24 40.45
C VAL C 162 -1.53 -18.91 40.70
N ASP C 163 -0.70 -19.40 39.79
CA ASP C 163 0.76 -19.23 39.88
C ASP C 163 1.12 -17.73 39.77
N TYR C 164 0.46 -17.04 38.85
CA TYR C 164 0.67 -15.59 38.65
C TYR C 164 0.26 -14.81 39.89
N TYR C 165 -0.87 -15.19 40.45
CA TYR C 165 -1.34 -14.56 41.65
C TYR C 165 -0.33 -14.84 42.77
N LYS C 166 0.15 -16.07 42.89
CA LYS C 166 1.04 -16.33 44.01
C LYS C 166 2.39 -15.69 43.86
N PHE C 167 2.92 -15.54 42.65
CA PHE C 167 4.28 -15.03 42.49
C PHE C 167 4.40 -13.72 41.76
N ASP C 168 3.99 -13.71 40.50
CA ASP C 168 4.07 -12.46 39.70
C ASP C 168 3.35 -11.28 40.36
N TYR C 169 2.20 -11.52 40.97
CA TYR C 169 1.45 -10.45 41.59
C TYR C 169 2.20 -9.87 42.76
N GLU C 170 3.24 -10.56 43.23
CA GLU C 170 4.04 -10.02 44.33
C GLU C 170 5.35 -9.45 43.86
N PHE C 171 6.02 -10.25 43.04
CA PHE C 171 7.35 -9.89 42.59
C PHE C 171 7.40 -9.16 41.29
N ALA C 172 6.31 -9.17 40.54
CA ALA C 172 6.32 -8.54 39.23
C ALA C 172 7.17 -9.17 38.10
N GLU C 173 7.68 -10.39 38.32
CA GLU C 173 8.35 -11.11 37.24
C GLU C 173 7.94 -12.58 37.52
N PRO C 174 8.08 -13.44 36.55
CA PRO C 174 7.71 -14.85 36.70
C PRO C 174 8.71 -15.64 37.50
N PRO C 175 8.18 -16.74 38.00
CA PRO C 175 8.97 -17.65 38.84
C PRO C 175 10.21 -18.11 38.09
N ARG C 176 10.11 -18.25 36.78
CA ARG C 176 11.33 -18.73 36.15
C ARG C 176 12.51 -17.78 36.12
N VAL C 177 12.32 -16.52 36.51
CA VAL C 177 13.50 -15.64 36.51
C VAL C 177 13.88 -15.35 37.96
N THR C 178 12.99 -15.65 38.89
CA THR C 178 13.18 -15.28 40.30
C THR C 178 14.01 -16.24 41.13
N SER C 179 14.94 -15.73 41.95
CA SER C 179 15.78 -16.59 42.78
C SER C 179 14.95 -17.25 43.88
N LEU C 180 15.01 -18.59 43.91
CA LEU C 180 14.27 -19.27 44.98
C LEU C 180 14.90 -18.92 46.34
N GLN C 181 16.21 -18.95 46.42
CA GLN C 181 16.87 -18.79 47.71
C GLN C 181 16.57 -17.47 48.39
N ASN C 182 16.47 -16.45 47.57
CA ASN C 182 16.26 -15.15 48.16
C ASN C 182 14.81 -14.65 48.15
N THR C 183 13.81 -15.46 47.82
CA THR C 183 12.45 -14.97 47.87
C THR C 183 11.50 -15.97 48.48
N VAL C 184 11.95 -17.20 48.71
CA VAL C 184 11.06 -18.20 49.30
C VAL C 184 11.79 -18.89 50.43
N PRO C 185 11.39 -18.67 51.68
CA PRO C 185 10.31 -17.75 52.09
C PRO C 185 10.82 -16.30 51.98
N LEU C 186 9.95 -15.31 52.10
CA LEU C 186 10.37 -13.90 52.00
C LEU C 186 10.46 -13.27 53.39
N ALA C 187 11.55 -12.54 53.67
CA ALA C 187 11.73 -11.96 55.00
C ALA C 187 10.63 -11.05 55.51
N THR C 188 10.07 -10.27 54.59
CA THR C 188 9.04 -9.32 54.99
C THR C 188 7.96 -10.09 55.72
N PHE C 189 7.53 -11.24 55.21
CA PHE C 189 6.44 -11.97 55.87
C PHE C 189 6.93 -12.82 57.01
N SER C 190 8.12 -13.40 56.85
CA SER C 190 8.63 -14.19 57.95
C SER C 190 8.96 -13.26 59.13
N ASP C 191 9.43 -12.04 58.94
CA ASP C 191 9.71 -11.21 60.11
C ASP C 191 8.52 -10.40 60.64
N PHE C 192 7.82 -9.75 59.73
CA PHE C 192 6.75 -8.84 60.19
C PHE C 192 5.31 -9.42 60.27
N GLY C 193 5.06 -10.59 59.68
CA GLY C 193 3.71 -11.13 59.75
C GLY C 193 3.11 -11.42 58.38
N ASP C 194 2.15 -12.33 58.31
CA ASP C 194 1.60 -12.68 57.00
C ASP C 194 0.53 -11.77 56.47
N ASP C 195 0.00 -10.89 57.30
CA ASP C 195 -1.06 -10.05 56.79
C ASP C 195 -0.60 -8.82 56.01
N VAL C 196 -1.52 -8.30 55.19
CA VAL C 196 -1.30 -7.11 54.38
C VAL C 196 -2.52 -6.20 54.49
N TYR C 197 -2.27 -4.90 54.58
CA TYR C 197 -3.36 -3.93 54.76
C TYR C 197 -3.34 -2.86 53.66
N PHE C 198 -4.45 -2.76 52.95
CA PHE C 198 -4.62 -1.83 51.83
C PHE C 198 -4.93 -0.44 52.38
N VAL C 199 -4.12 0.55 52.06
CA VAL C 199 -4.34 1.90 52.56
C VAL C 199 -5.33 2.60 51.61
N ALA C 200 -6.44 3.13 52.14
CA ALA C 200 -7.40 3.79 51.26
C ALA C 200 -7.86 5.04 51.97
N ASP C 201 -7.03 6.06 51.89
CA ASP C 201 -7.30 7.31 52.61
C ASP C 201 -7.02 8.44 51.64
N GLN C 202 -7.87 9.46 51.71
CA GLN C 202 -7.69 10.55 50.79
C GLN C 202 -6.37 11.29 50.91
N ARG C 203 -5.78 11.23 52.10
CA ARG C 203 -4.49 11.87 52.34
C ARG C 203 -3.41 11.09 51.61
N GLY C 204 -3.68 9.84 51.24
CA GLY C 204 -2.69 9.07 50.49
C GLY C 204 -1.66 8.32 51.36
N TYR C 205 -1.13 7.20 50.87
CA TYR C 205 -0.11 6.45 51.62
C TYR C 205 1.13 7.36 51.75
N GLU C 206 1.30 8.28 50.79
CA GLU C 206 2.42 9.24 50.83
C GLU C 206 2.41 10.15 52.07
N ALA C 207 1.28 10.22 52.77
CA ALA C 207 1.33 11.04 53.97
C ALA C 207 2.40 10.52 54.94
N VAL C 208 2.76 9.25 54.81
CA VAL C 208 3.76 8.71 55.72
C VAL C 208 5.08 9.47 55.48
N VAL C 209 5.38 9.65 54.21
CA VAL C 209 6.61 10.35 53.87
C VAL C 209 6.51 11.83 54.25
N TYR C 210 5.36 12.45 54.05
CA TYR C 210 5.22 13.87 54.45
C TYR C 210 5.37 13.97 55.95
N TYR C 211 4.86 12.99 56.67
CA TYR C 211 5.06 13.01 58.11
C TYR C 211 6.54 12.87 58.48
N LEU C 212 7.30 11.99 57.85
CA LEU C 212 8.68 11.91 58.30
C LEU C 212 9.42 13.18 57.97
N ALA C 213 9.19 13.76 56.78
CA ALA C 213 9.88 14.99 56.32
C ALA C 213 9.63 16.15 57.28
N GLY C 214 8.41 16.21 57.81
CA GLY C 214 8.07 17.33 58.67
C GLY C 214 8.71 17.23 60.04
N GLN C 215 9.34 16.09 60.31
CA GLN C 215 9.98 15.98 61.60
C GLN C 215 11.31 16.72 61.59
N TYR C 216 11.86 17.11 60.44
CA TYR C 216 13.14 17.81 60.49
C TYR C 216 13.18 18.93 59.45
N LEU C 217 12.29 18.94 58.49
CA LEU C 217 12.33 20.03 57.52
C LEU C 217 11.33 21.08 57.97
N LYS C 218 11.62 22.36 57.75
CA LYS C 218 10.67 23.38 58.15
C LYS C 218 9.46 23.43 57.22
N THR C 219 8.33 23.70 57.85
CA THR C 219 7.05 23.81 57.15
C THR C 219 6.32 25.09 57.57
N ASP C 220 5.51 25.63 56.67
CA ASP C 220 4.73 26.81 56.95
C ASP C 220 3.77 26.54 58.10
N ASP C 221 3.77 27.47 59.05
CA ASP C 221 2.91 27.32 60.21
C ASP C 221 1.42 27.30 59.88
N LYS C 222 1.06 27.88 58.75
CA LYS C 222 -0.31 27.89 58.28
C LYS C 222 -0.56 26.73 57.32
N SER C 223 0.02 26.84 56.13
CA SER C 223 -0.18 25.83 55.10
C SER C 223 0.31 24.44 55.52
N GLY C 224 1.21 24.36 56.49
CA GLY C 224 1.73 23.05 56.87
C GLY C 224 2.68 22.54 55.77
N LYS C 225 2.81 23.28 54.67
CA LYS C 225 3.69 22.93 53.58
C LYS C 225 5.15 22.99 53.99
N ILE C 226 5.97 22.13 53.40
CA ILE C 226 7.37 22.17 53.77
C ILE C 226 7.94 23.40 53.10
N VAL C 227 8.66 24.23 53.86
CA VAL C 227 9.23 25.41 53.22
C VAL C 227 10.73 25.52 53.42
N ASP C 228 11.36 24.48 53.97
CA ASP C 228 12.80 24.44 54.15
C ASP C 228 13.59 24.56 52.85
N PRO C 229 14.53 25.51 52.74
CA PRO C 229 15.25 25.63 51.48
C PRO C 229 16.25 24.48 51.31
N ARG C 230 16.41 23.61 52.29
CA ARG C 230 17.32 22.50 52.07
C ARG C 230 16.63 21.49 51.13
N LEU C 231 15.34 21.66 50.87
CA LEU C 231 14.61 20.77 49.97
C LEU C 231 14.38 21.49 48.65
N GLN C 232 14.86 21.00 47.51
CA GLN C 232 14.63 21.77 46.30
C GLN C 232 14.02 20.85 45.25
N LEU C 233 12.80 21.17 44.86
CA LEU C 233 12.04 20.40 43.87
C LEU C 233 12.37 20.78 42.44
N ASN C 234 11.92 19.98 41.49
CA ASN C 234 12.24 20.27 40.10
C ASN C 234 13.72 20.40 39.83
N LYS C 235 14.57 19.67 40.56
CA LYS C 235 16.01 19.68 40.28
C LYS C 235 16.36 18.28 39.77
N VAL C 236 16.52 18.13 38.45
CA VAL C 236 16.88 16.84 37.84
C VAL C 236 18.42 16.67 37.81
N VAL C 237 18.96 15.82 38.69
CA VAL C 237 20.40 15.66 38.69
C VAL C 237 20.80 14.97 37.41
N ARG C 238 21.78 15.45 36.66
CA ARG C 238 22.17 14.75 35.44
C ARG C 238 23.67 14.36 35.47
N GLU C 239 24.43 14.89 36.43
CA GLU C 239 25.84 14.54 36.51
C GLU C 239 26.37 14.64 37.92
N ILE C 240 27.21 13.66 38.25
CA ILE C 240 27.75 13.64 39.61
C ILE C 240 29.25 13.43 39.43
N LYS C 241 30.03 14.44 39.79
CA LYS C 241 31.51 14.33 39.67
C LYS C 241 32.04 14.12 41.07
N TYR C 242 33.01 13.20 41.24
CA TYR C 242 33.50 12.95 42.62
C TYR C 242 35.01 12.75 42.62
N SER C 243 35.68 13.10 43.71
CA SER C 243 37.13 12.90 43.73
C SER C 243 37.33 12.42 45.14
N PRO C 244 38.59 12.23 45.53
CA PRO C 244 38.82 11.72 46.88
C PRO C 244 38.42 12.79 47.90
N GLY C 245 38.23 14.02 47.46
CA GLY C 245 37.90 15.00 48.50
C GLY C 245 36.48 15.55 48.58
N GLY C 246 35.64 15.30 47.59
CA GLY C 246 34.30 15.85 47.71
C GLY C 246 33.59 15.52 46.40
N VAL C 247 32.43 16.13 46.19
CA VAL C 247 31.66 15.85 44.97
C VAL C 247 31.04 17.16 44.49
N THR C 248 30.65 17.12 43.21
CA THR C 248 29.96 18.23 42.54
C THR C 248 28.78 17.56 41.83
N VAL C 249 27.60 18.18 41.88
CA VAL C 249 26.39 17.64 41.27
C VAL C 249 25.77 18.77 40.41
N LYS C 250 25.42 18.44 39.17
CA LYS C 250 24.85 19.41 38.24
C LYS C 250 23.48 18.91 37.82
N THR C 251 22.53 19.84 37.76
CA THR C 251 21.14 19.53 37.45
C THR C 251 20.86 19.96 36.06
N GLU C 252 19.75 19.47 35.56
CA GLU C 252 19.42 19.75 34.18
C GLU C 252 19.15 21.25 34.00
N ASP C 253 18.71 21.98 35.02
CA ASP C 253 18.48 23.42 34.81
C ASP C 253 19.78 24.22 34.80
N ASN C 254 20.87 23.48 34.83
CA ASN C 254 22.22 23.99 34.79
C ASN C 254 22.75 24.49 36.12
N SER C 255 22.09 24.24 37.23
CA SER C 255 22.70 24.67 38.48
C SER C 255 23.84 23.69 38.80
N VAL C 256 24.72 24.08 39.72
CA VAL C 256 25.84 23.19 40.05
C VAL C 256 25.97 23.32 41.53
N TYR C 257 26.13 22.18 42.20
CA TYR C 257 26.23 22.20 43.66
C TYR C 257 27.46 21.46 44.11
N SER C 258 28.03 21.84 45.27
CA SER C 258 29.25 21.20 45.74
C SER C 258 29.03 20.61 47.10
N ALA C 259 29.65 19.49 47.47
CA ALA C 259 29.45 18.97 48.81
C ALA C 259 30.59 18.03 49.16
N ASP C 260 30.56 17.54 50.39
CA ASP C 260 31.54 16.53 50.78
C ASP C 260 31.15 15.09 50.39
N TYR C 261 29.84 14.82 50.34
CA TYR C 261 29.31 13.49 50.05
C TYR C 261 28.02 13.57 49.27
N VAL C 262 27.65 12.51 48.56
CA VAL C 262 26.37 12.51 47.86
C VAL C 262 25.68 11.18 48.19
N MET C 263 24.36 11.20 48.43
CA MET C 263 23.66 9.95 48.78
C MET C 263 22.66 9.81 47.64
N VAL C 264 22.81 8.79 46.80
CA VAL C 264 21.92 8.59 45.62
C VAL C 264 20.73 7.67 45.95
N SER C 265 19.51 8.22 45.92
CA SER C 265 18.34 7.42 46.26
C SER C 265 17.46 7.08 45.05
N ALA C 266 17.87 7.54 43.87
CA ALA C 266 17.12 7.19 42.69
C ALA C 266 17.02 5.67 42.49
N SER C 267 15.99 5.21 41.76
CA SER C 267 15.75 3.78 41.58
C SER C 267 16.84 3.02 40.81
N LEU C 268 16.85 1.71 41.03
CA LEU C 268 17.80 0.87 40.31
C LEU C 268 17.54 1.12 38.83
N GLY C 269 16.27 1.25 38.46
CA GLY C 269 15.94 1.44 37.05
C GLY C 269 16.58 2.73 36.56
N VAL C 270 16.55 3.78 37.38
CA VAL C 270 17.19 5.03 36.96
C VAL C 270 18.70 4.82 36.87
N LEU C 271 19.28 4.11 37.84
CA LEU C 271 20.71 3.85 37.71
C LEU C 271 21.01 2.99 36.47
N GLN C 272 20.13 2.08 36.07
CA GLN C 272 20.46 1.30 34.86
C GLN C 272 20.28 2.16 33.62
N SER C 273 19.52 3.24 33.71
CA SER C 273 19.34 4.05 32.50
C SER C 273 20.48 5.05 32.35
N ASP C 274 20.50 5.85 31.30
CA ASP C 274 21.74 6.65 31.47
C ASP C 274 21.52 8.04 32.06
N LEU C 275 20.46 8.19 32.81
CA LEU C 275 20.11 9.51 33.23
C LEU C 275 21.20 10.33 33.94
N ILE C 276 21.83 9.69 34.94
CA ILE C 276 22.85 10.37 35.72
C ILE C 276 24.23 9.92 35.27
N GLN C 277 25.04 10.86 34.82
CA GLN C 277 26.39 10.54 34.41
C GLN C 277 27.34 10.67 35.60
N PHE C 278 28.10 9.61 35.84
CA PHE C 278 29.04 9.60 36.95
C PHE C 278 30.40 9.96 36.37
N LYS C 279 31.15 10.83 37.04
CA LYS C 279 32.46 11.14 36.44
C LYS C 279 33.46 11.19 37.59
N PRO C 280 34.43 10.27 37.62
CA PRO C 280 34.61 9.25 36.57
C PRO C 280 33.51 8.17 36.57
N LYS C 281 33.47 7.39 35.50
CA LYS C 281 32.48 6.32 35.44
C LYS C 281 32.58 5.39 36.65
N LEU C 282 31.48 4.81 37.08
CA LEU C 282 31.55 3.93 38.24
C LEU C 282 32.43 2.72 37.91
N PRO C 283 33.05 2.08 38.89
CA PRO C 283 33.92 0.96 38.59
C PRO C 283 33.16 -0.25 38.05
N THR C 284 33.86 -1.07 37.29
CA THR C 284 33.25 -2.24 36.70
C THR C 284 32.52 -3.14 37.68
N TRP C 285 33.07 -3.35 38.85
CA TRP C 285 32.37 -4.18 39.83
C TRP C 285 30.99 -3.61 40.12
N LYS C 286 30.92 -2.30 40.21
CA LYS C 286 29.67 -1.61 40.56
C LYS C 286 28.69 -1.69 39.39
N VAL C 287 29.17 -1.34 38.20
CA VAL C 287 28.28 -1.38 37.05
C VAL C 287 27.75 -2.80 36.83
N ARG C 288 28.58 -3.80 37.07
CA ARG C 288 28.01 -5.11 36.85
C ARG C 288 26.95 -5.48 37.85
N ALA C 289 27.11 -5.05 39.11
CA ALA C 289 26.11 -5.39 40.11
C ALA C 289 24.82 -4.68 39.73
N ILE C 290 24.97 -3.46 39.27
CA ILE C 290 23.77 -2.71 38.89
C ILE C 290 22.98 -3.39 37.75
N TYR C 291 23.65 -3.84 36.70
CA TYR C 291 22.90 -4.41 35.58
C TYR C 291 22.48 -5.85 35.80
N GLN C 292 23.09 -6.57 36.74
CA GLN C 292 22.60 -7.92 37.00
C GLN C 292 21.29 -8.01 37.77
N PHE C 293 21.01 -7.05 38.65
CA PHE C 293 19.77 -7.09 39.43
C PHE C 293 18.58 -6.66 38.55
N ASP C 294 17.35 -7.02 38.88
CA ASP C 294 16.24 -6.64 38.01
C ASP C 294 15.39 -5.52 38.60
N MET C 295 14.92 -4.60 37.74
CA MET C 295 13.97 -3.54 38.15
C MET C 295 12.67 -4.00 37.45
N ALA C 296 11.70 -4.43 38.22
CA ALA C 296 10.46 -4.91 37.62
C ALA C 296 9.45 -3.78 37.39
N VAL C 297 8.35 -4.11 36.73
CA VAL C 297 7.29 -3.13 36.49
C VAL C 297 5.95 -3.78 36.84
N TYR C 298 5.11 -3.04 37.55
CA TYR C 298 3.80 -3.52 38.06
C TYR C 298 2.87 -2.36 37.76
N THR C 299 1.91 -2.63 36.89
CA THR C 299 1.03 -1.59 36.39
C THR C 299 -0.39 -1.75 36.89
N LYS C 300 -0.86 -0.76 37.63
CA LYS C 300 -2.20 -0.77 38.22
C LYS C 300 -3.17 -0.03 37.32
N ILE C 301 -3.91 -0.76 36.48
CA ILE C 301 -4.85 -0.10 35.58
C ILE C 301 -6.22 0.08 36.24
N PHE C 302 -6.58 1.32 36.54
CA PHE C 302 -7.89 1.62 37.13
C PHE C 302 -8.93 1.92 36.03
N LEU C 303 -10.16 1.46 36.24
CA LEU C 303 -11.26 1.65 35.28
C LEU C 303 -12.50 2.14 36.01
N LYS C 304 -13.19 3.11 35.42
CA LYS C 304 -14.41 3.66 36.00
C LYS C 304 -15.54 3.25 35.06
N PHE C 305 -16.65 2.77 35.63
CA PHE C 305 -17.82 2.38 34.80
C PHE C 305 -19.05 3.12 35.30
N PRO C 306 -20.01 3.27 34.41
CA PRO C 306 -21.28 3.94 34.69
C PRO C 306 -22.26 3.17 35.57
N ARG C 307 -22.05 1.88 35.77
CA ARG C 307 -22.89 1.06 36.65
C ARG C 307 -22.08 -0.21 36.89
N LYS C 308 -22.34 -0.91 37.99
CA LYS C 308 -21.56 -2.09 38.35
C LYS C 308 -22.11 -3.30 37.62
N PHE C 309 -21.29 -4.30 37.33
CA PHE C 309 -21.86 -5.45 36.64
C PHE C 309 -21.18 -6.68 37.24
N TRP C 310 -20.29 -6.53 38.23
CA TRP C 310 -19.58 -7.67 38.82
C TRP C 310 -20.17 -7.98 40.17
N PRO C 311 -19.82 -9.13 40.75
CA PRO C 311 -20.39 -9.47 42.05
C PRO C 311 -19.75 -8.69 43.18
N GLU C 312 -20.55 -8.47 44.23
CA GLU C 312 -20.08 -7.80 45.44
C GLU C 312 -20.47 -8.75 46.58
N GLY C 313 -19.82 -8.74 47.72
CA GLY C 313 -20.23 -9.75 48.70
C GLY C 313 -19.00 -10.39 49.35
N LYS C 314 -19.22 -11.27 50.31
CA LYS C 314 -18.14 -11.88 51.05
C LYS C 314 -17.22 -12.54 50.06
N GLY C 315 -15.94 -12.26 50.18
CA GLY C 315 -14.99 -12.92 49.30
C GLY C 315 -14.91 -12.41 47.89
N ARG C 316 -15.72 -11.41 47.53
CA ARG C 316 -15.68 -10.92 46.15
C ARG C 316 -14.61 -9.90 45.79
N GLU C 317 -13.85 -9.39 46.78
CA GLU C 317 -12.86 -8.35 46.53
C GLU C 317 -11.85 -8.61 45.45
N PHE C 318 -11.26 -9.80 45.50
CA PHE C 318 -10.25 -10.19 44.53
C PHE C 318 -10.78 -11.30 43.64
N PHE C 319 -10.52 -11.23 42.34
CA PHE C 319 -10.94 -12.30 41.45
C PHE C 319 -9.88 -12.47 40.38
N LEU C 320 -9.86 -13.64 39.73
CA LEU C 320 -8.83 -13.89 38.72
C LEU C 320 -9.47 -14.29 37.41
N TYR C 321 -8.77 -14.01 36.31
CA TYR C 321 -9.23 -14.37 34.97
C TYR C 321 -8.24 -15.36 34.44
N ALA C 322 -8.71 -16.59 34.24
CA ALA C 322 -7.83 -17.68 33.81
C ALA C 322 -7.65 -17.65 32.30
N SER C 323 -6.87 -16.71 31.78
CA SER C 323 -6.72 -16.64 30.32
C SER C 323 -5.82 -17.78 29.87
N SER C 324 -5.92 -18.19 28.61
CA SER C 324 -4.99 -19.23 28.15
C SER C 324 -3.62 -18.56 27.85
N ARG C 325 -3.60 -17.22 27.86
CA ARG C 325 -2.37 -16.43 27.67
C ARG C 325 -1.90 -15.97 29.05
N ARG C 326 -0.80 -16.52 29.53
CA ARG C 326 -0.37 -16.28 30.92
C ARG C 326 -0.21 -14.81 31.22
N GLY C 327 -0.76 -14.34 32.31
CA GLY C 327 -0.56 -12.95 32.71
C GLY C 327 -1.40 -11.92 31.99
N TYR C 328 -2.33 -12.39 31.17
CA TYR C 328 -3.16 -11.45 30.42
C TYR C 328 -4.30 -10.96 31.24
N TYR C 329 -4.29 -9.70 31.70
CA TYR C 329 -5.35 -9.12 32.53
C TYR C 329 -5.91 -10.10 33.57
N GLY C 330 -5.02 -10.71 34.34
CA GLY C 330 -5.38 -11.78 35.26
C GLY C 330 -5.81 -11.57 36.70
N VAL C 331 -5.37 -10.47 37.32
CA VAL C 331 -5.71 -10.31 38.73
C VAL C 331 -6.44 -9.02 38.87
N TRP C 332 -7.66 -9.16 39.35
CA TRP C 332 -8.58 -8.05 39.51
C TRP C 332 -8.98 -7.82 40.96
N GLN C 333 -9.35 -6.56 41.22
CA GLN C 333 -9.78 -6.10 42.54
C GLN C 333 -10.98 -5.17 42.40
N GLU C 334 -12.02 -5.37 43.20
CA GLU C 334 -13.18 -4.47 43.10
C GLU C 334 -13.22 -3.79 44.45
N PHE C 335 -13.67 -2.53 44.46
CA PHE C 335 -13.61 -1.77 45.68
C PHE C 335 -14.85 -1.44 46.47
N GLU C 336 -15.71 -2.43 46.67
CA GLU C 336 -16.91 -2.16 47.45
C GLU C 336 -16.60 -1.64 48.86
N LYS C 337 -15.55 -2.17 49.49
CA LYS C 337 -15.18 -1.72 50.82
C LYS C 337 -14.45 -0.37 50.81
N GLN C 338 -13.45 -0.23 49.92
CA GLN C 338 -12.66 1.01 49.86
C GLN C 338 -13.34 2.27 49.36
N TYR C 339 -14.04 2.17 48.23
CA TYR C 339 -14.60 3.35 47.58
C TYR C 339 -16.00 2.90 47.17
N PRO C 340 -16.85 2.66 48.17
CA PRO C 340 -18.19 2.09 47.99
C PRO C 340 -19.03 2.67 46.89
N ASP C 341 -18.98 3.97 46.65
CA ASP C 341 -19.90 4.21 45.54
C ASP C 341 -19.30 4.42 44.16
N ALA C 342 -18.01 4.13 44.11
CA ALA C 342 -17.29 4.43 42.89
C ALA C 342 -17.47 3.66 41.60
N ASN C 343 -17.74 2.37 41.66
CA ASN C 343 -17.86 1.69 40.36
C ASN C 343 -16.52 1.65 39.64
N VAL C 344 -15.49 1.39 40.44
CA VAL C 344 -14.17 1.32 39.84
C VAL C 344 -13.64 -0.09 39.96
N LEU C 345 -12.86 -0.56 38.98
CA LEU C 345 -12.20 -1.88 39.09
C LEU C 345 -10.71 -1.59 38.87
N LEU C 346 -9.90 -2.51 39.39
CA LEU C 346 -8.46 -2.40 39.22
C LEU C 346 -7.93 -3.72 38.66
N VAL C 347 -7.27 -3.68 37.50
CA VAL C 347 -6.63 -4.90 36.96
C VAL C 347 -5.14 -4.63 37.01
N THR C 348 -4.33 -5.59 37.44
CA THR C 348 -2.90 -5.38 37.57
C THR C 348 -2.19 -6.25 36.55
N VAL C 349 -1.19 -5.68 35.86
CA VAL C 349 -0.40 -6.45 34.91
C VAL C 349 1.06 -6.18 35.24
N THR C 350 1.99 -6.98 34.75
CA THR C 350 3.39 -6.71 35.12
C THR C 350 4.28 -7.05 33.91
N ASP C 351 5.57 -6.81 34.10
CA ASP C 351 6.59 -7.33 33.20
C ASP C 351 6.34 -7.13 31.70
N GLU C 352 6.31 -8.20 30.91
CA GLU C 352 6.10 -8.03 29.46
C GLU C 352 4.84 -7.28 29.09
N GLU C 353 3.76 -7.60 29.80
CA GLU C 353 2.51 -6.93 29.48
C GLU C 353 2.57 -5.46 29.89
N SER C 354 3.21 -5.17 31.02
CA SER C 354 3.32 -3.77 31.40
C SER C 354 4.08 -3.02 30.30
N ARG C 355 5.20 -3.56 29.82
CA ARG C 355 5.96 -2.81 28.81
C ARG C 355 5.17 -2.63 27.52
N ARG C 356 4.41 -3.65 27.18
CA ARG C 356 3.61 -3.53 25.95
C ARG C 356 2.53 -2.44 26.14
N ILE C 357 1.82 -2.55 27.25
CA ILE C 357 0.73 -1.61 27.46
C ILE C 357 1.17 -0.14 27.61
N GLU C 358 2.29 0.11 28.26
CA GLU C 358 2.76 1.48 28.41
C GLU C 358 3.01 2.09 27.04
N GLN C 359 3.34 1.24 26.07
CA GLN C 359 3.61 1.75 24.74
C GLN C 359 2.39 1.88 23.84
N GLN C 360 1.18 1.60 24.29
CA GLN C 360 0.05 1.75 23.36
C GLN C 360 -0.92 2.73 24.02
N SER C 361 -1.89 3.24 23.28
CA SER C 361 -2.76 4.27 23.87
C SER C 361 -3.71 3.71 24.88
N ASP C 362 -4.23 4.61 25.72
CA ASP C 362 -5.18 4.26 26.75
C ASP C 362 -6.44 3.67 26.11
N GLU C 363 -6.78 4.21 24.96
CA GLU C 363 -7.97 3.74 24.26
C GLU C 363 -7.80 2.30 23.82
N GLN C 364 -6.63 1.94 23.29
CA GLN C 364 -6.43 0.56 22.83
C GLN C 364 -6.44 -0.36 24.05
N THR C 365 -5.84 0.14 25.12
CA THR C 365 -5.83 -0.72 26.28
C THR C 365 -7.24 -0.92 26.78
N LYS C 366 -8.03 0.15 26.79
CA LYS C 366 -9.40 0.05 27.29
C LYS C 366 -10.17 -0.92 26.41
N ALA C 367 -9.90 -0.88 25.11
CA ALA C 367 -10.64 -1.80 24.28
C ALA C 367 -10.28 -3.27 24.51
N GLU C 368 -9.03 -3.53 24.83
CA GLU C 368 -8.62 -4.92 25.12
C GLU C 368 -9.32 -5.40 26.40
N ILE C 369 -9.31 -4.53 27.40
CA ILE C 369 -9.88 -4.88 28.70
C ILE C 369 -11.40 -5.15 28.56
N MET C 370 -12.11 -4.37 27.74
CA MET C 370 -13.56 -4.56 27.55
C MET C 370 -13.78 -5.91 26.90
N GLN C 371 -12.88 -6.36 26.02
CA GLN C 371 -13.13 -7.68 25.42
C GLN C 371 -12.97 -8.74 26.50
N VAL C 372 -11.98 -8.55 27.38
CA VAL C 372 -11.84 -9.53 28.49
C VAL C 372 -13.08 -9.56 29.44
N LEU C 373 -13.51 -8.39 29.89
CA LEU C 373 -14.63 -8.33 30.85
C LEU C 373 -15.91 -8.86 30.22
N ARG C 374 -16.09 -8.63 28.92
CA ARG C 374 -17.27 -9.20 28.27
C ARG C 374 -17.23 -10.71 28.15
N LYS C 375 -16.03 -11.31 28.09
CA LYS C 375 -15.90 -12.75 28.10
C LYS C 375 -16.07 -13.27 29.51
N MET C 376 -15.61 -12.53 30.52
CA MET C 376 -15.70 -13.01 31.92
C MET C 376 -17.14 -13.03 32.40
N PHE C 377 -17.96 -12.09 31.91
CA PHE C 377 -19.33 -11.93 32.40
C PHE C 377 -20.29 -12.01 31.21
N PRO C 378 -20.33 -13.15 30.56
CA PRO C 378 -21.18 -13.27 29.37
C PRO C 378 -22.65 -13.01 29.69
N GLY C 379 -23.08 -13.27 30.91
CA GLY C 379 -24.50 -13.02 31.20
C GLY C 379 -24.86 -11.57 31.50
N LYS C 380 -23.89 -10.68 31.49
CA LYS C 380 -24.16 -9.28 31.81
C LYS C 380 -24.01 -8.44 30.53
N ASP C 381 -24.68 -7.28 30.59
CA ASP C 381 -24.56 -6.30 29.51
C ASP C 381 -23.47 -5.41 30.08
N VAL C 382 -22.24 -5.61 29.62
CA VAL C 382 -21.13 -4.91 30.27
C VAL C 382 -20.96 -3.53 29.67
N PRO C 383 -20.98 -2.49 30.47
CA PRO C 383 -20.83 -1.17 29.85
C PRO C 383 -19.39 -0.81 29.57
N ASP C 384 -19.19 0.04 28.58
CA ASP C 384 -17.82 0.48 28.30
C ASP C 384 -17.31 1.31 29.49
N ALA C 385 -16.05 1.19 29.89
CA ALA C 385 -15.57 2.03 30.99
C ALA C 385 -15.58 3.48 30.48
N THR C 386 -15.95 4.42 31.33
CA THR C 386 -15.93 5.80 30.87
C THR C 386 -14.63 6.48 31.23
N ASP C 387 -13.72 5.80 31.92
CA ASP C 387 -12.44 6.41 32.22
C ASP C 387 -11.46 5.29 32.52
N ILE C 388 -10.18 5.49 32.26
CA ILE C 388 -9.18 4.47 32.58
C ILE C 388 -7.88 5.19 32.95
N LEU C 389 -7.10 4.61 33.84
CA LEU C 389 -5.87 5.30 34.18
C LEU C 389 -4.81 4.24 34.08
N VAL C 390 -3.84 4.47 33.19
CA VAL C 390 -2.72 3.53 33.04
C VAL C 390 -1.44 4.17 33.60
N PRO C 391 -0.91 3.82 34.77
CA PRO C 391 0.33 4.46 35.24
C PRO C 391 1.53 4.01 34.34
N ARG C 392 2.42 4.93 33.92
CA ARG C 392 3.54 4.55 33.07
C ARG C 392 4.88 4.70 33.74
N TRP C 393 5.04 3.91 34.80
CA TRP C 393 6.27 3.98 35.57
C TRP C 393 7.52 3.58 34.81
N TRP C 394 7.42 2.59 33.92
CA TRP C 394 8.63 2.16 33.22
C TRP C 394 9.04 3.23 32.23
N SER C 395 8.07 3.89 31.63
CA SER C 395 8.40 4.94 30.67
C SER C 395 8.83 6.21 31.40
N ASP C 396 8.52 6.37 32.67
CA ASP C 396 8.91 7.63 33.32
C ASP C 396 10.43 7.66 33.60
N ARG C 397 11.14 8.63 33.04
CA ARG C 397 12.58 8.65 33.27
C ARG C 397 13.07 8.76 34.70
N PHE C 398 12.24 9.18 35.63
CA PHE C 398 12.69 9.27 37.03
C PHE C 398 12.45 8.00 37.89
N TYR C 399 11.92 6.95 37.22
CA TYR C 399 11.61 5.68 37.88
C TYR C 399 12.08 4.43 37.10
N LYS C 400 11.72 4.41 35.83
CA LYS C 400 12.10 3.31 34.95
C LYS C 400 11.69 1.91 35.49
N GLY C 401 10.53 1.81 36.13
CA GLY C 401 10.07 0.53 36.70
C GLY C 401 9.35 0.82 38.01
N THR C 402 8.95 -0.18 38.80
CA THR C 402 8.23 0.05 40.06
C THR C 402 8.96 -0.48 41.27
N PHE C 403 9.72 -1.58 41.12
CA PHE C 403 10.48 -2.08 42.28
C PHE C 403 11.43 -3.18 41.83
N SER C 404 12.54 -3.33 42.54
CA SER C 404 13.57 -4.30 42.18
C SER C 404 13.09 -5.72 42.50
N ASN C 405 13.59 -6.71 41.77
CA ASN C 405 13.26 -8.11 42.04
C ASN C 405 14.60 -8.86 41.91
N TRP C 406 14.76 -9.86 42.77
CA TRP C 406 16.00 -10.64 42.84
C TRP C 406 16.02 -11.82 41.89
N PRO C 407 16.85 -11.75 40.85
CA PRO C 407 16.88 -12.84 39.89
C PRO C 407 17.86 -13.97 40.17
N VAL C 408 17.57 -15.13 39.58
CA VAL C 408 18.49 -16.24 39.80
C VAL C 408 19.79 -15.81 39.14
N GLY C 409 20.89 -16.11 39.81
CA GLY C 409 22.17 -15.75 39.24
C GLY C 409 22.84 -14.75 40.18
N VAL C 410 22.10 -13.98 40.96
CA VAL C 410 22.75 -13.00 41.82
C VAL C 410 22.80 -13.57 43.21
N ASN C 411 23.96 -13.55 43.87
CA ASN C 411 24.08 -14.03 45.25
C ASN C 411 24.14 -12.86 46.24
N ARG C 412 24.24 -13.11 47.54
CA ARG C 412 24.20 -11.97 48.44
C ARG C 412 25.35 -10.99 48.30
N TYR C 413 26.50 -11.58 48.00
CA TYR C 413 27.69 -10.79 47.89
C TYR C 413 27.45 -9.78 46.79
N GLU C 414 26.97 -10.28 45.66
CA GLU C 414 26.72 -9.33 44.59
C GLU C 414 25.58 -8.36 44.87
N TYR C 415 24.61 -8.80 45.64
CA TYR C 415 23.54 -7.86 45.93
C TYR C 415 24.12 -6.81 46.84
N ASP C 416 24.98 -7.23 47.74
CA ASP C 416 25.54 -6.22 48.63
C ASP C 416 26.38 -5.18 47.90
N GLN C 417 27.00 -5.60 46.81
CA GLN C 417 27.72 -4.65 46.00
C GLN C 417 26.83 -3.56 45.43
N LEU C 418 25.51 -3.73 45.47
CA LEU C 418 24.63 -2.70 44.98
C LEU C 418 24.56 -1.64 46.05
N ARG C 419 24.66 -2.05 47.28
CA ARG C 419 24.50 -1.08 48.35
C ARG C 419 25.85 -0.40 48.56
N ALA C 420 26.93 -1.02 48.12
CA ALA C 420 28.23 -0.45 48.46
C ALA C 420 28.60 0.93 47.92
N PRO C 421 29.19 1.80 48.73
CA PRO C 421 29.57 3.14 48.25
C PRO C 421 30.76 3.03 47.33
N VAL C 422 30.92 4.07 46.52
CA VAL C 422 32.07 4.16 45.60
C VAL C 422 32.73 5.48 46.02
N GLY C 423 33.83 5.44 46.76
CA GLY C 423 34.42 6.73 47.20
C GLY C 423 33.49 7.49 48.13
N ARG C 424 33.20 8.72 47.74
CA ARG C 424 32.27 9.55 48.54
C ARG C 424 30.84 9.51 48.00
N VAL C 425 30.59 8.62 47.05
CA VAL C 425 29.26 8.42 46.47
C VAL C 425 28.57 7.24 47.21
N TYR C 426 27.50 7.53 47.95
CA TYR C 426 26.72 6.53 48.67
C TYR C 426 25.38 6.25 47.93
N PHE C 427 24.76 5.12 48.23
CA PHE C 427 23.53 4.78 47.54
C PHE C 427 22.51 4.35 48.59
N THR C 428 21.23 4.59 48.30
CA THR C 428 20.24 4.13 49.24
C THR C 428 19.01 3.85 48.37
N GLY C 429 17.95 3.31 48.97
CA GLY C 429 16.75 3.01 48.17
C GLY C 429 16.38 1.55 48.43
N GLU C 430 15.16 1.19 48.01
CA GLU C 430 14.64 -0.15 48.28
C GLU C 430 15.59 -1.20 47.75
N HIS C 431 16.24 -0.94 46.61
CA HIS C 431 17.15 -1.96 46.06
C HIS C 431 18.44 -2.06 46.89
N THR C 432 18.56 -1.30 47.97
CA THR C 432 19.76 -1.47 48.80
C THR C 432 19.30 -2.02 50.15
N SER C 433 18.04 -2.38 50.30
CA SER C 433 17.58 -2.90 51.59
C SER C 433 18.13 -4.31 51.78
N GLU C 434 18.81 -4.54 52.89
CA GLU C 434 19.41 -5.84 53.07
C GLU C 434 18.43 -6.99 52.94
N HIS C 435 17.27 -6.85 53.58
CA HIS C 435 16.34 -7.96 53.46
C HIS C 435 14.93 -7.69 52.99
N TYR C 436 14.64 -6.44 52.66
CA TYR C 436 13.28 -6.11 52.29
C TYR C 436 13.26 -5.34 50.95
N ASN C 437 14.05 -5.78 49.97
CA ASN C 437 14.01 -5.06 48.70
C ASN C 437 12.57 -5.19 48.19
N GLY C 438 12.14 -4.15 47.48
CA GLY C 438 10.82 -4.08 46.84
C GLY C 438 9.70 -3.44 47.64
N TYR C 439 9.93 -3.10 48.91
CA TYR C 439 8.85 -2.56 49.72
C TYR C 439 9.04 -1.14 50.25
N VAL C 440 7.96 -0.57 50.78
CA VAL C 440 8.04 0.76 51.38
C VAL C 440 8.90 0.67 52.64
N HIS C 441 8.70 -0.38 53.44
CA HIS C 441 9.48 -0.52 54.67
C HIS C 441 10.97 -0.72 54.36
N GLY C 442 11.23 -1.35 53.24
CA GLY C 442 12.59 -1.58 52.78
C GLY C 442 13.21 -0.23 52.46
N ALA C 443 12.43 0.65 51.82
CA ALA C 443 12.96 1.97 51.45
C ALA C 443 13.27 2.73 52.70
N TYR C 444 12.31 2.66 53.60
CA TYR C 444 12.48 3.39 54.85
C TYR C 444 13.74 2.97 55.60
N LEU C 445 13.86 1.66 55.82
CA LEU C 445 15.02 1.15 56.57
C LEU C 445 16.34 1.31 55.80
N SER C 446 16.24 1.31 54.46
CA SER C 446 17.53 1.46 53.75
C SER C 446 18.10 2.86 53.90
N GLY C 447 17.20 3.82 54.08
CA GLY C 447 17.59 5.23 54.25
C GLY C 447 18.38 5.39 55.55
N ILE C 448 17.87 4.77 56.61
CA ILE C 448 18.56 4.83 57.87
C ILE C 448 19.89 4.08 57.78
N ASP C 449 19.85 2.90 57.17
CA ASP C 449 21.08 2.12 57.11
C ASP C 449 22.15 2.83 56.33
N SER C 450 21.77 3.35 55.16
CA SER C 450 22.74 4.05 54.34
C SER C 450 23.28 5.26 55.07
N ALA C 451 22.38 5.97 55.75
CA ALA C 451 22.82 7.19 56.44
C ALA C 451 23.82 6.83 57.52
N GLU C 452 23.55 5.75 58.23
CA GLU C 452 24.46 5.41 59.32
C GLU C 452 25.83 5.04 58.83
N ILE C 453 25.88 4.43 57.66
CA ILE C 453 27.20 4.07 57.15
C ILE C 453 27.92 5.36 56.77
N LEU C 454 27.22 6.32 56.20
CA LEU C 454 27.89 7.56 55.85
C LEU C 454 28.30 8.28 57.15
N ILE C 455 27.45 8.29 58.16
CA ILE C 455 27.80 8.95 59.40
C ILE C 455 29.04 8.33 60.03
N ASN C 456 29.19 7.01 59.99
CA ASN C 456 30.39 6.46 60.60
C ASN C 456 31.65 6.86 59.87
N CYS C 457 31.54 6.88 58.55
CA CYS C 457 32.69 7.26 57.72
C CYS C 457 33.00 8.74 57.93
N ALA C 458 32.02 9.60 57.71
CA ALA C 458 32.28 11.01 57.86
C ALA C 458 32.51 11.56 59.26
N GLN C 459 31.80 11.06 60.26
CA GLN C 459 31.94 11.60 61.60
C GLN C 459 32.99 10.92 62.45
N LYS C 460 32.95 9.60 62.40
CA LYS C 460 33.87 8.79 63.17
C LYS C 460 35.12 8.34 62.42
N LYS C 461 35.21 8.66 61.13
CA LYS C 461 36.34 8.30 60.28
C LYS C 461 36.53 6.80 60.22
N MET C 462 35.46 6.06 60.49
CA MET C 462 35.50 4.60 60.40
C MET C 462 34.66 4.17 59.21
N CYS C 463 35.27 4.03 58.03
CA CYS C 463 34.57 3.70 56.79
C CYS C 463 34.53 2.19 56.65
N LYS C 464 33.41 1.58 57.04
CA LYS C 464 33.29 0.13 56.99
C LYS C 464 33.62 -0.43 55.63
N TYR C 465 34.50 -1.41 55.64
CA TYR C 465 34.98 -1.98 54.38
C TYR C 465 34.02 -2.97 53.78
N HIS C 466 33.55 -3.98 54.51
CA HIS C 466 32.50 -4.80 53.91
C HIS C 466 31.12 -4.32 54.31
#